data_5M4O
#
_entry.id   5M4O
#
_cell.length_a   88.992
_cell.length_b   125.982
_cell.length_c   92.331
_cell.angle_alpha   90.000
_cell.angle_beta   105.140
_cell.angle_gamma   90.000
#
_symmetry.space_group_name_H-M   'P 1 21 1'
#
loop_
_entity.id
_entity.type
_entity.pdbx_description
1 polymer 'Hydroquinone dioxygenase small subunit'
2 polymer 'Hydroquinone dioxygenase large subunit'
3 non-polymer 'FE (III) ION'
4 non-polymer P-NITROPHENOL
5 water water
#
loop_
_entity_poly.entity_id
_entity_poly.type
_entity_poly.pdbx_seq_one_letter_code
_entity_poly.pdbx_strand_id
1 'polypeptide(L)'
;MADVVTEFGALTDYRKGGVEIIDDDPRNYVFSNVFEVAANAAPYERVAVGKNFEYVIESARAEGTSGWFSCAHDEFVLAM
DGQIEVHLLKLDNSDAYVDPDSEGAVAIGEALPEGRKMGRIVLRRGHMALLPVGAAYRFYAEQPAAMLFQSIEGAVTVQK
WGEICQTEAA
;
A,C,E,G
2 'polypeptide(L)'
;MAMSEALEIIDFGDSKARTDTEHLAINNETGYRSFRAGGFTFTRDEYFARLTWPGGSHIIPIDAFLRAMMRDVAWGFFYG
VVNFDHVFGTINHYGEVTMFAGRFNDAYRNAGRDHEERFKSSALMAVFKDILSDWTVEGYDPFAAPMETGLPWGIKNGNN
DEAISRQRVTARRMVGLPGDTPVRTDANGFPVNRQFADVPQEQPVVEAEPGFEAEVSAYNLFGYLSRSDVTWNPSVCSVV
GDSLFCPTSEEFILPVEHGNDRCEWFLQLSDEIVWDVKDKESGKPRARVTARAGDICCMPADIRHQGYSTKRSMLLVWEN
GSPKIPQMIADGTAPVVPVTF
;
B,D,F,H
#
loop_
_chem_comp.id
_chem_comp.type
_chem_comp.name
_chem_comp.formula
FE non-polymer 'FE (III) ION' 'Fe 3'
NPO non-polymer P-NITROPHENOL 'C6 H5 N O3'
#
# COMPACT_ATOMS: atom_id res chain seq x y z
N ASP A 3 -17.27 0.88 -35.90
CA ASP A 3 -15.90 0.74 -35.34
C ASP A 3 -15.20 2.10 -35.19
N VAL A 4 -14.75 2.38 -33.97
CA VAL A 4 -14.03 3.61 -33.66
C VAL A 4 -12.64 3.66 -34.34
N VAL A 5 -12.38 4.74 -35.08
CA VAL A 5 -11.07 4.99 -35.68
C VAL A 5 -10.46 6.30 -35.14
N THR A 6 -9.38 6.17 -34.37
CA THR A 6 -8.64 7.33 -33.87
C THR A 6 -7.56 7.72 -34.89
N GLU A 7 -7.59 8.96 -35.34
CA GLU A 7 -6.78 9.37 -36.47
C GLU A 7 -5.44 9.96 -36.05
N PHE A 8 -4.35 9.25 -36.30
CA PHE A 8 -2.99 9.77 -36.02
C PHE A 8 -2.22 10.16 -37.29
N GLY A 9 -1.36 11.16 -37.19
CA GLY A 9 -0.48 11.54 -38.30
C GLY A 9 0.79 10.72 -38.46
N ALA A 10 1.42 10.83 -39.63
CA ALA A 10 2.68 10.15 -39.95
C ALA A 10 3.45 10.97 -40.97
N LEU A 11 4.75 10.69 -41.11
CA LEU A 11 5.63 11.43 -42.04
C LEU A 11 5.08 11.53 -43.45
N THR A 12 4.58 10.42 -43.99
CA THR A 12 4.06 10.36 -45.36
C THR A 12 2.53 10.41 -45.42
N ASP A 13 1.89 10.70 -44.29
CA ASP A 13 0.44 10.71 -44.22
C ASP A 13 -0.12 11.66 -43.15
N TYR A 14 -0.23 12.93 -43.51
CA TYR A 14 -0.83 13.93 -42.63
C TYR A 14 -1.73 14.84 -43.45
N ARG A 15 -2.55 15.65 -42.78
CA ARG A 15 -3.42 16.57 -43.48
C ARG A 15 -3.57 17.91 -42.74
N LYS A 16 -2.74 18.87 -43.11
CA LYS A 16 -2.76 20.21 -42.52
C LYS A 16 -4.13 20.85 -42.49
N GLY A 17 -4.50 21.39 -41.34
CA GLY A 17 -5.62 22.33 -41.26
C GLY A 17 -5.03 23.70 -41.48
N GLY A 18 -5.57 24.70 -40.77
CA GLY A 18 -5.05 26.04 -40.89
C GLY A 18 -5.92 27.08 -40.25
N VAL A 19 -5.51 28.34 -40.40
CA VAL A 19 -6.20 29.49 -39.84
C VAL A 19 -7.17 30.07 -40.87
N GLU A 20 -8.45 30.13 -40.52
CA GLU A 20 -9.48 30.79 -41.33
C GLU A 20 -9.64 32.18 -40.72
N ILE A 21 -9.65 33.21 -41.54
CA ILE A 21 -9.59 34.57 -41.01
C ILE A 21 -10.94 35.30 -41.06
N ILE A 22 -11.22 36.04 -39.99
CA ILE A 22 -12.35 36.96 -39.94
C ILE A 22 -11.80 38.39 -39.84
N ASP A 23 -10.95 38.66 -38.86
CA ASP A 23 -10.24 39.95 -38.77
C ASP A 23 -8.97 39.76 -37.96
N ASP A 24 -7.93 39.27 -38.65
CA ASP A 24 -6.67 38.90 -38.02
C ASP A 24 -5.60 38.72 -39.10
N ASP A 25 -4.39 38.38 -38.67
CA ASP A 25 -3.26 38.04 -39.53
C ASP A 25 -2.94 36.59 -39.22
N PRO A 26 -3.00 35.71 -40.22
CA PRO A 26 -2.74 34.30 -39.91
C PRO A 26 -1.35 34.05 -39.30
N ARG A 27 -0.44 35.01 -39.46
CA ARG A 27 0.93 34.87 -38.97
C ARG A 27 0.98 34.84 -37.43
N ASN A 28 -0.04 35.44 -36.81
CA ASN A 28 -0.16 35.49 -35.36
C ASN A 28 -0.26 34.11 -34.71
N TYR A 29 -0.71 33.12 -35.46
CA TYR A 29 -0.98 31.80 -34.92
C TYR A 29 0.13 30.79 -35.17
N VAL A 30 1.17 31.24 -35.88
CA VAL A 30 2.44 30.47 -36.01
C VAL A 30 2.14 29.00 -36.29
N PHE A 31 1.33 28.78 -37.32
CA PHE A 31 0.73 27.49 -37.62
C PHE A 31 1.61 26.68 -38.58
N SER A 32 2.01 25.49 -38.14
CA SER A 32 2.76 24.54 -38.97
C SER A 32 2.29 23.13 -38.63
N ASN A 33 2.77 22.13 -39.36
CA ASN A 33 2.50 20.73 -39.03
C ASN A 33 3.82 20.03 -38.81
N VAL A 34 3.98 19.38 -37.66
CA VAL A 34 5.27 18.83 -37.26
C VAL A 34 5.78 17.71 -38.18
N PHE A 35 4.85 17.00 -38.81
CA PHE A 35 5.21 15.94 -39.76
C PHE A 35 5.81 16.51 -41.05
N GLU A 36 5.22 17.61 -41.53
CA GLU A 36 5.73 18.32 -42.68
C GLU A 36 7.13 18.87 -42.42
N VAL A 37 7.31 19.50 -41.25
CA VAL A 37 8.59 20.08 -40.85
C VAL A 37 9.67 19.01 -40.83
N ALA A 38 9.37 17.89 -40.16
CA ALA A 38 10.28 16.74 -40.09
C ALA A 38 10.63 16.17 -41.46
N ALA A 39 9.64 16.13 -42.35
CA ALA A 39 9.80 15.53 -43.67
C ALA A 39 10.78 16.29 -44.56
N ASN A 40 10.85 17.60 -44.37
CA ASN A 40 11.69 18.47 -45.20
C ASN A 40 13.08 18.73 -44.64
N ALA A 41 13.39 18.14 -43.50
CA ALA A 41 14.63 18.46 -42.80
C ALA A 41 15.69 17.37 -42.92
N ALA A 42 16.94 17.74 -42.63
CA ALA A 42 18.04 16.80 -42.57
C ALA A 42 17.82 15.82 -41.41
N PRO A 43 18.25 14.55 -41.55
CA PRO A 43 18.03 13.60 -40.44
C PRO A 43 18.60 14.15 -39.13
N TYR A 44 17.80 14.11 -38.06
CA TYR A 44 18.18 14.60 -36.71
C TYR A 44 18.40 16.10 -36.53
N GLU A 45 18.07 16.88 -37.57
CA GLU A 45 18.00 18.35 -37.50
C GLU A 45 16.80 18.76 -36.64
N ARG A 46 17.05 19.56 -35.60
CA ARG A 46 16.00 19.87 -34.63
C ARG A 46 15.41 21.26 -34.88
N VAL A 47 14.27 21.27 -35.57
CA VAL A 47 13.63 22.51 -35.97
C VAL A 47 12.58 22.93 -34.94
N ALA A 48 12.72 24.15 -34.44
CA ALA A 48 11.76 24.73 -33.53
C ALA A 48 10.40 24.85 -34.21
N VAL A 49 9.38 24.23 -33.61
CA VAL A 49 7.99 24.34 -34.07
C VAL A 49 7.14 25.10 -33.06
N GLY A 50 7.70 25.31 -31.87
CA GLY A 50 7.06 26.10 -30.84
C GLY A 50 8.11 26.77 -29.99
N LYS A 51 7.82 27.99 -29.55
CA LYS A 51 8.76 28.71 -28.72
C LYS A 51 7.97 29.57 -27.78
N ASN A 52 8.32 29.53 -26.50
CA ASN A 52 7.77 30.43 -25.53
C ASN A 52 8.90 30.88 -24.63
N PHE A 53 9.23 32.18 -24.70
CA PHE A 53 10.48 32.71 -24.13
C PHE A 53 11.65 31.80 -24.55
N GLU A 54 12.43 31.30 -23.58
CA GLU A 54 13.57 30.45 -23.91
C GLU A 54 13.19 29.00 -24.27
N TYR A 55 12.01 28.56 -23.84
CA TYR A 55 11.62 27.15 -24.03
C TYR A 55 11.18 26.92 -25.47
N VAL A 56 11.33 25.68 -25.94
CA VAL A 56 10.96 25.30 -27.29
C VAL A 56 10.37 23.90 -27.34
N ILE A 57 9.59 23.65 -28.39
CA ILE A 57 9.31 22.30 -28.87
C ILE A 57 10.01 22.19 -30.22
N GLU A 58 10.79 21.13 -30.40
CA GLU A 58 11.50 20.87 -31.65
C GLU A 58 10.97 19.63 -32.36
N SER A 59 10.98 19.66 -33.69
CA SER A 59 10.56 18.51 -34.46
C SER A 59 11.73 17.97 -35.27
N ALA A 60 11.78 16.65 -35.44
CA ALA A 60 12.91 16.03 -36.11
C ALA A 60 12.55 14.72 -36.76
N ARG A 61 13.19 14.41 -37.88
CA ARG A 61 13.09 13.09 -38.48
C ARG A 61 14.29 12.27 -38.03
N ALA A 62 14.00 11.13 -37.43
CA ALA A 62 15.00 10.15 -37.03
C ALA A 62 15.23 9.23 -38.21
N GLU A 63 16.49 9.15 -38.65
CA GLU A 63 16.86 8.30 -39.79
C GLU A 63 18.32 7.92 -39.71
N GLY A 64 18.60 6.62 -39.65
CA GLY A 64 19.95 6.12 -39.42
C GLY A 64 20.32 6.31 -37.94
N THR A 65 21.58 6.60 -37.67
CA THR A 65 22.04 6.78 -36.30
C THR A 65 22.49 8.22 -36.11
N SER A 66 22.04 8.83 -35.02
CA SER A 66 22.41 10.21 -34.68
C SER A 66 23.82 10.27 -34.09
N GLY A 67 24.36 11.49 -33.96
CA GLY A 67 25.51 11.71 -33.09
C GLY A 67 25.04 11.77 -31.65
N TRP A 68 25.97 11.92 -30.71
CA TRP A 68 25.62 12.00 -29.30
C TRP A 68 25.17 13.42 -28.91
N PHE A 69 24.21 13.46 -27.99
CA PHE A 69 23.75 14.71 -27.41
C PHE A 69 23.85 14.63 -25.88
N SER A 70 23.97 15.80 -25.25
CA SER A 70 23.81 15.95 -23.81
C SER A 70 23.32 17.36 -23.48
N CYS A 71 22.78 17.53 -22.27
CA CYS A 71 22.16 18.79 -21.92
C CYS A 71 22.41 19.12 -20.45
N ALA A 72 22.46 20.41 -20.15
CA ALA A 72 22.64 20.91 -18.79
C ALA A 72 21.34 20.91 -17.97
N HIS A 73 20.23 20.52 -18.60
CA HIS A 73 18.93 20.33 -17.94
C HIS A 73 18.24 19.10 -18.52
N ASP A 74 17.13 18.68 -17.90
CA ASP A 74 16.30 17.58 -18.43
C ASP A 74 15.71 17.91 -19.80
N GLU A 75 15.45 16.88 -20.60
CA GLU A 75 14.71 17.05 -21.82
C GLU A 75 13.80 15.86 -21.92
N PHE A 76 12.80 15.96 -22.79
CA PHE A 76 11.88 14.87 -23.09
C PHE A 76 11.73 14.77 -24.58
N VAL A 77 11.60 13.52 -25.05
CA VAL A 77 11.39 13.22 -26.45
C VAL A 77 10.09 12.41 -26.57
N LEU A 78 9.25 12.80 -27.53
CA LEU A 78 8.03 12.08 -27.84
C LEU A 78 8.09 11.57 -29.27
N ALA A 79 8.04 10.25 -29.41
CA ALA A 79 8.00 9.63 -30.70
C ALA A 79 6.62 9.87 -31.31
N MET A 80 6.59 10.32 -32.57
CA MET A 80 5.31 10.68 -33.21
C MET A 80 4.88 9.75 -34.34
N ASP A 81 5.77 8.90 -34.83
CA ASP A 81 5.45 8.18 -36.05
C ASP A 81 5.91 6.72 -36.09
N GLY A 82 7.20 6.51 -36.32
CA GLY A 82 7.75 5.15 -36.45
C GLY A 82 8.47 4.71 -35.20
N GLN A 83 9.39 3.76 -35.34
CA GLN A 83 10.13 3.19 -34.21
C GLN A 83 11.49 3.85 -34.02
N ILE A 84 11.76 4.33 -32.81
CA ILE A 84 13.03 5.03 -32.53
C ILE A 84 13.71 4.44 -31.31
N GLU A 85 14.96 4.03 -31.49
CA GLU A 85 15.75 3.48 -30.41
C GLU A 85 16.53 4.58 -29.72
N VAL A 86 16.50 4.58 -28.38
CA VAL A 86 17.28 5.56 -27.59
C VAL A 86 18.38 4.86 -26.77
N HIS A 87 19.61 5.35 -26.91
CA HIS A 87 20.72 4.83 -26.15
C HIS A 87 21.18 5.85 -25.12
N LEU A 88 21.33 5.37 -23.88
CA LEU A 88 21.68 6.24 -22.77
C LEU A 88 23.02 5.86 -22.17
N LEU A 89 23.85 6.87 -21.97
CA LEU A 89 25.20 6.72 -21.45
C LEU A 89 25.43 7.73 -20.33
N LYS A 90 25.82 7.23 -19.16
CA LYS A 90 26.13 8.09 -18.02
C LYS A 90 27.53 8.67 -18.18
N LEU A 91 27.62 9.99 -18.36
CA LEU A 91 28.92 10.63 -18.58
C LEU A 91 29.81 10.61 -17.34
N ASP A 92 31.09 10.27 -17.53
CA ASP A 92 32.09 10.33 -16.45
C ASP A 92 32.30 11.77 -16.00
N ASN A 93 32.51 12.68 -16.96
CA ASN A 93 32.68 14.11 -16.69
C ASN A 93 31.77 14.87 -17.63
N SER A 94 30.55 15.11 -17.21
CA SER A 94 29.57 15.68 -18.13
C SER A 94 29.91 17.13 -18.42
N ASP A 95 30.62 17.77 -17.49
CA ASP A 95 31.07 19.15 -17.66
C ASP A 95 32.17 19.30 -18.72
N ALA A 96 32.74 18.17 -19.16
CA ALA A 96 33.73 18.17 -20.22
C ALA A 96 33.06 18.34 -21.58
N TYR A 97 31.77 18.00 -21.66
CA TYR A 97 31.05 18.03 -22.92
C TYR A 97 30.01 19.11 -22.98
N VAL A 98 29.44 19.44 -21.83
CA VAL A 98 28.40 20.43 -21.73
C VAL A 98 28.80 21.49 -20.73
N ASP A 99 28.80 22.74 -21.19
CA ASP A 99 28.92 23.89 -20.30
C ASP A 99 27.73 23.83 -19.33
N PRO A 100 28.00 23.81 -18.01
CA PRO A 100 26.90 23.74 -17.03
C PRO A 100 25.99 24.97 -17.06
N ASP A 101 26.52 26.09 -17.56
CA ASP A 101 25.76 27.35 -17.68
C ASP A 101 24.92 27.44 -18.98
N SER A 102 25.17 26.53 -19.92
CA SER A 102 24.45 26.51 -21.19
C SER A 102 23.01 25.98 -21.06
N GLU A 103 22.20 26.21 -22.10
CA GLU A 103 20.84 25.71 -22.17
C GLU A 103 20.61 25.05 -23.52
N GLY A 104 19.62 24.18 -23.59
CA GLY A 104 19.28 23.45 -24.82
C GLY A 104 20.29 22.37 -25.11
N ALA A 105 19.97 21.44 -26.01
CA ALA A 105 20.87 20.33 -26.28
C ALA A 105 22.17 20.81 -26.94
N VAL A 106 23.24 20.05 -26.70
CA VAL A 106 24.55 20.30 -27.28
C VAL A 106 24.93 19.08 -28.08
N ALA A 107 25.40 19.30 -29.31
CA ALA A 107 25.91 18.23 -30.16
C ALA A 107 27.34 17.94 -29.70
N ILE A 108 27.57 16.75 -29.15
CA ILE A 108 28.86 16.46 -28.49
C ILE A 108 29.72 15.47 -29.27
N GLY A 109 29.37 15.29 -30.54
CA GLY A 109 30.23 14.55 -31.46
C GLY A 109 29.69 13.18 -31.75
N GLU A 110 30.10 12.64 -32.89
CA GLU A 110 29.77 11.28 -33.31
C GLU A 110 30.57 10.22 -32.54
N ALA A 111 31.80 10.55 -32.10
CA ALA A 111 32.64 9.63 -31.31
C ALA A 111 32.02 9.30 -29.94
N LEU A 112 32.16 8.05 -29.52
CA LEU A 112 31.64 7.55 -28.25
C LEU A 112 32.23 8.31 -27.06
N PRO A 113 31.37 9.01 -26.30
CA PRO A 113 31.95 9.68 -25.14
C PRO A 113 32.26 8.69 -24.02
N GLU A 114 33.07 9.15 -23.07
CA GLU A 114 33.51 8.30 -21.97
C GLU A 114 32.46 8.26 -20.88
N GLY A 115 32.00 7.06 -20.58
CA GLY A 115 31.03 6.85 -19.51
C GLY A 115 30.47 5.45 -19.49
N ARG A 116 29.50 5.21 -18.62
CA ARG A 116 28.91 3.87 -18.44
C ARG A 116 27.57 3.76 -19.13
N LYS A 117 27.25 2.55 -19.56
CA LYS A 117 25.96 2.28 -20.18
C LYS A 117 24.85 2.38 -19.13
N MET A 118 23.83 3.20 -19.41
CA MET A 118 22.66 3.33 -18.53
C MET A 118 21.54 2.43 -18.99
N GLY A 119 21.34 2.39 -20.30
CA GLY A 119 20.33 1.52 -20.85
C GLY A 119 19.89 1.91 -22.23
N ARG A 120 18.83 1.23 -22.64
CA ARG A 120 18.29 1.30 -23.99
C ARG A 120 16.76 1.47 -23.93
N ILE A 121 16.23 2.35 -24.77
CA ILE A 121 14.77 2.52 -24.88
C ILE A 121 14.31 2.38 -26.34
N VAL A 122 13.27 1.58 -26.54
CA VAL A 122 12.60 1.49 -27.84
C VAL A 122 11.22 2.17 -27.80
N LEU A 123 11.12 3.33 -28.44
CA LEU A 123 9.88 4.08 -28.53
C LEU A 123 9.10 3.78 -29.82
N ARG A 124 7.77 3.64 -29.71
CA ARG A 124 6.88 3.62 -30.88
C ARG A 124 6.08 4.92 -30.85
N ARG A 125 5.16 5.11 -31.80
CA ARG A 125 4.33 6.32 -31.84
C ARG A 125 3.58 6.53 -30.51
N GLY A 126 3.66 7.75 -30.00
CA GLY A 126 2.98 8.11 -28.75
C GLY A 126 3.71 7.75 -27.46
N HIS A 127 4.95 7.26 -27.58
CA HIS A 127 5.76 6.96 -26.40
C HIS A 127 6.69 8.13 -26.06
N MET A 128 6.75 8.50 -24.78
CA MET A 128 7.64 9.57 -24.32
C MET A 128 8.71 8.97 -23.43
N ALA A 129 9.96 9.39 -23.65
CA ALA A 129 11.06 9.01 -22.78
C ALA A 129 11.70 10.24 -22.13
N LEU A 130 12.27 10.03 -20.94
CA LEU A 130 13.05 11.07 -20.26
C LEU A 130 14.46 11.11 -20.83
N LEU A 131 15.01 12.30 -20.93
CA LEU A 131 16.42 12.44 -21.27
C LEU A 131 17.07 13.21 -20.13
N PRO A 132 17.67 12.48 -19.17
CA PRO A 132 18.05 13.12 -17.91
C PRO A 132 19.34 13.92 -18.02
N VAL A 133 19.39 15.07 -17.35
CA VAL A 133 20.62 15.84 -17.21
C VAL A 133 21.75 14.92 -16.74
N GLY A 134 22.94 15.10 -17.31
CA GLY A 134 24.11 14.26 -16.96
C GLY A 134 24.24 13.00 -17.82
N ALA A 135 23.23 12.69 -18.60
CA ALA A 135 23.32 11.58 -19.54
C ALA A 135 23.71 12.10 -20.93
N ALA A 136 24.36 11.26 -21.71
CA ALA A 136 24.48 11.48 -23.13
C ALA A 136 23.49 10.53 -23.81
N TYR A 137 22.87 11.00 -24.90
CA TYR A 137 21.88 10.19 -25.60
C TYR A 137 22.08 10.16 -27.12
N ARG A 138 21.71 9.04 -27.72
CA ARG A 138 21.62 9.00 -29.17
C ARG A 138 20.54 8.04 -29.67
N PHE A 139 20.13 8.26 -30.93
CA PHE A 139 18.97 7.59 -31.50
C PHE A 139 19.36 6.74 -32.68
N TYR A 140 18.61 5.66 -32.87
CA TYR A 140 18.71 4.85 -34.06
C TYR A 140 17.32 4.51 -34.61
N ALA A 141 17.08 4.89 -35.86
CA ALA A 141 15.83 4.53 -36.54
C ALA A 141 16.11 3.82 -37.86
N GLU A 142 15.54 2.61 -38.03
CA GLU A 142 15.71 1.81 -39.25
C GLU A 142 15.03 2.50 -40.44
N GLN A 143 13.75 2.81 -40.29
CA GLN A 143 13.00 3.59 -41.28
C GLN A 143 12.80 5.01 -40.76
N PRO A 144 12.59 5.98 -41.67
CA PRO A 144 12.31 7.33 -41.19
C PRO A 144 11.13 7.33 -40.21
N ALA A 145 11.27 8.11 -39.13
CA ALA A 145 10.27 8.26 -38.09
C ALA A 145 10.31 9.70 -37.62
N ALA A 146 9.22 10.18 -37.05
CA ALA A 146 9.17 11.56 -36.55
C ALA A 146 9.21 11.60 -35.02
N MET A 147 9.75 12.69 -34.47
CA MET A 147 9.84 12.84 -33.01
C MET A 147 9.82 14.30 -32.59
N LEU A 148 9.43 14.57 -31.34
CA LEU A 148 9.43 15.95 -30.84
C LEU A 148 10.25 16.08 -29.57
N PHE A 149 10.85 17.26 -29.36
CA PHE A 149 11.63 17.53 -28.16
C PHE A 149 11.00 18.65 -27.33
N GLN A 150 10.76 18.38 -26.04
CA GLN A 150 10.51 19.44 -25.08
C GLN A 150 11.87 19.88 -24.56
N SER A 151 12.33 21.08 -24.94
CA SER A 151 13.66 21.52 -24.52
C SER A 151 13.78 23.04 -24.38
N ILE A 152 15.01 23.56 -24.42
CA ILE A 152 15.27 25.00 -24.44
C ILE A 152 16.08 25.36 -25.72
N GLU A 153 15.87 26.57 -26.25
CA GLU A 153 16.58 26.98 -27.46
C GLU A 153 18.08 26.99 -27.13
N GLY A 154 18.88 26.39 -28.00
CA GLY A 154 20.32 26.33 -27.80
C GLY A 154 21.08 26.05 -29.09
N ALA A 155 22.27 25.49 -28.95
CA ALA A 155 23.19 25.30 -30.08
C ALA A 155 22.64 24.38 -31.19
N VAL A 156 21.66 23.53 -30.87
CA VAL A 156 21.10 22.59 -31.84
C VAL A 156 19.79 23.09 -32.46
N THR A 157 19.24 24.18 -31.93
CA THR A 157 17.90 24.62 -32.31
C THR A 157 17.90 25.38 -33.65
N VAL A 158 17.28 24.80 -34.67
CA VAL A 158 17.14 25.47 -35.97
C VAL A 158 15.80 26.24 -36.09
N GLN A 159 15.89 27.55 -36.25
CA GLN A 159 14.70 28.39 -36.45
C GLN A 159 14.46 28.80 -37.91
N LYS A 160 13.27 28.52 -38.42
CA LYS A 160 12.90 28.89 -39.79
C LYS A 160 11.40 29.13 -39.95
N TRP A 161 10.91 30.11 -39.20
CA TRP A 161 9.49 30.36 -39.06
C TRP A 161 8.80 30.71 -40.39
N GLY A 162 9.32 31.70 -41.09
CA GLY A 162 8.79 32.11 -42.41
C GLY A 162 8.63 30.98 -43.41
N GLU A 163 9.40 29.92 -43.24
CA GLU A 163 9.47 28.81 -44.18
C GLU A 163 8.54 27.64 -43.85
N ILE A 164 8.14 27.51 -42.59
CA ILE A 164 7.28 26.39 -42.18
C ILE A 164 5.85 26.79 -41.81
N CYS A 165 5.66 28.06 -41.45
CA CYS A 165 4.37 28.55 -40.96
C CYS A 165 3.44 29.12 -42.05
N GLN A 166 2.14 28.97 -41.84
CA GLN A 166 1.15 29.57 -42.73
C GLN A 166 1.24 31.12 -42.70
N THR A 167 1.27 31.74 -43.87
CA THR A 167 1.23 33.21 -43.98
C THR A 167 -0.02 33.61 -44.73
N GLU A 168 -0.68 32.61 -45.31
CA GLU A 168 -1.90 32.77 -46.13
C GLU A 168 -1.87 34.01 -47.03
N ALA B 17 -8.75 42.84 -0.63
CA ALA B 17 -9.43 41.73 -1.35
C ALA B 17 -10.38 40.96 -0.42
N ARG B 18 -11.64 40.91 -0.84
CA ARG B 18 -12.76 40.37 -0.08
C ARG B 18 -12.65 38.90 0.38
N THR B 19 -13.40 38.60 1.43
CA THR B 19 -13.40 37.26 2.01
C THR B 19 -14.81 36.83 2.41
N ASP B 20 -15.76 37.75 2.29
CA ASP B 20 -17.11 37.55 2.79
C ASP B 20 -17.99 36.74 1.83
N THR B 21 -18.25 35.47 2.19
CA THR B 21 -19.16 34.63 1.44
C THR B 21 -20.18 34.03 2.39
N GLU B 22 -21.23 33.42 1.85
CA GLU B 22 -22.36 33.02 2.67
C GLU B 22 -23.25 31.95 2.03
N HIS B 23 -23.65 30.98 2.83
CA HIS B 23 -24.72 30.04 2.50
C HIS B 23 -26.06 30.68 2.83
N LEU B 24 -26.93 30.78 1.84
CA LEU B 24 -28.29 31.29 2.05
C LEU B 24 -29.27 30.11 2.17
N ALA B 25 -30.55 30.38 1.98
CA ALA B 25 -31.61 29.40 2.26
C ALA B 25 -31.70 28.27 1.24
N ILE B 26 -32.11 27.08 1.67
CA ILE B 26 -32.52 26.05 0.72
C ILE B 26 -33.91 26.45 0.27
N ASN B 27 -34.08 26.62 -1.03
CA ASN B 27 -35.38 26.93 -1.57
C ASN B 27 -36.33 25.76 -1.40
N ASN B 28 -37.51 26.08 -0.90
CA ASN B 28 -38.55 25.11 -0.57
C ASN B 28 -39.01 24.30 -1.78
N GLU B 29 -39.12 24.95 -2.94
CA GLU B 29 -39.67 24.28 -4.12
C GLU B 29 -38.61 23.58 -4.97
N THR B 30 -37.47 24.24 -5.19
CA THR B 30 -36.43 23.67 -6.06
C THR B 30 -35.52 22.66 -5.35
N GLY B 31 -35.33 22.87 -4.04
CA GLY B 31 -34.48 22.00 -3.23
C GLY B 31 -33.01 22.41 -3.19
N TYR B 32 -32.66 23.42 -3.98
CA TYR B 32 -31.28 23.91 -4.10
C TYR B 32 -31.02 25.03 -3.12
N ARG B 33 -29.75 25.16 -2.73
CA ARG B 33 -29.28 26.25 -1.90
C ARG B 33 -28.85 27.44 -2.76
N SER B 34 -29.08 28.62 -2.23
CA SER B 34 -28.65 29.82 -2.89
C SER B 34 -27.36 30.28 -2.18
N PHE B 35 -26.47 30.98 -2.90
CA PHE B 35 -25.15 31.38 -2.35
C PHE B 35 -24.78 32.85 -2.62
N ARG B 36 -23.94 33.41 -1.74
CA ARG B 36 -23.45 34.77 -1.92
C ARG B 36 -21.92 34.80 -1.85
N ALA B 37 -21.31 35.65 -2.66
CA ALA B 37 -19.89 35.95 -2.54
C ALA B 37 -19.74 37.45 -2.78
N GLY B 38 -19.34 38.20 -1.76
CA GLY B 38 -19.27 39.66 -1.86
C GLY B 38 -20.62 40.20 -2.31
N GLY B 39 -20.63 40.97 -3.40
CA GLY B 39 -21.88 41.48 -3.98
C GLY B 39 -22.61 40.54 -4.94
N PHE B 40 -21.99 39.42 -5.29
CA PHE B 40 -22.59 38.48 -6.25
C PHE B 40 -23.51 37.46 -5.58
N THR B 41 -24.59 37.12 -6.27
CA THR B 41 -25.55 36.13 -5.78
C THR B 41 -25.72 35.00 -6.79
N PHE B 42 -25.82 33.77 -6.29
CA PHE B 42 -25.96 32.57 -7.12
C PHE B 42 -27.20 31.77 -6.72
N THR B 43 -28.07 31.51 -7.69
CA THR B 43 -29.29 30.72 -7.51
C THR B 43 -29.47 29.88 -8.76
N ARG B 44 -29.88 28.62 -8.59
CA ARG B 44 -30.32 27.82 -9.74
C ARG B 44 -31.74 27.34 -9.58
N ASP B 45 -32.41 27.15 -10.71
CA ASP B 45 -33.74 26.55 -10.75
C ASP B 45 -33.67 25.32 -11.65
N GLU B 46 -34.82 24.90 -12.16
CA GLU B 46 -34.94 23.68 -12.98
C GLU B 46 -34.07 23.73 -14.25
N TYR B 47 -33.80 24.93 -14.75
CA TYR B 47 -33.13 25.08 -16.04
C TYR B 47 -31.90 25.99 -16.01
N PHE B 48 -31.85 26.92 -15.07
CA PHE B 48 -30.94 28.06 -15.17
C PHE B 48 -30.04 28.32 -13.96
N ALA B 49 -28.87 28.92 -14.22
CA ALA B 49 -28.10 29.53 -13.16
C ALA B 49 -28.39 31.01 -13.22
N ARG B 50 -28.83 31.58 -12.11
CA ARG B 50 -29.23 33.00 -12.04
C ARG B 50 -28.23 33.79 -11.23
N LEU B 51 -27.56 34.74 -11.88
CA LEU B 51 -26.51 35.52 -11.23
C LEU B 51 -27.01 36.93 -11.03
N THR B 52 -26.73 37.52 -9.88
CA THR B 52 -26.97 38.96 -9.66
C THR B 52 -25.75 39.62 -9.05
N TRP B 53 -25.64 40.93 -9.24
CA TRP B 53 -24.58 41.74 -8.64
C TRP B 53 -25.14 43.17 -8.49
N PRO B 54 -24.42 44.08 -7.79
CA PRO B 54 -25.00 45.43 -7.69
C PRO B 54 -25.14 46.08 -9.06
N GLY B 55 -26.38 46.35 -9.47
CA GLY B 55 -26.63 46.95 -10.78
C GLY B 55 -27.07 46.03 -11.92
N GLY B 56 -27.05 44.70 -11.74
CA GLY B 56 -27.41 43.81 -12.85
C GLY B 56 -27.68 42.34 -12.55
N SER B 57 -28.00 41.60 -13.62
CA SER B 57 -28.37 40.18 -13.54
C SER B 57 -28.01 39.51 -14.83
N HIS B 58 -27.96 38.18 -14.79
CA HIS B 58 -27.60 37.38 -15.94
C HIS B 58 -28.11 35.96 -15.75
N ILE B 59 -28.34 35.26 -16.85
CA ILE B 59 -28.79 33.88 -16.82
C ILE B 59 -27.86 33.08 -17.72
N ILE B 60 -27.49 31.90 -17.24
CA ILE B 60 -26.72 30.92 -18.01
C ILE B 60 -27.43 29.57 -17.87
N PRO B 61 -27.63 28.83 -18.97
CA PRO B 61 -28.21 27.48 -18.85
C PRO B 61 -27.39 26.64 -17.87
N ILE B 62 -28.09 25.89 -17.01
CA ILE B 62 -27.42 25.24 -15.88
C ILE B 62 -26.33 24.24 -16.33
N ASP B 63 -26.56 23.55 -17.45
CA ASP B 63 -25.56 22.62 -17.97
C ASP B 63 -24.25 23.32 -18.36
N ALA B 64 -24.34 24.33 -19.21
CA ALA B 64 -23.20 25.17 -19.54
C ALA B 64 -22.53 25.67 -18.25
N PHE B 65 -23.33 26.15 -17.31
CA PHE B 65 -22.78 26.72 -16.10
C PHE B 65 -21.98 25.72 -15.27
N LEU B 66 -22.55 24.53 -15.04
CA LEU B 66 -21.91 23.52 -14.24
C LEU B 66 -20.60 23.01 -14.87
N ARG B 67 -20.60 22.80 -16.19
CA ARG B 67 -19.38 22.43 -16.95
C ARG B 67 -18.25 23.43 -16.78
N ALA B 68 -18.58 24.72 -16.82
CA ALA B 68 -17.60 25.78 -16.65
C ALA B 68 -17.12 25.89 -15.21
N MET B 69 -18.06 25.81 -14.28
CA MET B 69 -17.75 25.83 -12.84
C MET B 69 -16.81 24.67 -12.51
N MET B 70 -17.13 23.49 -13.04
CA MET B 70 -16.31 22.32 -12.85
C MET B 70 -14.84 22.56 -13.25
N ARG B 71 -14.63 23.21 -14.40
CA ARG B 71 -13.26 23.55 -14.84
C ARG B 71 -12.59 24.58 -13.92
N ASP B 72 -13.25 25.70 -13.63
CA ASP B 72 -12.65 26.75 -12.81
C ASP B 72 -12.28 26.16 -11.44
N VAL B 73 -13.09 25.23 -10.92
CA VAL B 73 -12.76 24.56 -9.66
C VAL B 73 -11.55 23.62 -9.84
N ALA B 74 -11.67 22.65 -10.74
CA ALA B 74 -10.58 21.69 -10.99
C ALA B 74 -9.26 22.37 -11.34
N TRP B 75 -9.31 23.51 -12.03
CA TRP B 75 -8.08 24.15 -12.48
C TRP B 75 -7.50 25.16 -11.49
N GLY B 76 -8.14 25.32 -10.34
CA GLY B 76 -7.70 26.28 -9.34
C GLY B 76 -7.69 27.71 -9.88
N PHE B 77 -8.69 28.05 -10.69
CA PHE B 77 -8.76 29.33 -11.41
C PHE B 77 -7.80 29.48 -12.60
N PHE B 78 -7.04 28.42 -12.89
CA PHE B 78 -6.27 28.30 -14.15
C PHE B 78 -5.27 29.47 -14.37
N TYR B 79 -5.05 29.90 -15.61
CA TYR B 79 -4.22 31.08 -15.90
C TYR B 79 -5.08 32.15 -16.52
N GLY B 80 -4.88 33.38 -16.09
CA GLY B 80 -5.56 34.51 -16.73
C GLY B 80 -7.07 34.48 -16.54
N VAL B 81 -7.78 34.69 -17.64
CA VAL B 81 -9.21 34.87 -17.63
C VAL B 81 -9.90 33.58 -18.03
N VAL B 82 -10.78 33.09 -17.14
CA VAL B 82 -11.70 31.99 -17.45
C VAL B 82 -13.10 32.60 -17.67
N ASN B 83 -13.48 32.86 -18.93
CA ASN B 83 -14.83 33.38 -19.24
C ASN B 83 -15.82 32.22 -19.30
N PHE B 84 -16.80 32.19 -18.39
CA PHE B 84 -17.92 31.25 -18.47
C PHE B 84 -18.70 31.50 -19.77
N ASP B 85 -18.82 32.78 -20.15
CA ASP B 85 -19.49 33.16 -21.39
C ASP B 85 -19.13 34.59 -21.73
N HIS B 86 -19.96 35.26 -22.51
CA HIS B 86 -19.66 36.60 -22.98
C HIS B 86 -19.85 37.67 -21.88
N VAL B 87 -20.32 37.26 -20.70
CA VAL B 87 -20.52 38.20 -19.58
C VAL B 87 -19.73 37.85 -18.30
N PHE B 88 -19.85 36.61 -17.84
CA PHE B 88 -19.39 36.20 -16.52
C PHE B 88 -18.08 35.38 -16.54
N GLY B 89 -17.22 35.61 -15.55
CA GLY B 89 -16.01 34.80 -15.43
C GLY B 89 -15.06 35.23 -14.34
N THR B 90 -13.86 34.65 -14.33
CA THR B 90 -12.87 34.96 -13.32
C THR B 90 -11.51 35.33 -13.93
N ILE B 91 -10.73 36.10 -13.17
CA ILE B 91 -9.34 36.38 -13.51
C ILE B 91 -8.40 35.90 -12.39
N ASN B 92 -7.52 34.96 -12.71
CA ASN B 92 -6.57 34.47 -11.69
C ASN B 92 -5.39 35.44 -11.45
N HIS B 93 -5.28 35.93 -10.23
CA HIS B 93 -4.13 36.74 -9.83
C HIS B 93 -3.17 35.95 -8.96
N TYR B 94 -3.40 34.64 -8.86
CA TYR B 94 -2.44 33.73 -8.21
C TYR B 94 -2.28 34.02 -6.70
N GLY B 95 -3.30 33.62 -5.94
CA GLY B 95 -3.40 33.89 -4.51
C GLY B 95 -4.63 34.73 -4.26
N GLU B 96 -5.02 35.51 -5.26
CA GLU B 96 -6.23 36.31 -5.26
C GLU B 96 -6.93 36.13 -6.61
N VAL B 97 -8.23 36.38 -6.66
CA VAL B 97 -9.00 36.20 -7.90
C VAL B 97 -10.06 37.29 -8.07
N THR B 98 -10.22 37.77 -9.31
CA THR B 98 -11.30 38.69 -9.63
C THR B 98 -12.48 37.94 -10.25
N MET B 99 -13.68 38.16 -9.71
CA MET B 99 -14.91 37.71 -10.33
C MET B 99 -15.65 38.89 -10.97
N PHE B 100 -16.11 38.71 -12.20
CA PHE B 100 -16.64 39.84 -12.98
C PHE B 100 -17.93 39.55 -13.74
N ALA B 101 -18.66 40.64 -14.00
CA ALA B 101 -19.73 40.64 -14.99
C ALA B 101 -19.48 41.75 -16.02
N GLY B 102 -19.24 41.34 -17.26
CA GLY B 102 -19.14 42.28 -18.39
C GLY B 102 -17.82 43.02 -18.53
N ARG B 103 -16.80 42.55 -17.81
CA ARG B 103 -15.49 43.16 -17.80
C ARG B 103 -14.81 43.09 -19.17
N PHE B 104 -15.06 41.99 -19.88
CA PHE B 104 -14.52 41.78 -21.22
C PHE B 104 -15.66 41.71 -22.24
N ASN B 105 -16.55 42.68 -22.13
CA ASN B 105 -17.67 42.86 -23.05
C ASN B 105 -17.74 44.33 -23.41
N ASP B 106 -17.51 44.63 -24.68
CA ASP B 106 -17.53 46.00 -25.21
C ASP B 106 -18.79 46.79 -24.88
N ALA B 107 -19.95 46.15 -24.96
CA ALA B 107 -21.21 46.81 -24.59
C ALA B 107 -21.24 47.28 -23.13
N TYR B 108 -20.83 46.43 -22.19
CA TYR B 108 -20.86 46.77 -20.77
C TYR B 108 -19.80 47.79 -20.42
N ARG B 109 -18.61 47.62 -21.02
CA ARG B 109 -17.49 48.49 -20.76
C ARG B 109 -17.70 49.90 -21.28
N ASN B 110 -18.12 50.05 -22.54
CA ASN B 110 -18.41 51.36 -23.10
C ASN B 110 -19.45 52.13 -22.27
N ALA B 111 -20.34 51.41 -21.61
CA ALA B 111 -21.40 52.03 -20.83
C ALA B 111 -21.06 52.17 -19.35
N GLY B 112 -19.89 51.66 -18.96
CA GLY B 112 -19.52 51.63 -17.55
C GLY B 112 -20.49 50.79 -16.75
N ARG B 113 -20.88 49.64 -17.30
CA ARG B 113 -21.83 48.75 -16.63
C ARG B 113 -21.18 47.46 -16.14
N ASP B 114 -19.92 47.28 -16.47
CA ASP B 114 -19.18 46.14 -15.96
C ASP B 114 -19.04 46.27 -14.45
N HIS B 115 -19.03 45.12 -13.78
CA HIS B 115 -18.81 45.09 -12.35
C HIS B 115 -17.81 44.00 -11.98
N GLU B 116 -16.91 44.29 -11.05
CA GLU B 116 -15.95 43.31 -10.59
C GLU B 116 -15.59 43.48 -9.12
N GLU B 117 -15.28 42.34 -8.50
CA GLU B 117 -14.87 42.29 -7.09
C GLU B 117 -13.69 41.35 -6.94
N ARG B 118 -12.78 41.71 -6.04
CA ARG B 118 -11.55 40.95 -5.86
C ARG B 118 -11.57 40.16 -4.55
N PHE B 119 -11.29 38.85 -4.63
CA PHE B 119 -11.36 37.92 -3.48
C PHE B 119 -10.03 37.25 -3.14
N LYS B 120 -9.90 36.76 -1.91
CA LYS B 120 -8.83 35.82 -1.58
C LYS B 120 -9.26 34.51 -2.20
N SER B 121 -8.30 33.82 -2.81
CA SER B 121 -8.62 32.67 -3.64
C SER B 121 -9.34 31.55 -2.90
N SER B 122 -8.85 31.15 -1.73
CA SER B 122 -9.50 30.04 -1.00
C SER B 122 -10.90 30.41 -0.53
N ALA B 123 -11.15 31.72 -0.37
CA ALA B 123 -12.48 32.21 -0.03
C ALA B 123 -13.49 32.05 -1.18
N LEU B 124 -13.11 32.38 -2.41
CA LEU B 124 -14.01 32.21 -3.55
C LEU B 124 -14.08 30.74 -3.94
N MET B 125 -12.97 30.03 -3.77
CA MET B 125 -12.91 28.63 -4.14
C MET B 125 -13.83 27.78 -3.26
N ALA B 126 -13.83 28.04 -1.96
CA ALA B 126 -14.71 27.32 -1.03
C ALA B 126 -16.20 27.49 -1.38
N VAL B 127 -16.62 28.70 -1.74
CA VAL B 127 -18.02 28.87 -2.14
C VAL B 127 -18.32 28.29 -3.54
N PHE B 128 -17.35 28.37 -4.45
CA PHE B 128 -17.49 27.71 -5.76
C PHE B 128 -17.71 26.19 -5.58
N LYS B 129 -16.93 25.56 -4.71
CA LYS B 129 -17.08 24.13 -4.43
C LYS B 129 -18.45 23.78 -3.84
N ASP B 130 -18.91 24.61 -2.92
CA ASP B 130 -20.25 24.46 -2.32
C ASP B 130 -21.36 24.58 -3.37
N ILE B 131 -21.25 25.60 -4.22
CA ILE B 131 -22.15 25.73 -5.39
C ILE B 131 -22.18 24.47 -6.26
N LEU B 132 -21.00 23.99 -6.64
CA LEU B 132 -20.85 22.84 -7.54
C LEU B 132 -21.42 21.58 -6.92
N SER B 133 -21.20 21.39 -5.62
CA SER B 133 -21.76 20.23 -4.94
C SER B 133 -23.30 20.31 -4.81
N ASP B 134 -23.81 21.45 -4.37
CA ASP B 134 -25.24 21.59 -4.18
C ASP B 134 -25.99 21.45 -5.50
N TRP B 135 -25.45 22.05 -6.56
CA TRP B 135 -26.17 22.12 -7.83
C TRP B 135 -26.05 20.89 -8.76
N THR B 136 -25.10 20.00 -8.46
CA THR B 136 -24.91 18.78 -9.23
C THR B 136 -25.77 17.67 -8.66
N VAL B 137 -26.53 17.02 -9.52
CA VAL B 137 -27.55 16.05 -9.13
C VAL B 137 -27.14 14.64 -9.50
N GLU B 138 -27.86 13.66 -8.98
CA GLU B 138 -27.57 12.26 -9.23
C GLU B 138 -27.40 11.97 -10.72
N GLY B 139 -26.32 11.29 -11.08
CA GLY B 139 -26.11 10.82 -12.44
C GLY B 139 -25.64 11.85 -13.47
N TYR B 140 -25.34 13.06 -13.03
CA TYR B 140 -24.85 14.11 -13.92
C TYR B 140 -23.40 14.43 -13.60
N ASP B 141 -22.53 14.22 -14.57
CA ASP B 141 -21.08 14.42 -14.38
C ASP B 141 -20.65 15.60 -15.24
N PRO B 142 -20.47 16.77 -14.62
CA PRO B 142 -20.16 17.98 -15.37
C PRO B 142 -18.74 18.02 -15.98
N PHE B 143 -17.96 16.96 -15.78
CA PHE B 143 -16.61 16.81 -16.36
C PHE B 143 -16.63 15.96 -17.63
N ALA B 144 -17.74 15.28 -17.89
CA ALA B 144 -17.84 14.37 -19.05
C ALA B 144 -18.41 15.06 -20.30
N ALA B 145 -18.38 14.35 -21.43
CA ALA B 145 -19.04 14.80 -22.66
C ALA B 145 -20.54 14.49 -22.55
N PRO B 146 -21.40 15.19 -23.33
CA PRO B 146 -22.85 14.95 -23.12
C PRO B 146 -23.31 13.52 -23.45
N MET B 147 -22.61 12.85 -24.35
CA MET B 147 -23.00 11.47 -24.69
C MET B 147 -22.62 10.48 -23.61
N GLU B 148 -21.83 10.91 -22.64
CA GLU B 148 -21.33 10.00 -21.60
C GLU B 148 -22.02 10.12 -20.26
N THR B 149 -22.98 11.04 -20.12
CA THR B 149 -23.55 11.32 -18.80
C THR B 149 -25.02 11.71 -18.89
N GLY B 150 -25.67 11.86 -17.73
CA GLY B 150 -27.08 12.26 -17.66
C GLY B 150 -27.33 13.75 -17.77
N LEU B 151 -28.44 14.22 -17.20
CA LEU B 151 -28.86 15.61 -17.39
C LEU B 151 -28.90 16.38 -16.06
N PRO B 152 -28.75 17.72 -16.11
CA PRO B 152 -28.78 18.49 -14.86
C PRO B 152 -30.16 19.12 -14.53
N TRP B 153 -31.16 18.90 -15.37
CA TRP B 153 -32.44 19.61 -15.24
C TRP B 153 -33.29 19.16 -14.05
N GLY B 154 -34.19 20.04 -13.61
CA GLY B 154 -35.15 19.75 -12.57
C GLY B 154 -34.76 20.18 -11.17
N ILE B 155 -35.59 19.78 -10.21
CA ILE B 155 -35.35 20.02 -8.79
C ILE B 155 -34.20 19.15 -8.26
N LYS B 156 -33.67 19.53 -7.09
CA LYS B 156 -32.57 18.80 -6.45
C LYS B 156 -32.89 17.32 -6.27
N ASN B 157 -32.02 16.46 -6.76
CA ASN B 157 -32.20 15.02 -6.67
C ASN B 157 -30.84 14.34 -6.45
N GLY B 158 -30.57 13.98 -5.20
CA GLY B 158 -29.26 13.43 -4.82
C GLY B 158 -28.09 14.33 -5.18
N ASN B 159 -26.95 13.72 -5.47
CA ASN B 159 -25.75 14.48 -5.78
C ASN B 159 -24.79 13.66 -6.59
N ASN B 160 -23.74 14.30 -7.06
CA ASN B 160 -22.63 13.57 -7.66
C ASN B 160 -21.29 14.05 -7.14
N ASP B 161 -21.12 13.94 -5.83
CA ASP B 161 -19.92 14.46 -5.17
C ASP B 161 -18.65 13.71 -5.58
N GLU B 162 -18.80 12.45 -6.03
CA GLU B 162 -17.65 11.71 -6.54
C GLU B 162 -17.10 12.31 -7.85
N ALA B 163 -17.97 12.59 -8.82
CA ALA B 163 -17.55 13.19 -10.09
C ALA B 163 -16.86 14.54 -9.93
N ILE B 164 -17.31 15.36 -8.98
CA ILE B 164 -16.79 16.72 -8.82
C ILE B 164 -15.61 16.82 -7.85
N SER B 165 -15.22 15.69 -7.25
CA SER B 165 -14.13 15.67 -6.27
C SER B 165 -12.88 14.91 -6.72
N ARG B 166 -12.73 14.72 -8.03
CA ARG B 166 -11.60 13.96 -8.57
C ARG B 166 -10.31 14.61 -8.15
N GLN B 167 -9.35 13.77 -7.77
CA GLN B 167 -8.02 14.24 -7.40
C GLN B 167 -7.25 14.71 -8.64
N ARG B 168 -6.77 15.94 -8.58
CA ARG B 168 -5.90 16.56 -9.58
C ARG B 168 -4.63 15.73 -9.81
N VAL B 169 -4.29 15.50 -11.07
CA VAL B 169 -3.08 14.73 -11.39
C VAL B 169 -2.01 15.62 -12.06
N THR B 170 -0.85 15.69 -11.41
CA THR B 170 0.26 16.50 -11.88
C THR B 170 1.56 15.73 -11.71
N ALA B 171 2.33 15.62 -12.79
CA ALA B 171 3.68 15.07 -12.71
C ALA B 171 4.62 16.13 -12.14
N ARG B 172 5.57 15.70 -11.31
CA ARG B 172 6.64 16.56 -10.82
C ARG B 172 7.76 16.63 -11.87
N ARG B 173 8.01 15.51 -12.56
CA ARG B 173 9.06 15.42 -13.57
C ARG B 173 8.54 14.71 -14.85
N MET B 174 8.06 13.49 -14.70
CA MET B 174 7.42 12.76 -15.80
C MET B 174 6.56 11.66 -15.21
N VAL B 175 5.43 11.40 -15.86
CA VAL B 175 4.61 10.26 -15.51
C VAL B 175 5.47 9.01 -15.42
N GLY B 176 5.23 8.22 -14.38
CA GLY B 176 5.76 6.87 -14.31
C GLY B 176 7.12 6.75 -13.65
N LEU B 177 7.75 7.88 -13.35
CA LEU B 177 9.01 7.89 -12.59
C LEU B 177 8.76 7.43 -11.14
N PRO B 178 9.79 6.83 -10.47
CA PRO B 178 9.57 6.40 -9.08
C PRO B 178 9.10 7.57 -8.20
N GLY B 179 7.96 7.42 -7.54
CA GLY B 179 7.43 8.48 -6.68
C GLY B 179 6.72 9.64 -7.37
N ASP B 180 6.66 9.61 -8.70
CA ASP B 180 5.92 10.62 -9.47
C ASP B 180 4.52 10.06 -9.80
N THR B 181 3.67 10.86 -10.45
CA THR B 181 2.32 10.42 -10.81
C THR B 181 2.33 9.12 -11.66
N PRO B 182 1.41 8.17 -11.40
CA PRO B 182 1.56 6.84 -12.04
C PRO B 182 0.96 6.71 -13.42
N VAL B 183 1.34 5.63 -14.10
CA VAL B 183 0.72 5.23 -15.35
C VAL B 183 -0.72 4.79 -15.02
N ARG B 184 -1.64 4.92 -15.98
CA ARG B 184 -3.04 4.52 -15.82
C ARG B 184 -3.25 3.11 -16.36
N THR B 185 -3.97 2.29 -15.60
CA THR B 185 -4.29 0.92 -15.98
C THR B 185 -5.74 0.62 -15.64
N ASP B 186 -6.22 -0.54 -16.09
CA ASP B 186 -7.50 -1.07 -15.64
C ASP B 186 -7.49 -1.23 -14.13
N ALA B 187 -6.45 -1.89 -13.63
CA ALA B 187 -6.32 -2.18 -12.20
C ALA B 187 -6.37 -0.92 -11.31
N ASN B 188 -5.74 0.19 -11.70
CA ASN B 188 -5.82 1.38 -10.85
C ASN B 188 -7.03 2.27 -11.13
N GLY B 189 -7.96 1.75 -11.92
CA GLY B 189 -9.25 2.39 -12.16
C GLY B 189 -9.43 3.21 -13.42
N PHE B 190 -8.55 3.03 -14.41
CA PHE B 190 -8.62 3.84 -15.62
C PHE B 190 -8.64 3.01 -16.90
N PRO B 191 -9.82 2.50 -17.30
CA PRO B 191 -9.91 1.78 -18.56
C PRO B 191 -9.93 2.73 -19.76
N VAL B 192 -9.74 2.19 -20.95
CA VAL B 192 -9.75 2.98 -22.16
C VAL B 192 -11.17 3.47 -22.49
N ASN B 193 -11.31 4.77 -22.74
CA ASN B 193 -12.59 5.34 -23.18
C ASN B 193 -13.11 4.68 -24.46
N ARG B 194 -14.43 4.56 -24.59
CA ARG B 194 -15.05 3.97 -25.79
C ARG B 194 -14.57 4.56 -27.14
N GLN B 195 -14.33 5.87 -27.18
CA GLN B 195 -13.93 6.54 -28.43
C GLN B 195 -12.42 6.55 -28.66
N PHE B 196 -11.70 5.76 -27.86
CA PHE B 196 -10.28 5.51 -28.06
C PHE B 196 -10.03 4.01 -28.05
N ALA B 197 -11.08 3.22 -28.28
CA ALA B 197 -10.99 1.76 -28.21
C ALA B 197 -9.90 1.12 -29.08
N ASP B 198 -9.57 1.74 -30.22
CA ASP B 198 -8.55 1.20 -31.14
C ASP B 198 -7.10 1.63 -30.85
N VAL B 199 -6.86 2.47 -29.84
CA VAL B 199 -5.52 3.02 -29.56
C VAL B 199 -4.57 2.00 -28.92
N PRO B 200 -3.42 1.72 -29.58
CA PRO B 200 -2.43 0.77 -29.04
C PRO B 200 -2.05 1.06 -27.58
N GLN B 201 -2.05 0.02 -26.76
CA GLN B 201 -1.82 0.16 -25.31
C GLN B 201 -0.42 -0.27 -24.79
N GLU B 202 0.37 -0.93 -25.63
CA GLU B 202 1.72 -1.39 -25.27
C GLU B 202 2.61 -0.31 -24.70
N GLN B 203 3.38 -0.66 -23.67
CA GLN B 203 4.40 0.24 -23.13
C GLN B 203 5.68 0.14 -23.97
N PRO B 204 6.46 1.23 -24.02
CA PRO B 204 7.74 1.15 -24.73
C PRO B 204 8.68 0.19 -24.02
N VAL B 205 9.56 -0.44 -24.80
CA VAL B 205 10.57 -1.32 -24.23
C VAL B 205 11.60 -0.48 -23.48
N VAL B 206 11.74 -0.77 -22.19
CA VAL B 206 12.69 -0.08 -21.31
C VAL B 206 13.60 -1.13 -20.68
N GLU B 207 14.89 -1.08 -20.99
CA GLU B 207 15.85 -1.99 -20.37
C GLU B 207 17.04 -1.23 -19.80
N ALA B 208 17.04 -1.13 -18.47
CA ALA B 208 18.03 -0.39 -17.72
C ALA B 208 19.18 -1.29 -17.35
N GLU B 209 20.39 -0.72 -17.35
CA GLU B 209 21.56 -1.34 -16.74
C GLU B 209 21.44 -1.26 -15.22
N PRO B 210 22.01 -2.24 -14.51
CA PRO B 210 21.90 -2.30 -13.04
C PRO B 210 22.39 -1.00 -12.38
N GLY B 211 21.58 -0.46 -11.47
CA GLY B 211 21.92 0.79 -10.80
C GLY B 211 21.31 2.01 -11.45
N PHE B 212 20.81 1.86 -12.67
CA PHE B 212 20.22 2.99 -13.41
C PHE B 212 18.69 2.94 -13.58
N GLU B 213 18.04 1.90 -13.06
CA GLU B 213 16.60 1.71 -13.25
C GLU B 213 15.72 2.93 -12.91
N ALA B 214 16.11 3.72 -11.92
CA ALA B 214 15.37 4.96 -11.59
C ALA B 214 15.39 6.02 -12.68
N GLU B 215 16.40 6.02 -13.55
CA GLU B 215 16.53 7.12 -14.52
C GLU B 215 16.39 6.76 -16.01
N VAL B 216 16.21 5.47 -16.30
CA VAL B 216 15.89 5.03 -17.63
C VAL B 216 14.38 4.79 -17.63
N SER B 217 13.61 5.74 -18.16
CA SER B 217 12.15 5.72 -18.04
C SER B 217 11.39 6.17 -19.30
N ALA B 218 10.36 5.40 -19.66
CA ALA B 218 9.46 5.77 -20.74
C ALA B 218 8.07 5.18 -20.53
N TYR B 219 7.08 5.81 -21.16
CA TYR B 219 5.69 5.38 -21.01
C TYR B 219 4.93 5.70 -22.29
N ASN B 220 3.81 5.00 -22.48
CA ASN B 220 2.94 5.23 -23.61
C ASN B 220 2.00 6.40 -23.30
N LEU B 221 2.35 7.59 -23.80
CA LEU B 221 1.54 8.79 -23.52
C LEU B 221 0.16 8.79 -24.17
N PHE B 222 0.07 8.35 -25.43
CA PHE B 222 -1.25 8.28 -26.08
C PHE B 222 -2.20 7.31 -25.36
N GLY B 223 -1.67 6.19 -24.89
CA GLY B 223 -2.45 5.21 -24.13
C GLY B 223 -2.87 5.76 -22.77
N TYR B 224 -2.03 6.62 -22.21
CA TYR B 224 -2.31 7.34 -20.97
C TYR B 224 -3.49 8.28 -21.20
N LEU B 225 -3.40 9.08 -22.26
CA LEU B 225 -4.51 9.97 -22.66
C LEU B 225 -5.77 9.20 -23.03
N SER B 226 -5.64 8.02 -23.65
CA SER B 226 -6.83 7.20 -23.98
C SER B 226 -7.60 6.76 -22.74
N ARG B 227 -6.95 6.82 -21.58
CA ARG B 227 -7.57 6.37 -20.35
C ARG B 227 -8.06 7.51 -19.43
N SER B 228 -7.90 8.74 -19.89
CA SER B 228 -8.37 9.87 -19.12
C SER B 228 -9.87 9.75 -18.96
N ASP B 229 -10.34 9.93 -17.73
CA ASP B 229 -11.76 9.80 -17.36
C ASP B 229 -12.56 11.11 -17.42
N VAL B 230 -11.93 12.18 -17.91
CA VAL B 230 -12.58 13.48 -18.00
C VAL B 230 -12.27 14.13 -19.35
N THR B 231 -12.96 15.23 -19.67
CA THR B 231 -12.71 15.97 -20.91
C THR B 231 -12.26 17.39 -20.57
N TRP B 232 -11.44 17.98 -21.45
CA TRP B 232 -10.98 19.35 -21.28
C TRP B 232 -10.37 19.59 -19.90
N ASN B 233 -9.23 18.93 -19.67
CA ASN B 233 -8.52 18.98 -18.40
C ASN B 233 -7.00 18.79 -18.57
N PRO B 234 -6.28 19.85 -18.96
CA PRO B 234 -4.82 19.81 -19.13
C PRO B 234 -4.14 19.32 -17.85
N SER B 235 -3.36 18.25 -17.96
CA SER B 235 -2.63 17.65 -16.84
C SER B 235 -1.17 17.55 -17.20
N VAL B 236 -0.32 18.06 -16.30
CA VAL B 236 1.14 18.02 -16.48
C VAL B 236 1.64 16.57 -16.54
N CYS B 237 2.31 16.23 -17.64
CA CYS B 237 2.90 14.91 -17.81
C CYS B 237 4.43 14.94 -17.84
N SER B 238 5.02 16.12 -18.07
CA SER B 238 6.48 16.27 -18.10
C SER B 238 6.88 17.73 -17.91
N VAL B 239 7.98 17.94 -17.20
CA VAL B 239 8.39 19.29 -16.76
C VAL B 239 9.83 19.56 -17.16
N VAL B 240 10.09 20.75 -17.72
CA VAL B 240 11.45 21.27 -17.88
C VAL B 240 11.44 22.73 -17.44
N GLY B 241 11.97 23.00 -16.26
CA GLY B 241 11.84 24.33 -15.66
C GLY B 241 10.37 24.72 -15.62
N ASP B 242 10.05 25.91 -16.14
CA ASP B 242 8.66 26.40 -16.19
C ASP B 242 7.83 25.86 -17.37
N SER B 243 8.45 25.04 -18.20
CA SER B 243 7.82 24.53 -19.42
C SER B 243 7.05 23.30 -19.08
N LEU B 244 5.74 23.34 -19.31
CA LEU B 244 4.85 22.23 -18.92
C LEU B 244 4.11 21.64 -20.12
N PHE B 245 4.25 20.33 -20.31
CA PHE B 245 3.44 19.59 -21.27
C PHE B 245 2.18 19.16 -20.53
N CYS B 246 1.05 19.71 -20.95
CA CYS B 246 -0.22 19.46 -20.26
C CYS B 246 -1.25 18.83 -21.20
N PRO B 247 -1.04 17.57 -21.60
CA PRO B 247 -2.02 17.00 -22.53
C PRO B 247 -3.33 16.61 -21.85
N THR B 248 -4.35 16.34 -22.66
CA THR B 248 -5.70 16.03 -22.18
C THR B 248 -6.47 15.39 -23.32
N SER B 249 -7.59 14.74 -23.01
CA SER B 249 -8.49 14.27 -24.05
C SER B 249 -9.73 15.18 -24.08
N GLU B 250 -10.23 15.47 -25.29
CA GLU B 250 -11.30 16.48 -25.51
CA GLU B 250 -11.35 16.39 -25.39
C GLU B 250 -12.44 15.92 -26.35
N GLU B 251 -13.66 16.41 -26.09
CA GLU B 251 -14.87 15.98 -26.77
C GLU B 251 -15.94 17.06 -26.54
N PHE B 252 -16.78 17.28 -27.54
CA PHE B 252 -17.80 18.33 -27.52
C PHE B 252 -17.17 19.74 -27.50
N ILE B 253 -17.41 20.55 -26.46
CA ILE B 253 -17.00 21.96 -26.48
C ILE B 253 -16.30 22.35 -25.19
N LEU B 254 -15.13 22.98 -25.33
CA LEU B 254 -14.45 23.56 -24.19
C LEU B 254 -15.45 24.45 -23.43
N PRO B 255 -15.72 24.16 -22.15
CA PRO B 255 -16.84 24.80 -21.45
C PRO B 255 -16.58 26.26 -21.03
N VAL B 256 -15.44 26.81 -21.45
CA VAL B 256 -15.10 28.21 -21.18
C VAL B 256 -14.41 28.84 -22.40
N GLU B 257 -14.28 30.16 -22.40
CA GLU B 257 -13.48 30.87 -23.38
C GLU B 257 -12.25 31.37 -22.63
N HIS B 258 -11.10 30.77 -22.90
CA HIS B 258 -9.87 31.09 -22.18
C HIS B 258 -9.12 32.31 -22.72
N GLY B 259 -9.04 33.36 -21.93
CA GLY B 259 -8.21 34.51 -22.27
C GLY B 259 -6.94 34.48 -21.43
N ASN B 260 -5.86 33.92 -21.98
CA ASN B 260 -4.66 33.70 -21.19
C ASN B 260 -3.92 35.01 -20.95
N ASP B 261 -3.12 35.05 -19.89
CA ASP B 261 -2.28 36.21 -19.56
C ASP B 261 -0.83 35.96 -20.00
N ARG B 262 -0.68 35.07 -20.98
CA ARG B 262 0.60 34.67 -21.55
C ARG B 262 0.29 34.02 -22.89
N CYS B 263 1.29 33.80 -23.73
CA CYS B 263 1.10 33.00 -24.96
C CYS B 263 0.99 31.53 -24.58
N GLU B 264 0.26 30.74 -25.36
CA GLU B 264 0.25 29.29 -25.18
C GLU B 264 0.15 28.58 -26.53
N TRP B 265 0.42 27.27 -26.52
CA TRP B 265 0.57 26.50 -27.76
C TRP B 265 -0.26 25.24 -27.68
N PHE B 266 -0.79 24.84 -28.82
CA PHE B 266 -1.63 23.65 -28.94
C PHE B 266 -0.96 22.76 -29.96
N LEU B 267 -0.80 21.49 -29.63
CA LEU B 267 -0.40 20.51 -30.61
C LEU B 267 -1.47 19.45 -30.63
N GLN B 268 -2.09 19.26 -31.78
CA GLN B 268 -3.14 18.26 -31.95
C GLN B 268 -2.48 16.91 -32.14
N LEU B 269 -2.81 15.97 -31.27
CA LEU B 269 -2.15 14.66 -31.32
C LEU B 269 -2.97 13.62 -32.08
N SER B 270 -4.29 13.76 -32.04
CA SER B 270 -5.18 12.88 -32.80
C SER B 270 -6.41 13.64 -33.31
N ASP B 271 -7.04 13.08 -34.34
CA ASP B 271 -8.34 13.57 -34.87
C ASP B 271 -8.29 15.08 -35.12
N GLU B 272 -9.31 15.84 -34.71
CA GLU B 272 -9.29 17.29 -34.95
C GLU B 272 -10.16 18.17 -34.08
N ILE B 273 -9.79 19.47 -34.04
CA ILE B 273 -10.49 20.50 -33.28
C ILE B 273 -10.56 21.77 -34.15
N VAL B 274 -11.62 22.57 -33.96
CA VAL B 274 -11.61 23.95 -34.42
C VAL B 274 -11.59 24.82 -33.19
N TRP B 275 -10.74 25.84 -33.22
CA TRP B 275 -10.72 26.83 -32.18
C TRP B 275 -11.46 28.06 -32.66
N ASP B 276 -12.51 28.46 -31.95
CA ASP B 276 -13.16 29.75 -32.18
C ASP B 276 -12.35 30.81 -31.43
N VAL B 277 -11.72 31.73 -32.18
CA VAL B 277 -10.85 32.74 -31.58
C VAL B 277 -11.44 34.14 -31.64
N LYS B 278 -11.57 34.76 -30.47
CA LYS B 278 -12.15 36.09 -30.33
C LYS B 278 -11.20 37.01 -29.61
N ASP B 279 -11.41 38.32 -29.78
CA ASP B 279 -10.64 39.30 -29.05
C ASP B 279 -10.82 39.12 -27.54
N LYS B 280 -9.71 39.03 -26.80
CA LYS B 280 -9.79 38.89 -25.34
C LYS B 280 -10.57 40.02 -24.69
N GLU B 281 -10.28 41.24 -25.11
CA GLU B 281 -10.84 42.42 -24.48
C GLU B 281 -12.30 42.70 -24.85
N SER B 282 -12.64 42.57 -26.14
CA SER B 282 -13.97 42.95 -26.62
C SER B 282 -14.92 41.77 -26.83
N GLY B 283 -14.37 40.60 -27.13
CA GLY B 283 -15.15 39.41 -27.44
C GLY B 283 -15.51 39.27 -28.91
N LYS B 284 -14.96 40.16 -29.75
CA LYS B 284 -15.25 40.11 -31.19
C LYS B 284 -14.53 38.95 -31.88
N PRO B 285 -15.25 38.16 -32.69
CA PRO B 285 -14.66 37.07 -33.48
C PRO B 285 -13.54 37.56 -34.37
N ARG B 286 -12.47 36.77 -34.46
CA ARG B 286 -11.22 37.19 -35.11
C ARG B 286 -10.71 36.14 -36.05
N ALA B 287 -10.88 34.87 -35.66
CA ALA B 287 -10.42 33.78 -36.49
C ALA B 287 -11.01 32.45 -36.07
N ARG B 288 -10.87 31.45 -36.93
CA ARG B 288 -11.21 30.07 -36.59
C ARG B 288 -10.06 29.21 -37.07
N VAL B 289 -9.51 28.42 -36.15
CA VAL B 289 -8.31 27.63 -36.43
C VAL B 289 -8.67 26.14 -36.41
N THR B 290 -8.50 25.48 -37.55
CA THR B 290 -8.78 24.04 -37.66
C THR B 290 -7.46 23.30 -37.60
N ALA B 291 -7.35 22.38 -36.64
CA ALA B 291 -6.12 21.67 -36.41
C ALA B 291 -6.35 20.15 -36.47
N ARG B 292 -5.61 19.47 -37.34
CA ARG B 292 -5.64 18.01 -37.43
C ARG B 292 -4.34 17.42 -36.86
N ALA B 293 -4.17 16.10 -36.93
CA ALA B 293 -3.06 15.44 -36.24
C ALA B 293 -1.71 15.98 -36.70
N GLY B 294 -0.93 16.50 -35.76
CA GLY B 294 0.39 17.01 -36.10
C GLY B 294 0.47 18.51 -36.19
N ASP B 295 -0.69 19.17 -36.27
CA ASP B 295 -0.74 20.63 -36.36
C ASP B 295 -0.41 21.24 -35.02
N ILE B 296 0.43 22.27 -35.05
CA ILE B 296 0.79 23.01 -33.85
C ILE B 296 0.61 24.48 -34.17
N CYS B 297 -0.03 25.21 -33.25
CA CYS B 297 -0.25 26.62 -33.45
C CYS B 297 -0.15 27.34 -32.12
N CYS B 298 -0.08 28.66 -32.18
CA CYS B 298 0.05 29.47 -31.00
C CYS B 298 -1.20 30.32 -30.77
N MET B 299 -1.59 30.49 -29.51
CA MET B 299 -2.65 31.42 -29.16
C MET B 299 -2.03 32.71 -28.61
N PRO B 300 -2.17 33.83 -29.31
CA PRO B 300 -1.68 35.12 -28.78
C PRO B 300 -2.29 35.51 -27.43
N ALA B 301 -1.54 36.29 -26.63
CA ALA B 301 -1.99 36.71 -25.30
C ALA B 301 -3.11 37.75 -25.30
N ASP B 302 -3.51 38.21 -26.49
CA ASP B 302 -4.58 39.21 -26.60
C ASP B 302 -5.86 38.60 -27.18
N ILE B 303 -5.91 37.28 -27.28
CA ILE B 303 -7.16 36.63 -27.70
C ILE B 303 -7.75 35.74 -26.60
N ARG B 304 -9.01 35.37 -26.77
CA ARG B 304 -9.64 34.29 -26.00
C ARG B 304 -10.01 33.19 -27.00
N HIS B 305 -10.11 31.95 -26.53
CA HIS B 305 -10.37 30.83 -27.43
C HIS B 305 -11.22 29.72 -26.81
N GLN B 306 -11.93 29.00 -27.67
CA GLN B 306 -12.84 27.93 -27.27
C GLN B 306 -12.85 26.84 -28.34
N GLY B 307 -12.56 25.60 -27.94
CA GLY B 307 -12.41 24.50 -28.90
C GLY B 307 -13.65 23.64 -29.09
N TYR B 308 -13.71 22.97 -30.24
CA TYR B 308 -14.84 22.11 -30.60
C TYR B 308 -14.30 20.83 -31.19
N SER B 309 -14.84 19.70 -30.76
CA SER B 309 -14.33 18.42 -31.20
C SER B 309 -15.42 17.38 -31.24
N THR B 310 -15.66 16.87 -32.43
CA THR B 310 -16.73 15.90 -32.64
C THR B 310 -16.43 14.59 -31.96
N LYS B 311 -15.31 13.97 -32.34
CA LYS B 311 -14.83 12.74 -31.70
C LYS B 311 -13.88 13.12 -30.55
N ARG B 312 -13.90 12.32 -29.49
CA ARG B 312 -12.93 12.48 -28.43
C ARG B 312 -11.51 12.45 -29.05
N SER B 313 -10.76 13.53 -28.81
CA SER B 313 -9.45 13.71 -29.45
CA SER B 313 -9.46 13.76 -29.45
C SER B 313 -8.35 13.99 -28.43
N MET B 314 -7.10 13.73 -28.83
CA MET B 314 -5.95 14.02 -27.98
C MET B 314 -5.29 15.36 -28.31
N LEU B 315 -5.10 16.18 -27.28
CA LEU B 315 -4.54 17.49 -27.46
C LEU B 315 -3.40 17.72 -26.47
N LEU B 316 -2.31 18.30 -26.95
CA LEU B 316 -1.24 18.76 -26.11
C LEU B 316 -1.35 20.28 -25.93
N VAL B 317 -1.53 20.69 -24.67
CA VAL B 317 -1.45 22.11 -24.33
C VAL B 317 -0.09 22.33 -23.71
N TRP B 318 0.68 23.23 -24.28
CA TRP B 318 2.04 23.50 -23.80
C TRP B 318 2.06 24.89 -23.15
N GLU B 319 2.40 24.95 -21.87
CA GLU B 319 2.43 26.22 -21.12
C GLU B 319 3.83 26.57 -20.61
N ASN B 320 4.09 27.87 -20.47
CA ASN B 320 5.23 28.39 -19.70
C ASN B 320 4.67 28.92 -18.37
N GLY B 321 4.98 28.24 -17.27
CA GLY B 321 4.35 28.52 -15.99
C GLY B 321 4.96 29.69 -15.22
N SER B 322 5.86 30.43 -15.86
CA SER B 322 6.54 31.53 -15.20
C SER B 322 5.59 32.63 -14.73
N PRO B 323 5.73 33.08 -13.47
CA PRO B 323 4.88 34.17 -12.98
C PRO B 323 5.31 35.56 -13.45
N LYS B 324 6.47 35.68 -14.10
CA LYS B 324 6.92 37.00 -14.58
C LYS B 324 6.14 37.50 -15.80
N ILE B 325 5.59 36.56 -16.58
CA ILE B 325 4.99 36.88 -17.89
C ILE B 325 3.85 37.94 -17.90
N PRO B 326 2.83 37.80 -17.02
CA PRO B 326 1.71 38.75 -17.17
C PRO B 326 2.10 40.23 -17.05
N GLN B 327 2.98 40.58 -16.12
CA GLN B 327 3.40 41.98 -15.97
C GLN B 327 4.26 42.42 -17.18
N MET B 328 4.92 41.46 -17.81
CA MET B 328 5.75 41.73 -18.99
C MET B 328 4.92 42.00 -20.23
N ILE B 329 3.96 41.11 -20.51
CA ILE B 329 2.93 41.33 -21.52
C ILE B 329 2.20 42.66 -21.31
N ALA B 330 1.83 42.98 -20.08
CA ALA B 330 1.22 44.27 -19.76
C ALA B 330 2.14 45.44 -20.09
N ASP B 331 3.40 45.35 -19.69
CA ASP B 331 4.36 46.44 -19.90
C ASP B 331 4.78 46.56 -21.37
N GLY B 332 4.72 45.47 -22.11
CA GLY B 332 5.20 45.46 -23.47
C GLY B 332 6.65 45.05 -23.55
N THR B 333 7.17 44.45 -22.47
CA THR B 333 8.53 43.90 -22.45
C THR B 333 8.54 42.43 -22.89
N ALA B 334 7.36 41.85 -23.04
CA ALA B 334 7.21 40.54 -23.67
C ALA B 334 6.16 40.64 -24.78
N PRO B 335 6.35 39.88 -25.87
CA PRO B 335 5.45 40.10 -26.99
C PRO B 335 4.14 39.33 -26.83
N VAL B 336 3.09 39.83 -27.46
CA VAL B 336 1.78 39.21 -27.44
C VAL B 336 1.74 37.98 -28.38
N VAL B 337 2.74 37.89 -29.26
CA VAL B 337 2.97 36.73 -30.13
C VAL B 337 4.44 36.37 -29.95
N PRO B 338 4.78 35.08 -29.75
CA PRO B 338 6.14 34.71 -29.34
C PRO B 338 7.19 34.83 -30.45
N VAL B 339 6.73 34.84 -31.69
CA VAL B 339 7.57 34.71 -32.86
C VAL B 339 6.96 35.54 -33.99
N THR B 340 7.80 36.27 -34.73
CA THR B 340 7.33 36.94 -35.95
C THR B 340 8.27 36.62 -37.13
N PHE B 341 7.74 36.66 -38.35
CA PHE B 341 8.53 36.21 -39.51
C PHE B 341 8.23 36.98 -40.81
N ALA C 2 30.32 -3.33 26.89
CA ALA C 2 29.89 -1.99 26.46
C ALA C 2 30.99 -0.95 26.74
N ASP C 3 32.03 -0.97 25.93
CA ASP C 3 33.16 -0.06 26.12
C ASP C 3 33.15 1.09 25.11
N VAL C 4 32.68 0.83 23.88
CA VAL C 4 32.67 1.86 22.81
C VAL C 4 31.74 3.05 23.12
N VAL C 5 32.32 4.25 23.16
CA VAL C 5 31.58 5.49 23.37
C VAL C 5 31.81 6.43 22.17
N THR C 6 30.75 6.68 21.41
CA THR C 6 30.82 7.62 20.32
C THR C 6 30.39 9.00 20.83
N GLU C 7 31.31 9.97 20.78
CA GLU C 7 31.10 11.29 21.38
C GLU C 7 30.34 12.19 20.42
N PHE C 8 29.14 12.60 20.83
CA PHE C 8 28.33 13.55 20.07
C PHE C 8 28.23 14.84 20.89
N GLY C 9 28.15 15.97 20.22
CA GLY C 9 28.07 17.23 20.94
C GLY C 9 26.63 17.58 21.27
N ALA C 10 26.46 18.66 22.03
CA ALA C 10 25.14 19.10 22.48
C ALA C 10 25.24 20.58 22.83
N LEU C 11 24.09 21.27 22.87
CA LEU C 11 24.03 22.70 23.24
C LEU C 11 24.68 23.00 24.58
N THR C 12 24.52 22.08 25.51
CA THR C 12 24.96 22.23 26.89
C THR C 12 26.29 21.50 27.15
N ASP C 13 26.74 20.69 26.19
CA ASP C 13 27.94 19.89 26.37
C ASP C 13 28.65 19.76 25.03
N TYR C 14 29.55 20.70 24.76
CA TYR C 14 30.42 20.61 23.60
C TYR C 14 31.81 21.03 24.01
N ARG C 15 32.81 20.57 23.26
CA ARG C 15 34.19 20.92 23.55
C ARG C 15 34.93 21.31 22.28
N LYS C 16 35.02 22.62 22.09
CA LYS C 16 35.59 23.23 20.89
C LYS C 16 37.06 22.84 20.71
N GLY C 17 37.45 22.62 19.46
CA GLY C 17 38.85 22.38 19.12
C GLY C 17 39.44 23.68 18.63
N GLY C 18 40.32 23.60 17.64
CA GLY C 18 40.90 24.81 17.06
C GLY C 18 42.10 24.66 16.14
N VAL C 19 42.68 25.82 15.83
CA VAL C 19 43.76 25.95 14.87
C VAL C 19 45.06 26.24 15.61
N GLU C 20 46.06 25.37 15.44
CA GLU C 20 47.44 25.65 15.81
C GLU C 20 48.21 26.14 14.59
N ILE C 21 48.93 27.25 14.76
CA ILE C 21 49.65 27.89 13.66
C ILE C 21 51.13 27.48 13.65
N ILE C 22 51.59 27.01 12.51
CA ILE C 22 53.02 26.94 12.26
C ILE C 22 53.41 28.21 11.51
N ASP C 23 52.77 28.45 10.36
CA ASP C 23 52.99 29.66 9.57
C ASP C 23 51.78 29.94 8.68
N ASP C 24 50.81 30.65 9.24
CA ASP C 24 49.51 30.90 8.60
C ASP C 24 48.69 31.89 9.39
N ASP C 25 47.51 32.23 8.88
CA ASP C 25 46.54 33.06 9.59
C ASP C 25 45.35 32.18 10.02
N PRO C 26 45.05 32.13 11.33
CA PRO C 26 43.93 31.31 11.81
C PRO C 26 42.60 31.64 11.13
N ARG C 27 42.42 32.90 10.76
CA ARG C 27 41.21 33.37 10.04
C ARG C 27 40.93 32.64 8.73
N ASN C 28 41.97 32.18 8.07
CA ASN C 28 41.81 31.48 6.79
C ASN C 28 40.97 30.21 6.93
N TYR C 29 40.83 29.73 8.17
CA TYR C 29 40.20 28.44 8.45
C TYR C 29 38.76 28.54 8.91
N VAL C 30 38.34 29.76 9.27
CA VAL C 30 36.93 30.11 9.52
C VAL C 30 36.33 29.13 10.53
N PHE C 31 36.94 29.06 11.71
CA PHE C 31 36.67 27.98 12.68
C PHE C 31 35.62 28.37 13.72
N SER C 32 34.59 27.56 13.84
CA SER C 32 33.54 27.76 14.84
C SER C 32 32.94 26.42 15.24
N ASN C 33 32.14 26.44 16.31
CA ASN C 33 31.39 25.28 16.74
C ASN C 33 29.91 25.55 16.60
N VAL C 34 29.18 24.63 15.97
CA VAL C 34 27.77 24.86 15.63
C VAL C 34 26.88 24.89 16.88
N PHE C 35 27.29 24.17 17.92
CA PHE C 35 26.56 24.16 19.18
C PHE C 35 26.72 25.47 19.94
N GLU C 36 27.93 26.02 19.92
CA GLU C 36 28.18 27.34 20.49
C GLU C 36 27.41 28.43 19.75
N VAL C 37 27.46 28.38 18.41
CA VAL C 37 26.75 29.37 17.59
C VAL C 37 25.24 29.38 17.89
N ALA C 38 24.65 28.19 17.98
CA ALA C 38 23.21 28.07 18.18
C ALA C 38 22.81 28.52 19.59
N ALA C 39 23.69 28.24 20.57
CA ALA C 39 23.43 28.60 21.96
C ALA C 39 23.47 30.11 22.18
N ASN C 40 24.23 30.82 21.35
CA ASN C 40 24.32 32.27 21.45
C ASN C 40 23.29 33.02 20.61
N ALA C 41 22.62 32.33 19.70
CA ALA C 41 21.66 32.94 18.78
C ALA C 41 20.26 33.09 19.39
N ALA C 42 19.40 33.87 18.75
CA ALA C 42 18.02 34.00 19.18
C ALA C 42 17.26 32.79 18.61
N PRO C 43 16.15 32.37 19.26
CA PRO C 43 15.41 31.21 18.75
C PRO C 43 15.13 31.25 17.25
N TYR C 44 15.40 30.15 16.56
CA TYR C 44 15.19 30.02 15.10
C TYR C 44 15.92 31.00 14.18
N GLU C 45 16.83 31.80 14.74
CA GLU C 45 17.72 32.63 13.95
C GLU C 45 18.71 31.75 13.20
N ARG C 46 18.76 31.93 11.89
CA ARG C 46 19.59 31.10 11.00
C ARG C 46 20.94 31.75 10.67
N VAL C 47 21.95 31.36 11.47
CA VAL C 47 23.30 31.92 11.41
C VAL C 47 24.16 31.08 10.49
N ALA C 48 24.72 31.70 9.46
CA ALA C 48 25.61 31.00 8.54
C ALA C 48 26.90 30.54 9.25
N VAL C 49 27.23 29.25 9.13
CA VAL C 49 28.45 28.71 9.74
C VAL C 49 29.41 28.18 8.70
N GLY C 50 28.87 27.89 7.52
CA GLY C 50 29.66 27.64 6.34
C GLY C 50 29.15 28.50 5.19
N LYS C 51 30.08 28.99 4.38
CA LYS C 51 29.72 29.69 3.14
C LYS C 51 30.66 29.28 2.00
N ASN C 52 30.07 28.90 0.86
CA ASN C 52 30.86 28.60 -0.33
C ASN C 52 30.16 29.18 -1.55
N PHE C 53 30.57 30.38 -1.95
CA PHE C 53 29.83 31.23 -2.91
C PHE C 53 28.39 31.52 -2.44
N GLU C 54 27.35 31.13 -3.19
CA GLU C 54 25.94 31.39 -2.79
C GLU C 54 25.49 30.46 -1.66
N TYR C 55 26.06 29.27 -1.63
CA TYR C 55 25.63 28.20 -0.74
C TYR C 55 26.02 28.40 0.72
N VAL C 56 25.12 28.04 1.63
CA VAL C 56 25.44 28.10 3.06
C VAL C 56 25.10 26.84 3.84
N ILE C 57 25.75 26.70 4.99
CA ILE C 57 25.26 25.86 6.07
C ILE C 57 24.92 26.84 7.19
N GLU C 58 23.70 26.73 7.71
CA GLU C 58 23.24 27.63 8.77
C GLU C 58 22.97 26.82 10.03
N SER C 59 23.25 27.45 11.18
CA SER C 59 23.03 26.82 12.47
C SER C 59 21.94 27.57 13.19
N ALA C 60 21.04 26.83 13.85
CA ALA C 60 19.96 27.46 14.59
C ALA C 60 19.57 26.71 15.88
N ARG C 61 19.05 27.47 16.85
CA ARG C 61 18.42 26.87 18.03
C ARG C 61 16.89 26.91 17.91
N ALA C 62 16.30 25.73 17.76
CA ALA C 62 14.85 25.57 17.80
C ALA C 62 14.36 25.60 19.26
N GLU C 63 13.28 26.34 19.49
CA GLU C 63 12.77 26.60 20.84
C GLU C 63 11.34 27.10 20.68
N GLY C 64 10.38 26.29 21.08
CA GLY C 64 8.97 26.62 20.87
C GLY C 64 8.63 26.40 19.40
N THR C 65 7.66 27.17 18.90
CA THR C 65 7.19 27.05 17.53
C THR C 65 7.72 28.18 16.67
N SER C 66 8.33 27.87 15.52
CA SER C 66 8.78 28.91 14.59
C SER C 66 7.60 29.48 13.78
N GLY C 67 7.82 30.60 13.09
CA GLY C 67 6.91 31.00 12.03
C GLY C 67 7.12 30.08 10.83
N TRP C 68 6.30 30.24 9.79
CA TRP C 68 6.42 29.39 8.60
C TRP C 68 7.53 29.90 7.67
N PHE C 69 8.13 28.97 6.92
CA PHE C 69 9.11 29.30 5.89
C PHE C 69 8.73 28.66 4.55
N SER C 70 9.25 29.23 3.47
CA SER C 70 9.25 28.58 2.16
C SER C 70 10.45 29.03 1.33
N CYS C 71 10.75 28.27 0.27
CA CYS C 71 11.96 28.47 -0.48
C CYS C 71 11.74 28.14 -1.96
N ALA C 72 12.46 28.82 -2.85
CA ALA C 72 12.34 28.56 -4.30
C ALA C 72 13.07 27.28 -4.75
N HIS C 73 13.81 26.65 -3.83
CA HIS C 73 14.56 25.43 -4.12
C HIS C 73 14.52 24.48 -2.90
N ASP C 74 14.87 23.21 -3.10
CA ASP C 74 15.06 22.25 -2.00
C ASP C 74 16.00 22.75 -0.91
N GLU C 75 15.74 22.35 0.34
CA GLU C 75 16.71 22.53 1.42
C GLU C 75 16.68 21.28 2.27
N PHE C 76 17.66 21.14 3.15
CA PHE C 76 17.68 20.00 4.06
C PHE C 76 17.95 20.50 5.48
N VAL C 77 17.39 19.79 6.44
CA VAL C 77 17.60 20.11 7.83
C VAL C 77 18.16 18.88 8.55
N LEU C 78 19.23 19.08 9.31
CA LEU C 78 19.79 18.00 10.12
C LEU C 78 19.68 18.37 11.60
N ALA C 79 19.05 17.49 12.36
CA ALA C 79 18.91 17.68 13.81
C ALA C 79 20.22 17.27 14.47
N MET C 80 20.75 18.17 15.29
CA MET C 80 22.06 17.96 15.90
C MET C 80 22.04 17.68 17.40
N ASP C 81 20.91 17.95 18.06
CA ASP C 81 20.78 17.73 19.51
C ASP C 81 19.36 18.02 19.98
N GLY C 82 18.60 16.96 20.27
CA GLY C 82 17.28 17.15 20.87
C GLY C 82 16.19 16.98 19.85
N GLN C 83 14.95 16.86 20.32
CA GLN C 83 13.84 16.49 19.46
C GLN C 83 13.15 17.70 18.78
N ILE C 84 13.09 17.66 17.46
CA ILE C 84 12.46 18.73 16.69
C ILE C 84 11.37 18.18 15.77
N GLU C 85 10.21 18.85 15.78
CA GLU C 85 9.07 18.49 14.93
C GLU C 85 9.05 19.36 13.68
N VAL C 86 8.86 18.71 12.53
CA VAL C 86 8.72 19.44 11.27
C VAL C 86 7.29 19.29 10.75
N HIS C 87 6.66 20.43 10.48
CA HIS C 87 5.30 20.45 9.90
C HIS C 87 5.40 20.90 8.44
N LEU C 88 4.79 20.12 7.54
CA LEU C 88 4.81 20.43 6.11
C LEU C 88 3.43 20.78 5.53
N LEU C 89 3.38 21.88 4.78
CA LEU C 89 2.17 22.31 4.09
C LEU C 89 2.41 22.56 2.60
N LYS C 90 1.65 21.88 1.75
CA LYS C 90 1.72 22.11 0.30
C LYS C 90 0.96 23.39 -0.08
N LEU C 91 1.69 24.44 -0.44
CA LEU C 91 1.08 25.73 -0.79
C LEU C 91 0.23 25.69 -2.07
N ASP C 92 -0.96 26.31 -2.01
CA ASP C 92 -1.86 26.47 -3.16
C ASP C 92 -1.19 27.28 -4.27
N ASN C 93 -0.56 28.39 -3.89
CA ASN C 93 0.07 29.32 -4.80
C ASN C 93 1.42 29.75 -4.21
N SER C 94 2.46 28.94 -4.40
CA SER C 94 3.77 29.21 -3.77
C SER C 94 4.39 30.53 -4.23
N ASP C 95 4.12 30.92 -5.48
CA ASP C 95 4.54 32.22 -6.00
C ASP C 95 3.95 33.41 -5.24
N ALA C 96 2.87 33.17 -4.48
CA ALA C 96 2.26 34.21 -3.64
C ALA C 96 3.06 34.46 -2.36
N TYR C 97 3.92 33.52 -1.99
CA TYR C 97 4.70 33.67 -0.77
C TYR C 97 6.19 33.84 -1.06
N VAL C 98 6.69 33.11 -2.05
CA VAL C 98 8.11 33.14 -2.38
C VAL C 98 8.30 33.39 -3.86
N ASP C 99 9.12 34.39 -4.14
CA ASP C 99 9.58 34.72 -5.47
C ASP C 99 10.36 33.52 -6.01
N PRO C 100 9.90 32.92 -7.12
CA PRO C 100 10.82 31.91 -7.66
C PRO C 100 11.96 32.66 -8.36
N ASP C 101 12.99 31.95 -8.81
CA ASP C 101 14.22 32.62 -9.30
C ASP C 101 14.98 33.41 -8.19
N SER C 102 14.34 33.66 -7.05
CA SER C 102 15.03 34.09 -5.81
C SER C 102 15.65 32.86 -5.12
N GLU C 103 16.47 33.08 -4.11
CA GLU C 103 17.08 31.96 -3.37
C GLU C 103 17.27 32.17 -1.86
N GLY C 104 17.38 31.05 -1.13
CA GLY C 104 17.40 31.05 0.33
C GLY C 104 16.00 30.98 0.90
N ALA C 105 15.88 30.54 2.15
CA ALA C 105 14.58 30.48 2.79
C ALA C 105 13.97 31.88 2.96
N VAL C 106 12.65 31.93 2.93
CA VAL C 106 11.87 33.15 3.14
C VAL C 106 10.98 32.91 4.37
N ALA C 107 10.95 33.87 5.29
CA ALA C 107 10.06 33.80 6.47
C ALA C 107 8.69 34.29 6.02
N ILE C 108 7.69 33.44 6.07
CA ILE C 108 6.39 33.81 5.51
C ILE C 108 5.30 34.12 6.55
N GLY C 109 5.67 34.28 7.82
CA GLY C 109 4.72 34.67 8.86
C GLY C 109 4.23 33.57 9.79
N GLU C 110 3.66 33.99 10.92
CA GLU C 110 3.14 33.06 11.93
C GLU C 110 1.80 32.47 11.53
N ALA C 111 0.98 33.29 10.88
CA ALA C 111 -0.31 32.84 10.34
C ALA C 111 -0.12 31.67 9.38
N LEU C 112 -0.99 30.68 9.51
CA LEU C 112 -1.03 29.52 8.64
C LEU C 112 -1.21 29.95 7.18
N PRO C 113 -0.32 29.48 6.28
CA PRO C 113 -0.47 29.78 4.83
C PRO C 113 -1.59 28.97 4.17
N GLU C 114 -1.99 29.38 2.97
CA GLU C 114 -3.08 28.70 2.26
C GLU C 114 -2.61 27.44 1.55
N GLY C 115 -3.18 26.29 1.91
CA GLY C 115 -2.81 25.05 1.25
C GLY C 115 -3.25 23.77 1.95
N ARG C 116 -2.63 22.66 1.60
CA ARG C 116 -2.98 21.34 2.13
C ARG C 116 -1.94 20.80 3.09
N LYS C 117 -2.40 20.09 4.12
CA LYS C 117 -1.53 19.38 5.06
C LYS C 117 -0.76 18.29 4.31
N MET C 118 0.56 18.34 4.39
CA MET C 118 1.42 17.36 3.73
C MET C 118 1.80 16.20 4.63
N GLY C 119 2.31 16.53 5.80
CA GLY C 119 2.66 15.53 6.80
C GLY C 119 3.44 16.11 7.96
N ARG C 120 3.93 15.22 8.80
CA ARG C 120 4.64 15.61 10.02
C ARG C 120 5.86 14.71 10.16
N ILE C 121 6.98 15.31 10.58
CA ILE C 121 8.19 14.54 10.80
C ILE C 121 8.68 14.83 12.22
N VAL C 122 9.03 13.78 12.96
CA VAL C 122 9.73 14.00 14.24
C VAL C 122 11.21 13.60 14.18
N LEU C 123 12.08 14.60 14.28
CA LEU C 123 13.53 14.39 14.21
C LEU C 123 14.22 14.33 15.59
N ARG C 124 15.11 13.36 15.75
CA ARG C 124 16.06 13.41 16.85
C ARG C 124 17.51 13.57 16.37
N ARG C 125 18.45 13.65 17.29
CA ARG C 125 19.87 13.82 16.96
C ARG C 125 20.30 12.91 15.81
N GLY C 126 20.92 13.52 14.79
CA GLY C 126 21.44 12.80 13.64
C GLY C 126 20.45 12.46 12.54
N HIS C 127 19.21 12.93 12.69
CA HIS C 127 18.18 12.71 11.69
C HIS C 127 18.09 13.90 10.74
N MET C 128 18.01 13.60 9.44
CA MET C 128 17.92 14.61 8.37
C MET C 128 16.58 14.52 7.63
N ALA C 129 15.98 15.68 7.36
CA ALA C 129 14.74 15.74 6.57
C ALA C 129 14.86 16.61 5.31
N LEU C 130 14.17 16.18 4.27
CA LEU C 130 13.91 17.00 3.08
C LEU C 130 12.96 18.14 3.43
N LEU C 131 13.36 19.36 3.07
CA LEU C 131 12.46 20.52 3.04
C LEU C 131 12.17 20.85 1.56
N PRO C 132 11.08 20.29 1.01
CA PRO C 132 10.88 20.25 -0.46
C PRO C 132 10.36 21.56 -1.03
N VAL C 133 10.90 21.95 -2.20
CA VAL C 133 10.38 23.14 -2.94
C VAL C 133 8.87 23.04 -3.17
N GLY C 134 8.18 24.16 -3.03
CA GLY C 134 6.71 24.16 -3.13
C GLY C 134 5.99 23.88 -1.81
N ALA C 135 6.74 23.63 -0.74
CA ALA C 135 6.15 23.41 0.57
C ALA C 135 6.42 24.60 1.49
N ALA C 136 5.51 24.81 2.42
CA ALA C 136 5.79 25.66 3.58
C ALA C 136 6.18 24.73 4.74
N TYR C 137 7.14 25.15 5.55
CA TYR C 137 7.55 24.33 6.71
C TYR C 137 7.62 25.16 7.97
N ARG C 138 7.40 24.49 9.10
CA ARG C 138 7.44 25.11 10.41
C ARG C 138 8.09 24.12 11.37
N PHE C 139 8.68 24.62 12.46
CA PHE C 139 9.21 23.74 13.51
C PHE C 139 8.58 23.92 14.89
N TYR C 140 8.55 22.83 15.66
CA TYR C 140 8.23 22.88 17.09
C TYR C 140 9.23 22.09 17.92
N ALA C 141 9.79 22.73 18.94
CA ALA C 141 10.72 22.07 19.84
C ALA C 141 10.32 22.37 21.29
N GLU C 142 10.02 21.33 22.04
CA GLU C 142 9.63 21.50 23.45
C GLU C 142 10.75 22.11 24.32
N GLN C 143 11.98 21.65 24.12
CA GLN C 143 13.17 22.20 24.79
C GLN C 143 14.15 22.68 23.72
N PRO C 144 15.00 23.68 24.03
CA PRO C 144 15.98 24.11 23.04
C PRO C 144 16.71 22.94 22.40
N ALA C 145 16.81 22.96 21.08
CA ALA C 145 17.47 21.93 20.33
C ALA C 145 18.30 22.59 19.23
N ALA C 146 19.43 21.97 18.88
CA ALA C 146 20.32 22.47 17.83
C ALA C 146 20.00 21.85 16.47
N MET C 147 20.09 22.66 15.40
CA MET C 147 19.79 22.17 14.06
C MET C 147 20.63 22.84 13.00
N LEU C 148 20.77 22.18 11.86
CA LEU C 148 21.57 22.66 10.74
C LEU C 148 20.79 22.62 9.42
N PHE C 149 20.92 23.70 8.65
CA PHE C 149 20.28 23.79 7.34
C PHE C 149 21.31 23.77 6.21
N GLN C 150 21.05 22.95 5.20
CA GLN C 150 21.76 23.00 3.94
C GLN C 150 20.92 23.87 2.98
N SER C 151 21.42 25.07 2.67
CA SER C 151 20.64 26.04 1.88
C SER C 151 21.48 27.00 1.03
N ILE C 152 20.86 28.10 0.62
CA ILE C 152 21.52 29.18 -0.11
C ILE C 152 21.36 30.49 0.67
N GLU C 153 22.40 31.31 0.69
CA GLU C 153 22.36 32.67 1.26
C GLU C 153 21.08 33.41 0.85
N GLY C 154 20.31 33.88 1.82
CA GLY C 154 19.07 34.59 1.50
C GLY C 154 18.60 35.61 2.51
N ALA C 155 17.28 35.80 2.55
CA ALA C 155 16.59 36.78 3.37
C ALA C 155 16.67 36.48 4.88
N VAL C 156 16.80 35.21 5.24
CA VAL C 156 16.87 34.83 6.66
C VAL C 156 18.29 34.49 7.13
N THR C 157 19.25 34.48 6.20
CA THR C 157 20.63 34.12 6.51
C THR C 157 21.35 35.24 7.27
N VAL C 158 21.69 34.97 8.52
CA VAL C 158 22.41 35.93 9.35
C VAL C 158 23.92 35.65 9.26
N GLN C 159 24.67 36.67 8.86
CA GLN C 159 26.13 36.56 8.79
C GLN C 159 26.82 37.33 9.90
N LYS C 160 27.72 36.64 10.60
CA LYS C 160 28.55 37.24 11.66
C LYS C 160 29.82 36.45 11.94
N TRP C 161 30.72 36.41 10.95
CA TRP C 161 31.93 35.58 10.99
C TRP C 161 32.99 36.08 11.99
N GLY C 162 33.03 37.38 12.23
CA GLY C 162 33.98 37.99 13.17
C GLY C 162 33.68 37.60 14.62
N GLU C 163 32.40 37.37 14.89
CA GLU C 163 31.91 36.98 16.21
C GLU C 163 31.96 35.47 16.45
N ILE C 164 31.62 34.67 15.42
CA ILE C 164 31.53 33.21 15.57
C ILE C 164 32.86 32.44 15.43
N CYS C 165 33.74 32.90 14.53
CA CYS C 165 34.96 32.18 14.19
C CYS C 165 36.18 32.56 15.03
N GLN C 166 37.25 31.78 14.86
CA GLN C 166 38.52 31.98 15.55
C GLN C 166 39.37 33.03 14.80
N THR C 167 39.63 34.17 15.45
CA THR C 167 40.39 35.26 14.82
C THR C 167 41.87 35.24 15.24
N GLU C 168 42.17 34.47 16.28
CA GLU C 168 43.50 34.35 16.86
C GLU C 168 43.92 32.88 17.00
N SER D 15 49.40 20.65 -28.27
CA SER D 15 49.55 19.17 -28.21
C SER D 15 48.47 18.52 -27.33
N LYS D 16 48.08 17.29 -27.71
CA LYS D 16 46.97 16.58 -27.06
C LYS D 16 47.37 15.81 -25.79
N ALA D 17 46.35 15.26 -25.12
CA ALA D 17 46.54 14.39 -23.96
C ALA D 17 46.84 12.98 -24.42
N ARG D 18 47.36 12.17 -23.51
CA ARG D 18 47.99 10.90 -23.83
C ARG D 18 47.12 9.67 -23.50
N THR D 19 47.37 8.55 -24.17
CA THR D 19 46.63 7.31 -23.89
C THR D 19 47.48 6.03 -23.88
N ASP D 20 48.80 6.15 -24.03
CA ASP D 20 49.64 4.95 -24.13
C ASP D 20 49.91 4.29 -22.77
N THR D 21 49.26 3.16 -22.53
CA THR D 21 49.50 2.37 -21.33
C THR D 21 49.77 0.93 -21.76
N GLU D 22 50.38 0.16 -20.85
CA GLU D 22 50.82 -1.19 -21.20
C GLU D 22 50.96 -2.10 -19.99
N HIS D 23 50.62 -3.37 -20.20
CA HIS D 23 50.89 -4.44 -19.24
C HIS D 23 52.28 -5.03 -19.51
N LEU D 24 53.27 -4.66 -18.70
CA LEU D 24 54.63 -5.20 -18.86
C LEU D 24 54.66 -6.64 -18.32
N ALA D 25 55.84 -7.21 -18.14
CA ALA D 25 55.96 -8.62 -17.76
C ALA D 25 55.51 -8.94 -16.30
N ILE D 26 55.18 -10.22 -16.08
CA ILE D 26 54.91 -10.74 -14.75
C ILE D 26 56.21 -11.30 -14.16
N ASN D 27 56.62 -10.80 -12.98
CA ASN D 27 57.82 -11.31 -12.31
C ASN D 27 57.61 -12.71 -11.76
N ASN D 28 58.54 -13.62 -12.07
CA ASN D 28 58.39 -15.01 -11.66
C ASN D 28 58.55 -15.33 -10.17
N GLU D 29 59.41 -14.61 -9.44
CA GLU D 29 59.51 -14.84 -7.99
C GLU D 29 58.46 -14.11 -7.16
N THR D 30 58.23 -12.83 -7.44
CA THR D 30 57.25 -12.05 -6.66
C THR D 30 55.80 -12.39 -7.01
N GLY D 31 55.55 -12.79 -8.25
CA GLY D 31 54.21 -13.14 -8.71
C GLY D 31 53.40 -11.98 -9.26
N TYR D 32 53.95 -10.76 -9.17
CA TYR D 32 53.25 -9.52 -9.53
C TYR D 32 53.58 -9.04 -10.94
N ARG D 33 52.61 -8.37 -11.57
CA ARG D 33 52.82 -7.78 -12.87
C ARG D 33 53.25 -6.33 -12.72
N SER D 34 54.07 -5.84 -13.64
CA SER D 34 54.44 -4.44 -13.63
C SER D 34 53.72 -3.75 -14.78
N PHE D 35 53.58 -2.44 -14.70
CA PHE D 35 52.75 -1.68 -15.65
C PHE D 35 53.43 -0.41 -16.11
N ARG D 36 52.98 0.12 -17.24
CA ARG D 36 53.50 1.38 -17.77
C ARG D 36 52.35 2.32 -18.10
N ALA D 37 52.51 3.60 -17.77
CA ALA D 37 51.62 4.62 -18.24
C ALA D 37 52.45 5.81 -18.68
N GLY D 38 52.49 6.06 -20.00
CA GLY D 38 53.39 7.06 -20.58
C GLY D 38 54.83 6.69 -20.30
N GLY D 39 55.56 7.63 -19.71
CA GLY D 39 56.95 7.38 -19.28
C GLY D 39 57.14 6.85 -17.86
N PHE D 40 56.03 6.54 -17.19
CA PHE D 40 56.03 6.02 -15.82
C PHE D 40 55.95 4.51 -15.84
N THR D 41 56.78 3.84 -15.04
CA THR D 41 56.65 2.40 -14.86
C THR D 41 56.25 2.11 -13.41
N PHE D 42 55.54 1.00 -13.22
CA PHE D 42 54.99 0.68 -11.92
C PHE D 42 55.31 -0.74 -11.56
N THR D 43 56.07 -0.91 -10.47
CA THR D 43 56.48 -2.22 -9.98
C THR D 43 56.32 -2.33 -8.44
N ARG D 44 55.81 -3.45 -7.96
CA ARG D 44 55.77 -3.71 -6.52
C ARG D 44 56.51 -5.00 -6.22
N ASP D 45 57.10 -5.07 -5.02
CA ASP D 45 57.71 -6.31 -4.56
C ASP D 45 57.10 -6.64 -3.21
N GLU D 46 57.86 -7.28 -2.33
CA GLU D 46 57.34 -7.76 -1.05
C GLU D 46 56.88 -6.63 -0.13
N TYR D 47 57.55 -5.48 -0.23
CA TYR D 47 57.39 -4.39 0.73
C TYR D 47 57.02 -3.06 0.09
N PHE D 48 57.32 -2.88 -1.20
CA PHE D 48 57.33 -1.53 -1.78
C PHE D 48 56.61 -1.41 -3.10
N ALA D 49 56.21 -0.17 -3.42
CA ALA D 49 55.88 0.19 -4.78
C ALA D 49 57.03 1.03 -5.30
N ARG D 50 57.56 0.60 -6.45
CA ARG D 50 58.70 1.23 -7.08
C ARG D 50 58.22 1.94 -8.34
N LEU D 51 58.47 3.25 -8.38
CA LEU D 51 58.05 4.07 -9.51
C LEU D 51 59.25 4.62 -10.26
N THR D 52 59.16 4.64 -11.59
CA THR D 52 60.18 5.29 -12.41
C THR D 52 59.52 6.24 -13.39
N TRP D 53 60.18 7.35 -13.64
CA TRP D 53 59.84 8.21 -14.75
C TRP D 53 61.16 8.55 -15.47
N PRO D 54 61.10 9.19 -16.65
CA PRO D 54 62.34 9.64 -17.30
C PRO D 54 63.14 10.60 -16.42
N GLY D 55 64.32 10.17 -15.98
CA GLY D 55 65.19 11.01 -15.15
C GLY D 55 65.06 10.86 -13.63
N GLY D 56 64.28 9.88 -13.18
CA GLY D 56 64.04 9.77 -11.74
C GLY D 56 63.32 8.52 -11.28
N SER D 57 63.39 8.30 -9.97
CA SER D 57 62.85 7.10 -9.34
C SER D 57 62.35 7.42 -7.94
N HIS D 58 61.43 6.59 -7.43
CA HIS D 58 60.83 6.78 -6.10
C HIS D 58 60.27 5.48 -5.52
N ILE D 59 60.24 5.40 -4.19
CA ILE D 59 59.66 4.26 -3.47
C ILE D 59 58.60 4.70 -2.44
N ILE D 60 57.52 3.93 -2.36
CA ILE D 60 56.46 4.12 -1.38
C ILE D 60 56.17 2.75 -0.77
N PRO D 61 56.10 2.66 0.59
CA PRO D 61 55.67 1.38 1.22
C PRO D 61 54.35 0.92 0.63
N ILE D 62 54.23 -0.37 0.34
CA ILE D 62 53.13 -0.86 -0.48
C ILE D 62 51.73 -0.69 0.16
N ASP D 63 51.66 -0.68 1.49
CA ASP D 63 50.39 -0.47 2.17
C ASP D 63 49.85 0.93 1.95
N ALA D 64 50.69 1.93 2.22
CA ALA D 64 50.37 3.35 1.93
C ALA D 64 49.99 3.57 0.46
N PHE D 65 50.75 2.97 -0.45
CA PHE D 65 50.49 3.16 -1.87
C PHE D 65 49.13 2.59 -2.25
N LEU D 66 48.85 1.36 -1.83
CA LEU D 66 47.58 0.70 -2.16
C LEU D 66 46.38 1.44 -1.59
N ARG D 67 46.50 1.90 -0.33
CA ARG D 67 45.46 2.69 0.31
C ARG D 67 45.19 3.97 -0.49
N ALA D 68 46.26 4.63 -0.94
CA ALA D 68 46.14 5.87 -1.72
C ALA D 68 45.58 5.61 -3.11
N MET D 69 46.09 4.55 -3.75
CA MET D 69 45.58 4.12 -5.06
C MET D 69 44.08 3.82 -4.99
N MET D 70 43.67 3.04 -3.99
CA MET D 70 42.25 2.78 -3.74
C MET D 70 41.39 4.05 -3.80
N ARG D 71 41.83 5.10 -3.11
CA ARG D 71 41.08 6.36 -3.08
C ARG D 71 40.96 7.04 -4.44
N ASP D 72 42.09 7.18 -5.15
CA ASP D 72 42.13 7.85 -6.46
C ASP D 72 41.20 7.16 -7.46
N VAL D 73 41.28 5.83 -7.53
CA VAL D 73 40.34 5.02 -8.33
C VAL D 73 38.90 5.32 -7.89
N ALA D 74 38.57 5.05 -6.63
CA ALA D 74 37.18 5.18 -6.14
C ALA D 74 36.59 6.57 -6.31
N TRP D 75 37.42 7.61 -6.14
CA TRP D 75 36.94 8.99 -6.29
C TRP D 75 37.02 9.51 -7.72
N GLY D 76 37.35 8.65 -8.68
CA GLY D 76 37.50 9.08 -10.08
C GLY D 76 38.43 10.28 -10.24
N PHE D 77 39.55 10.26 -9.51
CA PHE D 77 40.56 11.34 -9.46
C PHE D 77 40.14 12.57 -8.64
N PHE D 78 38.92 12.58 -8.11
CA PHE D 78 38.52 13.53 -7.06
C PHE D 78 38.63 15.00 -7.55
N TYR D 79 38.83 15.94 -6.63
CA TYR D 79 38.99 17.35 -6.99
C TYR D 79 40.44 17.76 -6.88
N GLY D 80 40.90 18.59 -7.82
CA GLY D 80 42.28 19.10 -7.78
C GLY D 80 43.34 18.02 -7.61
N VAL D 81 44.23 18.22 -6.63
CA VAL D 81 45.42 17.39 -6.47
C VAL D 81 45.22 16.28 -5.44
N VAL D 82 45.51 15.06 -5.87
CA VAL D 82 45.60 13.92 -4.98
C VAL D 82 47.07 13.49 -4.88
N ASN D 83 47.77 14.06 -3.89
CA ASN D 83 49.15 13.68 -3.57
C ASN D 83 49.20 12.33 -2.81
N PHE D 84 49.78 11.30 -3.41
CA PHE D 84 50.04 10.03 -2.69
C PHE D 84 50.99 10.30 -1.52
N ASP D 85 52.02 11.12 -1.75
CA ASP D 85 52.96 11.55 -0.71
C ASP D 85 53.58 12.89 -1.11
N HIS D 86 54.74 13.19 -0.54
CA HIS D 86 55.46 14.44 -0.82
C HIS D 86 56.05 14.49 -2.27
N VAL D 87 55.88 13.39 -3.01
CA VAL D 87 56.46 13.31 -4.38
C VAL D 87 55.43 13.01 -5.47
N PHE D 88 54.70 11.91 -5.33
CA PHE D 88 53.89 11.36 -6.40
C PHE D 88 52.39 11.62 -6.23
N GLY D 89 51.69 11.92 -7.34
CA GLY D 89 50.25 12.16 -7.31
C GLY D 89 49.61 12.47 -8.65
N THR D 90 48.32 12.82 -8.64
CA THR D 90 47.56 13.15 -9.85
C THR D 90 46.86 14.49 -9.68
N ILE D 91 46.65 15.19 -10.79
CA ILE D 91 45.77 16.36 -10.79
C ILE D 91 44.64 16.05 -11.74
N ASN D 92 43.42 16.29 -11.29
CA ASN D 92 42.24 16.13 -12.13
C ASN D 92 41.94 17.40 -12.91
N HIS D 93 41.75 17.26 -14.21
CA HIS D 93 41.27 18.37 -15.05
C HIS D 93 39.86 18.08 -15.57
N TYR D 94 39.28 16.97 -15.10
CA TYR D 94 37.90 16.56 -15.42
C TYR D 94 37.79 16.22 -16.89
N GLY D 95 38.06 14.95 -17.21
CA GLY D 95 38.14 14.48 -18.59
C GLY D 95 39.58 14.15 -18.92
N GLU D 96 40.48 14.88 -18.30
CA GLU D 96 41.91 14.64 -18.43
C GLU D 96 42.58 14.69 -17.06
N VAL D 97 43.75 14.08 -16.96
CA VAL D 97 44.42 13.93 -15.68
C VAL D 97 45.95 13.96 -15.81
N THR D 98 46.59 14.83 -15.02
CA THR D 98 48.05 14.89 -14.96
C THR D 98 48.63 14.01 -13.84
N MET D 99 49.52 13.09 -14.21
CA MET D 99 50.29 12.32 -13.25
C MET D 99 51.64 13.00 -13.07
N PHE D 100 52.14 13.08 -11.83
CA PHE D 100 53.38 13.81 -11.54
C PHE D 100 54.33 13.16 -10.54
N ALA D 101 55.60 13.54 -10.66
CA ALA D 101 56.61 13.33 -9.64
C ALA D 101 57.30 14.65 -9.36
N GLY D 102 57.15 15.14 -8.13
CA GLY D 102 57.86 16.33 -7.68
C GLY D 102 57.24 17.66 -8.02
N ARG D 103 56.10 17.66 -8.67
CA ARG D 103 55.46 18.90 -9.10
C ARG D 103 55.10 19.80 -7.92
N PHE D 104 54.73 19.20 -6.79
CA PHE D 104 54.34 20.01 -5.64
C PHE D 104 55.35 19.86 -4.50
N ASN D 105 56.61 19.74 -4.89
CA ASN D 105 57.72 19.58 -3.98
C ASN D 105 58.79 20.63 -4.31
N ASP D 106 58.97 21.60 -3.42
CA ASP D 106 59.89 22.71 -3.65
C ASP D 106 61.28 22.28 -4.10
N ALA D 107 61.76 21.13 -3.62
CA ALA D 107 63.12 20.71 -3.92
C ALA D 107 63.28 20.23 -5.35
N TYR D 108 62.39 19.34 -5.79
CA TYR D 108 62.36 18.91 -7.19
C TYR D 108 62.14 20.10 -8.15
N ARG D 109 61.20 20.98 -7.78
CA ARG D 109 60.81 22.09 -8.62
C ARG D 109 61.91 23.14 -8.78
N ASN D 110 62.53 23.53 -7.67
CA ASN D 110 63.63 24.50 -7.75
C ASN D 110 64.77 24.01 -8.64
N ALA D 111 64.92 22.69 -8.72
CA ALA D 111 66.01 22.08 -9.47
C ALA D 111 65.64 21.67 -10.90
N GLY D 112 64.37 21.87 -11.26
CA GLY D 112 63.87 21.46 -12.58
C GLY D 112 63.83 19.94 -12.74
N ARG D 113 63.59 19.21 -11.66
CA ARG D 113 63.56 17.74 -11.73
C ARG D 113 62.17 17.14 -11.62
N ASP D 114 61.14 17.99 -11.53
CA ASP D 114 59.76 17.52 -11.52
C ASP D 114 59.37 17.07 -12.92
N HIS D 115 58.64 15.98 -12.99
CA HIS D 115 58.17 15.45 -14.26
C HIS D 115 56.65 15.28 -14.19
N GLU D 116 55.95 15.69 -15.25
CA GLU D 116 54.49 15.48 -15.31
C GLU D 116 54.03 15.05 -16.71
N GLU D 117 53.04 14.15 -16.76
CA GLU D 117 52.48 13.64 -18.02
C GLU D 117 50.95 13.71 -17.96
N ARG D 118 50.34 14.30 -18.98
CA ARG D 118 48.88 14.50 -19.08
C ARG D 118 48.19 13.41 -19.90
N PHE D 119 47.18 12.78 -19.32
CA PHE D 119 46.48 11.67 -19.97
C PHE D 119 45.00 11.94 -20.19
N LYS D 120 44.39 11.19 -21.10
CA LYS D 120 42.94 11.01 -21.13
C LYS D 120 42.56 10.24 -19.87
N SER D 121 41.62 10.78 -19.11
CA SER D 121 41.23 10.17 -17.84
C SER D 121 40.88 8.69 -17.92
N SER D 122 40.12 8.28 -18.93
CA SER D 122 39.79 6.87 -19.11
C SER D 122 41.01 5.99 -19.27
N ALA D 123 42.02 6.50 -19.96
CA ALA D 123 43.21 5.70 -20.24
C ALA D 123 44.02 5.46 -18.96
N LEU D 124 44.21 6.54 -18.18
CA LEU D 124 44.94 6.44 -16.92
C LEU D 124 44.20 5.57 -15.89
N MET D 125 42.87 5.66 -15.85
CA MET D 125 42.06 4.94 -14.87
C MET D 125 42.13 3.45 -15.13
N ALA D 126 42.04 3.07 -16.40
CA ALA D 126 42.05 1.66 -16.77
C ALA D 126 43.33 0.98 -16.23
N VAL D 127 44.47 1.65 -16.37
CA VAL D 127 45.72 1.08 -15.85
C VAL D 127 45.78 1.13 -14.31
N PHE D 128 45.30 2.23 -13.71
CA PHE D 128 45.17 2.28 -12.24
C PHE D 128 44.37 1.11 -11.66
N LYS D 129 43.23 0.81 -12.26
CA LYS D 129 42.42 -0.34 -11.85
C LYS D 129 43.15 -1.67 -12.00
N ASP D 130 43.97 -1.78 -13.05
CA ASP D 130 44.75 -3.02 -13.27
C ASP D 130 45.85 -3.20 -12.23
N ILE D 131 46.56 -2.10 -11.92
CA ILE D 131 47.56 -2.07 -10.88
C ILE D 131 46.94 -2.46 -9.53
N LEU D 132 45.87 -1.74 -9.17
CA LEU D 132 45.17 -1.98 -7.90
C LEU D 132 44.70 -3.43 -7.77
N SER D 133 44.16 -4.01 -8.86
CA SER D 133 43.70 -5.40 -8.86
C SER D 133 44.82 -6.40 -8.65
N ASP D 134 45.89 -6.22 -9.41
CA ASP D 134 47.01 -7.16 -9.42
C ASP D 134 47.79 -7.12 -8.10
N TRP D 135 47.97 -5.91 -7.56
CA TRP D 135 48.79 -5.70 -6.37
C TRP D 135 48.11 -6.00 -5.02
N THR D 136 46.78 -6.06 -5.01
CA THR D 136 46.02 -6.34 -3.81
C THR D 136 45.83 -7.85 -3.65
N VAL D 137 46.25 -8.39 -2.51
CA VAL D 137 46.24 -9.82 -2.24
C VAL D 137 45.05 -10.21 -1.37
N GLU D 138 44.78 -11.52 -1.31
CA GLU D 138 43.66 -12.06 -0.54
C GLU D 138 43.70 -11.63 0.93
N GLY D 139 42.55 -11.22 1.46
CA GLY D 139 42.44 -10.81 2.87
C GLY D 139 42.96 -9.41 3.22
N TYR D 140 43.43 -8.66 2.22
CA TYR D 140 43.82 -7.26 2.40
C TYR D 140 42.81 -6.35 1.72
N ASP D 141 42.27 -5.40 2.46
CA ASP D 141 41.26 -4.48 1.94
C ASP D 141 41.78 -3.07 2.16
N PRO D 142 42.21 -2.40 1.05
CA PRO D 142 42.83 -1.08 1.16
C PRO D 142 41.85 0.07 1.42
N PHE D 143 40.56 -0.27 1.52
CA PHE D 143 39.52 0.68 1.86
C PHE D 143 39.23 0.62 3.36
N ALA D 144 39.89 -0.33 4.05
CA ALA D 144 39.69 -0.52 5.50
C ALA D 144 40.76 0.16 6.38
N ALA D 145 40.48 0.27 7.69
CA ALA D 145 41.45 0.70 8.68
C ALA D 145 42.37 -0.47 8.99
N PRO D 146 43.62 -0.20 9.44
CA PRO D 146 44.53 -1.33 9.71
C PRO D 146 43.99 -2.42 10.67
N MET D 147 43.31 -2.04 11.76
CA MET D 147 42.78 -3.05 12.69
C MET D 147 41.66 -3.93 12.11
N GLU D 148 41.11 -3.53 10.97
CA GLU D 148 39.97 -4.20 10.36
C GLU D 148 40.39 -5.24 9.31
N THR D 149 41.64 -5.22 8.89
CA THR D 149 42.02 -6.06 7.75
C THR D 149 43.39 -6.73 7.92
N GLY D 150 43.78 -7.56 6.94
CA GLY D 150 45.07 -8.24 6.95
C GLY D 150 46.18 -7.37 6.38
N LEU D 151 47.25 -8.00 5.91
CA LEU D 151 48.47 -7.31 5.46
C LEU D 151 48.76 -7.47 3.96
N PRO D 152 49.38 -6.46 3.33
CA PRO D 152 49.70 -6.53 1.90
C PRO D 152 51.12 -7.04 1.57
N TRP D 153 51.94 -7.32 2.59
CA TRP D 153 53.35 -7.73 2.40
C TRP D 153 53.53 -9.07 1.66
N GLY D 154 54.68 -9.23 1.01
CA GLY D 154 55.10 -10.54 0.52
C GLY D 154 54.68 -10.77 -0.91
N ILE D 155 54.79 -12.03 -1.35
CA ILE D 155 54.53 -12.37 -2.75
C ILE D 155 53.03 -12.47 -3.06
N LYS D 156 52.71 -12.44 -4.34
CA LYS D 156 51.33 -12.53 -4.78
C LYS D 156 50.65 -13.76 -4.19
N ASN D 157 49.50 -13.54 -3.57
CA ASN D 157 48.69 -14.63 -3.02
C ASN D 157 47.22 -14.32 -3.20
N GLY D 158 46.66 -14.76 -4.32
CA GLY D 158 45.27 -14.49 -4.65
C GLY D 158 45.01 -13.01 -4.88
N ASN D 159 43.75 -12.62 -4.68
CA ASN D 159 43.31 -11.24 -4.89
C ASN D 159 42.19 -10.85 -3.92
N ASN D 160 41.88 -9.56 -3.86
CA ASN D 160 40.67 -9.11 -3.18
C ASN D 160 39.88 -8.17 -4.09
N ASP D 161 39.48 -8.67 -5.25
CA ASP D 161 38.78 -7.88 -6.25
C ASP D 161 37.43 -7.31 -5.79
N GLU D 162 36.75 -8.05 -4.92
CA GLU D 162 35.51 -7.56 -4.31
C GLU D 162 35.69 -6.29 -3.49
N ALA D 163 36.75 -6.22 -2.68
CA ALA D 163 37.01 -5.06 -1.84
C ALA D 163 37.31 -3.79 -2.66
N ILE D 164 37.95 -3.97 -3.82
CA ILE D 164 38.35 -2.83 -4.64
C ILE D 164 37.32 -2.53 -5.74
N SER D 165 36.26 -3.33 -5.80
CA SER D 165 35.18 -3.19 -6.81
C SER D 165 33.86 -2.66 -6.27
N ARG D 166 33.85 -2.13 -5.06
CA ARG D 166 32.62 -1.62 -4.45
C ARG D 166 32.00 -0.50 -5.29
N GLN D 167 30.69 -0.60 -5.50
CA GLN D 167 29.90 0.41 -6.20
C GLN D 167 29.91 1.73 -5.43
N ARG D 168 30.16 2.83 -6.14
CA ARG D 168 29.99 4.16 -5.57
C ARG D 168 28.51 4.32 -5.23
N VAL D 169 28.24 5.01 -4.11
CA VAL D 169 26.88 5.40 -3.77
C VAL D 169 26.81 6.93 -3.80
N THR D 170 25.76 7.44 -4.45
CA THR D 170 25.56 8.87 -4.65
C THR D 170 24.05 9.19 -4.66
N ALA D 171 23.63 10.05 -3.73
CA ALA D 171 22.27 10.57 -3.77
C ALA D 171 22.10 11.56 -4.92
N ARG D 172 21.04 11.37 -5.69
CA ARG D 172 20.57 12.39 -6.64
C ARG D 172 19.91 13.55 -5.90
N ARG D 173 19.11 13.25 -4.87
CA ARG D 173 18.41 14.29 -4.09
C ARG D 173 18.63 14.07 -2.59
N MET D 174 18.21 12.91 -2.09
CA MET D 174 18.45 12.52 -0.70
C MET D 174 18.34 11.00 -0.54
N VAL D 175 19.18 10.45 0.34
CA VAL D 175 19.06 9.06 0.76
C VAL D 175 17.63 8.72 1.11
N GLY D 176 17.17 7.56 0.65
CA GLY D 176 15.86 7.06 1.04
C GLY D 176 14.64 7.56 0.28
N LEU D 177 14.81 8.53 -0.61
CA LEU D 177 13.68 8.99 -1.44
C LEU D 177 13.33 7.90 -2.44
N PRO D 178 12.09 7.90 -2.98
CA PRO D 178 11.79 6.86 -3.96
C PRO D 178 12.75 6.95 -5.13
N GLY D 179 13.29 5.81 -5.52
CA GLY D 179 14.20 5.73 -6.66
C GLY D 179 15.60 6.19 -6.35
N ASP D 180 15.81 6.87 -5.21
CA ASP D 180 17.16 7.36 -4.84
C ASP D 180 17.96 6.35 -4.02
N THR D 181 19.19 6.68 -3.67
CA THR D 181 20.08 5.74 -2.97
C THR D 181 19.50 5.27 -1.62
N PRO D 182 19.46 3.95 -1.37
CA PRO D 182 18.73 3.41 -0.21
C PRO D 182 19.40 3.63 1.15
N VAL D 183 18.60 3.60 2.22
CA VAL D 183 19.15 3.57 3.58
C VAL D 183 19.88 2.23 3.79
N ARG D 184 20.83 2.22 4.72
CA ARG D 184 21.58 1.00 5.01
C ARG D 184 20.96 0.22 6.16
N THR D 185 20.87 -1.10 5.99
CA THR D 185 20.38 -2.00 7.04
C THR D 185 21.22 -3.27 7.08
N ASP D 186 21.05 -4.07 8.14
CA ASP D 186 21.60 -5.43 8.17
C ASP D 186 21.13 -6.26 6.98
N ALA D 187 19.85 -6.17 6.66
CA ALA D 187 19.26 -6.99 5.58
C ALA D 187 19.86 -6.71 4.20
N ASN D 188 20.23 -5.45 3.93
CA ASN D 188 20.89 -5.15 2.65
C ASN D 188 22.44 -5.10 2.71
N GLY D 189 23.00 -5.90 3.62
CA GLY D 189 24.44 -6.07 3.75
C GLY D 189 25.22 -4.99 4.48
N PHE D 190 24.59 -4.17 5.30
CA PHE D 190 25.32 -3.07 5.96
C PHE D 190 25.15 -2.94 7.49
N PRO D 191 25.69 -3.92 8.25
CA PRO D 191 25.61 -3.91 9.71
C PRO D 191 26.41 -2.76 10.32
N VAL D 192 26.11 -2.42 11.57
CA VAL D 192 26.78 -1.31 12.26
C VAL D 192 28.24 -1.69 12.53
N ASN D 193 29.16 -0.76 12.27
CA ASN D 193 30.58 -0.99 12.52
C ASN D 193 30.89 -1.10 14.03
N ARG D 194 31.84 -1.98 14.37
CA ARG D 194 32.24 -2.19 15.75
C ARG D 194 32.60 -0.92 16.54
N GLN D 195 33.18 0.10 15.89
CA GLN D 195 33.49 1.35 16.62
C GLN D 195 32.34 2.36 16.67
N PHE D 196 31.16 1.95 16.20
CA PHE D 196 29.92 2.74 16.36
C PHE D 196 28.81 1.92 17.05
N ALA D 197 29.21 0.83 17.72
CA ALA D 197 28.26 -0.08 18.40
C ALA D 197 27.20 0.60 19.27
N ASP D 198 27.54 1.71 19.94
CA ASP D 198 26.61 2.42 20.82
C ASP D 198 25.68 3.43 20.12
N VAL D 199 25.84 3.63 18.82
CA VAL D 199 25.09 4.68 18.11
C VAL D 199 23.61 4.27 17.92
N PRO D 200 22.68 5.14 18.35
CA PRO D 200 21.23 4.89 18.25
C PRO D 200 20.80 4.71 16.78
N GLN D 201 19.91 3.75 16.54
CA GLN D 201 19.57 3.35 15.17
C GLN D 201 18.07 3.44 14.86
N GLU D 202 17.34 4.36 15.47
CA GLU D 202 15.91 4.50 15.18
C GLU D 202 15.69 5.33 13.92
N GLN D 203 14.69 4.97 13.13
CA GLN D 203 14.20 5.83 12.04
C GLN D 203 13.48 7.03 12.64
N PRO D 204 13.62 8.22 12.02
CA PRO D 204 12.76 9.34 12.47
C PRO D 204 11.29 8.99 12.26
N VAL D 205 10.40 9.68 12.96
CA VAL D 205 8.97 9.46 12.78
C VAL D 205 8.58 10.23 11.54
N VAL D 206 8.00 9.54 10.56
CA VAL D 206 7.56 10.18 9.34
C VAL D 206 6.09 9.85 9.08
N GLU D 207 5.24 10.90 9.10
CA GLU D 207 3.81 10.73 8.85
C GLU D 207 3.37 11.58 7.65
N ALA D 208 3.06 10.90 6.55
CA ALA D 208 2.63 11.56 5.34
C ALA D 208 1.12 11.43 5.16
N GLU D 209 0.49 12.53 4.75
CA GLU D 209 -0.93 12.53 4.38
C GLU D 209 -1.07 11.81 3.04
N PRO D 210 -2.25 11.20 2.79
CA PRO D 210 -2.43 10.46 1.54
C PRO D 210 -2.06 11.31 0.32
N GLY D 211 -1.26 10.75 -0.59
CA GLY D 211 -0.85 11.45 -1.80
C GLY D 211 0.51 12.12 -1.74
N PHE D 212 1.01 12.38 -0.52
CA PHE D 212 2.27 13.09 -0.33
C PHE D 212 3.43 12.20 0.15
N GLU D 213 3.29 10.89 0.09
CA GLU D 213 4.32 10.01 0.65
C GLU D 213 5.71 10.04 -0.05
N ALA D 214 5.81 10.68 -1.20
CA ALA D 214 7.10 10.77 -1.91
C ALA D 214 7.92 12.01 -1.55
N GLU D 215 7.31 12.98 -0.88
CA GLU D 215 8.04 14.19 -0.51
C GLU D 215 8.01 14.50 0.99
N VAL D 216 7.42 13.60 1.77
CA VAL D 216 7.56 13.69 3.20
C VAL D 216 8.57 12.61 3.54
N SER D 217 9.81 13.01 3.73
CA SER D 217 10.90 12.03 3.84
C SER D 217 11.96 12.43 4.86
N ALA D 218 12.39 11.47 5.68
CA ALA D 218 13.50 11.69 6.62
C ALA D 218 14.18 10.37 6.97
N TYR D 219 15.44 10.45 7.39
CA TYR D 219 16.24 9.25 7.66
C TYR D 219 17.27 9.52 8.77
N ASN D 220 17.76 8.45 9.40
CA ASN D 220 18.81 8.56 10.43
C ASN D 220 20.18 8.65 9.74
N LEU D 221 20.73 9.87 9.64
CA LEU D 221 22.03 10.08 8.95
C LEU D 221 23.19 9.45 9.72
N PHE D 222 23.23 9.71 11.04
CA PHE D 222 24.29 9.13 11.90
C PHE D 222 24.21 7.61 11.83
N GLY D 223 23.00 7.07 11.85
CA GLY D 223 22.82 5.63 11.67
C GLY D 223 23.41 5.14 10.35
N TYR D 224 23.12 5.87 9.28
CA TYR D 224 23.61 5.57 7.93
C TYR D 224 25.13 5.54 7.86
N LEU D 225 25.77 6.53 8.46
CA LEU D 225 27.24 6.60 8.54
C LEU D 225 27.84 5.52 9.41
N SER D 226 27.15 5.18 10.50
CA SER D 226 27.64 4.15 11.45
C SER D 226 27.78 2.81 10.76
N ARG D 227 27.13 2.68 9.60
CA ARG D 227 27.08 1.43 8.85
C ARG D 227 27.93 1.44 7.58
N SER D 228 28.68 2.52 7.34
CA SER D 228 29.59 2.55 6.22
C SER D 228 30.63 1.44 6.35
N ASP D 229 30.83 0.68 5.27
CA ASP D 229 31.84 -0.37 5.28
C ASP D 229 33.24 0.06 4.76
N VAL D 230 33.47 1.35 4.60
CA VAL D 230 34.78 1.83 4.12
C VAL D 230 35.19 3.05 4.93
N THR D 231 36.47 3.43 4.84
CA THR D 231 36.97 4.64 5.52
C THR D 231 37.41 5.70 4.52
N TRP D 232 37.27 6.96 4.91
CA TRP D 232 37.71 8.09 4.10
C TRP D 232 37.14 8.00 2.66
N ASN D 233 35.82 8.15 2.55
CA ASN D 233 35.13 8.01 1.27
C ASN D 233 33.92 8.92 1.23
N PRO D 234 34.13 10.22 0.95
CA PRO D 234 33.01 11.15 0.90
C PRO D 234 31.93 10.67 -0.06
N SER D 235 30.69 10.60 0.41
CA SER D 235 29.61 9.97 -0.33
C SER D 235 28.37 10.86 -0.19
N VAL D 236 27.80 11.28 -1.33
CA VAL D 236 26.72 12.28 -1.36
C VAL D 236 25.43 11.77 -0.68
N CYS D 237 24.95 12.51 0.31
CA CYS D 237 23.70 12.11 0.97
C CYS D 237 22.54 13.05 0.64
N SER D 238 22.86 14.30 0.30
CA SER D 238 21.85 15.30 -0.04
C SER D 238 22.42 16.44 -0.90
N VAL D 239 21.58 16.98 -1.78
CA VAL D 239 21.98 17.88 -2.87
C VAL D 239 21.08 19.11 -2.98
N VAL D 240 21.68 20.29 -3.05
CA VAL D 240 20.95 21.52 -3.37
C VAL D 240 21.77 22.26 -4.44
N GLY D 241 21.38 22.13 -5.71
CA GLY D 241 22.18 22.72 -6.79
C GLY D 241 23.56 22.06 -6.77
N ASP D 242 24.60 22.88 -6.73
CA ASP D 242 25.99 22.38 -6.66
C ASP D 242 26.48 22.06 -5.23
N SER D 243 25.67 22.40 -4.23
CA SER D 243 25.97 22.09 -2.82
C SER D 243 25.80 20.61 -2.57
N LEU D 244 26.89 19.94 -2.21
CA LEU D 244 26.83 18.51 -1.91
C LEU D 244 27.24 18.21 -0.46
N PHE D 245 26.36 17.55 0.28
CA PHE D 245 26.70 17.00 1.58
C PHE D 245 27.27 15.61 1.35
N CYS D 246 28.55 15.44 1.69
CA CYS D 246 29.28 14.19 1.44
C CYS D 246 29.87 13.64 2.75
N PRO D 247 29.02 13.11 3.64
CA PRO D 247 29.58 12.62 4.89
C PRO D 247 30.27 11.27 4.70
N THR D 248 31.13 10.90 5.65
CA THR D 248 31.88 9.64 5.58
C THR D 248 32.34 9.23 6.99
N SER D 249 32.68 7.95 7.17
CA SER D 249 33.31 7.50 8.43
C SER D 249 34.84 7.36 8.26
N GLU D 250 35.60 7.91 9.22
CA GLU D 250 37.06 8.01 9.11
C GLU D 250 37.76 7.31 10.28
N GLU D 251 38.86 6.62 9.96
CA GLU D 251 39.69 5.90 10.95
C GLU D 251 41.15 5.84 10.45
N PHE D 252 42.10 5.97 11.37
CA PHE D 252 43.54 5.97 11.08
C PHE D 252 43.94 7.28 10.38
N ILE D 253 44.57 7.20 9.20
CA ILE D 253 45.05 8.39 8.49
C ILE D 253 44.42 8.47 7.11
N LEU D 254 44.04 9.67 6.69
CA LEU D 254 43.58 9.85 5.30
C LEU D 254 44.76 9.48 4.38
N PRO D 255 44.55 8.51 3.46
CA PRO D 255 45.61 7.91 2.66
C PRO D 255 46.29 8.87 1.69
N VAL D 256 45.78 10.08 1.52
CA VAL D 256 46.40 11.08 0.65
C VAL D 256 46.53 12.44 1.37
N GLU D 257 47.30 13.36 0.76
CA GLU D 257 47.30 14.80 1.16
C GLU D 257 46.61 15.60 0.06
N HIS D 258 45.37 16.01 0.31
CA HIS D 258 44.53 16.60 -0.72
C HIS D 258 44.80 18.08 -0.93
N GLY D 259 45.18 18.46 -2.14
CA GLY D 259 45.33 19.88 -2.51
C GLY D 259 44.17 20.28 -3.39
N ASN D 260 43.18 20.96 -2.79
CA ASN D 260 41.94 21.27 -3.52
C ASN D 260 42.03 22.52 -4.39
N ASP D 261 41.28 22.49 -5.48
CA ASP D 261 41.18 23.62 -6.40
C ASP D 261 40.05 24.60 -6.02
N ARG D 262 39.58 24.48 -4.79
CA ARG D 262 38.43 25.25 -4.26
C ARG D 262 38.43 25.13 -2.74
N CYS D 263 37.61 25.92 -2.06
CA CYS D 263 37.40 25.72 -0.62
C CYS D 263 36.52 24.51 -0.42
N GLU D 264 36.89 23.67 0.54
CA GLU D 264 35.98 22.65 1.00
C GLU D 264 35.83 22.74 2.50
N TRP D 265 34.64 22.42 2.97
CA TRP D 265 34.31 22.63 4.37
C TRP D 265 34.21 21.32 5.12
N PHE D 266 34.71 21.31 6.34
CA PHE D 266 34.59 20.15 7.20
C PHE D 266 33.73 20.44 8.44
N LEU D 267 32.72 19.60 8.65
CA LEU D 267 31.94 19.59 9.88
C LEU D 267 32.13 18.25 10.60
N GLN D 268 32.75 18.30 11.77
CA GLN D 268 32.99 17.12 12.59
C GLN D 268 31.69 16.71 13.25
N LEU D 269 31.22 15.49 12.98
CA LEU D 269 29.91 15.06 13.52
C LEU D 269 30.02 14.23 14.82
N SER D 270 31.09 13.46 14.95
CA SER D 270 31.35 12.73 16.17
C SER D 270 32.85 12.72 16.43
N ASP D 271 33.22 12.58 17.69
CA ASP D 271 34.60 12.32 18.09
C ASP D 271 35.59 13.43 17.67
N GLU D 272 36.71 13.07 17.05
CA GLU D 272 37.83 13.99 16.88
C GLU D 272 38.70 13.63 15.68
N ILE D 273 39.09 14.65 14.90
CA ILE D 273 40.06 14.53 13.82
C ILE D 273 41.10 15.66 13.97
N VAL D 274 42.36 15.34 13.70
CA VAL D 274 43.41 16.36 13.57
C VAL D 274 43.83 16.42 12.11
N TRP D 275 43.79 17.63 11.54
CA TRP D 275 44.17 17.86 10.16
C TRP D 275 45.57 18.44 10.09
N ASP D 276 46.49 17.73 9.43
CA ASP D 276 47.82 18.25 9.13
C ASP D 276 47.69 19.10 7.89
N VAL D 277 47.96 20.41 8.02
CA VAL D 277 47.78 21.37 6.93
C VAL D 277 49.12 21.92 6.39
N LYS D 278 49.38 21.66 5.11
CA LYS D 278 50.61 22.08 4.47
C LYS D 278 50.31 22.97 3.26
N ASP D 279 51.27 23.80 2.88
CA ASP D 279 51.17 24.61 1.67
C ASP D 279 50.99 23.72 0.45
N LYS D 280 50.08 24.11 -0.44
CA LYS D 280 49.72 23.28 -1.60
C LYS D 280 50.89 23.12 -2.58
N GLU D 281 51.61 24.20 -2.83
CA GLU D 281 52.73 24.19 -3.78
C GLU D 281 54.04 23.56 -3.23
N SER D 282 54.49 24.04 -2.08
CA SER D 282 55.80 23.65 -1.57
C SER D 282 55.74 22.37 -0.75
N GLY D 283 54.68 22.22 0.03
CA GLY D 283 54.56 21.09 0.96
C GLY D 283 54.96 21.43 2.38
N LYS D 284 55.36 22.69 2.61
CA LYS D 284 55.71 23.18 3.93
C LYS D 284 54.54 23.16 4.93
N PRO D 285 54.78 22.64 6.15
CA PRO D 285 53.74 22.69 7.17
C PRO D 285 53.30 24.13 7.43
N ARG D 286 51.99 24.35 7.52
CA ARG D 286 51.46 25.66 7.84
C ARG D 286 50.65 25.68 9.12
N ALA D 287 49.89 24.61 9.37
CA ALA D 287 48.99 24.59 10.51
C ALA D 287 48.57 23.18 10.89
N ARG D 288 48.01 23.03 12.10
CA ARG D 288 47.38 21.77 12.53
C ARG D 288 46.00 22.11 13.11
N VAL D 289 44.95 21.49 12.57
CA VAL D 289 43.59 21.82 12.98
C VAL D 289 42.93 20.65 13.69
N THR D 290 42.56 20.89 14.95
CA THR D 290 41.85 19.91 15.79
C THR D 290 40.35 20.20 15.81
N ALA D 291 39.56 19.18 15.48
CA ALA D 291 38.12 19.33 15.41
C ALA D 291 37.40 18.23 16.17
N ARG D 292 36.58 18.65 17.12
CA ARG D 292 35.73 17.75 17.89
C ARG D 292 34.29 18.00 17.48
N ALA D 293 33.35 17.18 17.99
CA ALA D 293 31.95 17.22 17.57
C ALA D 293 31.37 18.65 17.55
N GLY D 294 30.85 19.04 16.38
CA GLY D 294 30.20 20.33 16.18
C GLY D 294 31.12 21.38 15.58
N ASP D 295 32.42 21.08 15.53
CA ASP D 295 33.38 22.00 14.91
C ASP D 295 33.29 21.99 13.38
N ILE D 296 33.16 23.18 12.82
CA ILE D 296 33.14 23.39 11.37
C ILE D 296 34.27 24.34 10.98
N CYS D 297 35.00 23.99 9.93
CA CYS D 297 36.08 24.85 9.44
C CYS D 297 36.23 24.72 7.95
N CYS D 298 36.96 25.67 7.38
CA CYS D 298 37.25 25.74 5.95
C CYS D 298 38.70 25.38 5.64
N MET D 299 38.90 24.44 4.73
CA MET D 299 40.23 24.21 4.14
C MET D 299 40.39 25.08 2.90
N PRO D 300 41.23 26.14 2.99
CA PRO D 300 41.43 27.03 1.84
C PRO D 300 41.98 26.35 0.58
N ALA D 301 41.82 27.00 -0.57
CA ALA D 301 42.31 26.48 -1.84
C ALA D 301 43.85 26.44 -1.95
N ASP D 302 44.55 27.27 -1.16
CA ASP D 302 46.02 27.33 -1.22
C ASP D 302 46.79 26.35 -0.29
N ILE D 303 46.08 25.40 0.32
CA ILE D 303 46.72 24.40 1.18
C ILE D 303 46.39 22.97 0.76
N ARG D 304 47.17 22.02 1.26
CA ARG D 304 46.81 20.59 1.20
C ARG D 304 46.63 20.05 2.63
N HIS D 305 45.86 18.97 2.79
CA HIS D 305 45.55 18.49 4.14
C HIS D 305 45.42 16.98 4.25
N GLN D 306 45.73 16.49 5.45
CA GLN D 306 45.72 15.06 5.75
C GLN D 306 45.20 14.85 7.19
N GLY D 307 44.23 13.96 7.33
CA GLY D 307 43.48 13.82 8.57
C GLY D 307 43.87 12.62 9.41
N TYR D 308 43.82 12.81 10.72
CA TYR D 308 44.13 11.75 11.67
C TYR D 308 42.96 11.52 12.62
N SER D 309 42.45 10.29 12.63
CA SER D 309 41.34 9.88 13.49
C SER D 309 41.64 8.57 14.25
N THR D 310 41.83 8.66 15.57
CA THR D 310 42.11 7.49 16.41
C THR D 310 40.93 6.51 16.40
N LYS D 311 39.75 7.02 16.76
CA LYS D 311 38.55 6.20 16.74
C LYS D 311 37.78 6.49 15.44
N ARG D 312 37.14 5.47 14.88
CA ARG D 312 36.28 5.67 13.72
C ARG D 312 35.30 6.79 14.02
N SER D 313 35.31 7.84 13.19
CA SER D 313 34.52 9.03 13.47
C SER D 313 33.69 9.50 12.28
N MET D 314 32.63 10.26 12.56
CA MET D 314 31.73 10.74 11.54
C MET D 314 32.12 12.14 11.11
N LEU D 315 32.29 12.32 9.81
CA LEU D 315 32.67 13.60 9.26
C LEU D 315 31.77 13.99 8.10
N LEU D 316 31.32 15.24 8.10
CA LEU D 316 30.65 15.79 6.93
C LEU D 316 31.63 16.57 6.05
N VAL D 317 31.85 16.08 4.84
CA VAL D 317 32.58 16.86 3.83
C VAL D 317 31.58 17.64 2.97
N TRP D 318 31.65 18.96 3.05
CA TRP D 318 30.75 19.84 2.30
C TRP D 318 31.45 20.42 1.07
N GLU D 319 30.89 20.12 -0.10
CA GLU D 319 31.50 20.47 -1.36
C GLU D 319 30.63 21.39 -2.18
N ASN D 320 31.26 22.31 -2.91
CA ASN D 320 30.61 23.02 -4.01
C ASN D 320 31.14 22.43 -5.31
N GLY D 321 30.31 21.65 -6.00
CA GLY D 321 30.73 20.94 -7.20
C GLY D 321 30.74 21.75 -8.51
N SER D 322 30.62 23.07 -8.43
CA SER D 322 30.55 23.91 -9.62
C SER D 322 31.89 23.93 -10.35
N PRO D 323 31.86 23.59 -11.65
CA PRO D 323 33.12 23.54 -12.43
C PRO D 323 33.70 24.92 -12.75
N LYS D 324 33.00 25.98 -12.37
CA LYS D 324 33.46 27.34 -12.66
C LYS D 324 34.43 27.90 -11.61
N ILE D 325 34.52 27.24 -10.46
CA ILE D 325 35.27 27.75 -9.29
C ILE D 325 36.80 27.81 -9.43
N PRO D 326 37.44 26.74 -9.94
CA PRO D 326 38.91 26.74 -10.10
C PRO D 326 39.48 27.93 -10.88
N GLN D 327 38.79 28.37 -11.94
CA GLN D 327 39.22 29.53 -12.73
C GLN D 327 38.98 30.84 -11.98
N MET D 328 37.81 30.96 -11.35
CA MET D 328 37.46 32.15 -10.56
C MET D 328 38.43 32.38 -9.39
N ILE D 329 38.83 31.29 -8.74
CA ILE D 329 39.81 31.36 -7.66
C ILE D 329 41.22 31.71 -8.17
N ALA D 330 41.61 31.13 -9.31
CA ALA D 330 42.93 31.38 -9.91
C ALA D 330 43.08 32.79 -10.50
N ASP D 331 42.20 33.13 -11.45
CA ASP D 331 42.21 34.43 -12.10
C ASP D 331 41.40 35.45 -11.31
N PRO D 335 38.75 34.92 -4.46
CA PRO D 335 39.39 34.75 -3.16
C PRO D 335 40.00 33.35 -2.98
N VAL D 336 40.84 33.18 -1.96
CA VAL D 336 41.36 31.86 -1.59
C VAL D 336 40.54 31.26 -0.44
N VAL D 337 40.16 32.11 0.52
CA VAL D 337 39.20 31.76 1.57
C VAL D 337 37.86 32.40 1.23
N PRO D 338 36.75 31.61 1.31
CA PRO D 338 35.46 32.02 0.74
C PRO D 338 34.69 33.03 1.61
N VAL D 339 35.28 33.37 2.75
CA VAL D 339 34.76 34.40 3.65
C VAL D 339 35.95 35.26 4.09
N THR D 340 35.93 36.54 3.72
CA THR D 340 36.98 37.48 4.14
C THR D 340 36.60 38.27 5.40
N PHE D 341 37.44 38.18 6.42
CA PHE D 341 37.26 38.91 7.69
C PHE D 341 38.55 38.90 8.51
N ASP E 3 -3.25 5.96 23.42
CA ASP E 3 -2.15 5.52 24.33
C ASP E 3 -2.23 4.05 24.70
N VAL E 4 -1.27 3.27 24.21
CA VAL E 4 -1.26 1.82 24.39
C VAL E 4 -0.90 1.42 25.84
N VAL E 5 -1.57 0.40 26.38
CA VAL E 5 -1.29 -0.10 27.71
C VAL E 5 -1.19 -1.61 27.67
N THR E 6 0.02 -2.10 27.93
CA THR E 6 0.31 -3.53 27.97
C THR E 6 0.17 -4.01 29.40
N GLU E 7 -0.76 -4.93 29.61
CA GLU E 7 -1.14 -5.29 30.95
C GLU E 7 -0.37 -6.49 31.48
N PHE E 8 0.44 -6.24 32.49
CA PHE E 8 1.18 -7.29 33.17
C PHE E 8 0.64 -7.54 34.57
N GLY E 9 0.79 -8.76 35.06
CA GLY E 9 0.38 -9.09 36.41
C GLY E 9 1.45 -8.76 37.44
N ALA E 10 1.10 -9.01 38.71
CA ALA E 10 1.99 -8.80 39.85
C ALA E 10 1.40 -9.56 41.05
N LEU E 11 2.20 -9.74 42.11
CA LEU E 11 1.75 -10.39 43.34
C LEU E 11 0.52 -9.68 43.93
N THR E 12 0.57 -8.36 43.92
CA THR E 12 -0.48 -7.47 44.42
C THR E 12 -1.69 -7.40 43.49
N ASP E 13 -1.44 -7.45 42.19
CA ASP E 13 -2.44 -7.11 41.19
C ASP E 13 -2.45 -8.14 40.06
N TYR E 14 -3.39 -9.08 40.15
CA TYR E 14 -3.64 -10.03 39.08
C TYR E 14 -5.13 -10.35 39.02
N ARG E 15 -5.62 -10.70 37.84
CA ARG E 15 -7.03 -11.00 37.62
C ARG E 15 -7.17 -12.39 37.03
N LYS E 16 -7.25 -13.41 37.87
CA LYS E 16 -7.30 -14.80 37.40
C LYS E 16 -8.45 -15.00 36.41
N GLY E 17 -8.21 -15.75 35.34
CA GLY E 17 -9.26 -16.12 34.39
C GLY E 17 -9.85 -17.46 34.75
N GLY E 18 -10.20 -18.28 33.76
CA GLY E 18 -10.78 -19.59 34.02
C GLY E 18 -11.32 -20.36 32.83
N VAL E 19 -11.85 -21.56 33.13
CA VAL E 19 -12.42 -22.48 32.14
C VAL E 19 -13.96 -22.40 32.16
N GLU E 20 -14.55 -21.98 31.04
CA GLU E 20 -16.00 -22.12 30.81
C GLU E 20 -16.24 -23.49 30.19
N ILE E 21 -17.25 -24.21 30.66
CA ILE E 21 -17.50 -25.57 30.16
C ILE E 21 -18.67 -25.66 29.20
N ILE E 22 -18.46 -26.37 28.09
CA ILE E 22 -19.55 -26.78 27.23
C ILE E 22 -19.78 -28.27 27.50
N ASP E 23 -18.78 -29.10 27.22
CA ASP E 23 -18.84 -30.52 27.54
C ASP E 23 -17.43 -31.03 27.82
N ASP E 24 -17.04 -30.91 29.09
CA ASP E 24 -15.69 -31.24 29.52
C ASP E 24 -15.60 -31.16 31.04
N ASP E 25 -14.43 -31.52 31.56
CA ASP E 25 -14.10 -31.33 32.98
C ASP E 25 -13.00 -30.27 33.08
N PRO E 26 -13.20 -29.26 33.95
CA PRO E 26 -12.20 -28.19 34.16
C PRO E 26 -10.83 -28.70 34.63
N ARG E 27 -10.80 -29.81 35.37
CA ARG E 27 -9.53 -30.41 35.84
C ARG E 27 -8.60 -30.73 34.67
N ASN E 28 -9.18 -31.03 33.51
CA ASN E 28 -8.39 -31.39 32.34
C ASN E 28 -7.47 -30.26 31.89
N TYR E 29 -7.70 -29.07 32.40
CA TYR E 29 -6.94 -27.91 31.95
C TYR E 29 -5.95 -27.40 33.00
N VAL E 30 -5.99 -28.01 34.19
CA VAL E 30 -5.00 -27.82 35.25
C VAL E 30 -4.66 -26.32 35.35
N PHE E 31 -5.71 -25.52 35.54
CA PHE E 31 -5.66 -24.06 35.41
C PHE E 31 -5.32 -23.44 36.73
N SER E 32 -4.29 -22.60 36.76
CA SER E 32 -3.93 -21.81 37.94
C SER E 32 -3.35 -20.45 37.53
N ASN E 33 -3.12 -19.58 38.51
CA ASN E 33 -2.43 -18.30 38.27
C ASN E 33 -1.13 -18.17 39.09
N VAL E 34 -0.02 -18.06 38.38
CA VAL E 34 1.30 -18.11 39.01
C VAL E 34 1.55 -17.02 40.06
N PHE E 35 0.85 -15.89 39.98
CA PHE E 35 1.01 -14.83 40.98
C PHE E 35 0.28 -15.20 42.28
N GLU E 36 -0.91 -15.80 42.12
CA GLU E 36 -1.66 -16.36 43.23
C GLU E 36 -0.87 -17.46 43.92
N VAL E 37 -0.33 -18.39 43.13
CA VAL E 37 0.42 -19.51 43.68
C VAL E 37 1.60 -19.02 44.50
N ALA E 38 2.31 -18.03 43.96
CA ALA E 38 3.46 -17.41 44.63
C ALA E 38 3.06 -16.63 45.88
N ALA E 39 1.95 -15.92 45.80
CA ALA E 39 1.44 -15.17 46.95
C ALA E 39 1.12 -16.07 48.15
N ASN E 40 0.70 -17.30 47.88
CA ASN E 40 0.21 -18.21 48.92
C ASN E 40 1.24 -19.18 49.50
N ALA E 41 2.46 -19.19 48.96
CA ALA E 41 3.47 -20.16 49.38
C ALA E 41 4.48 -19.63 50.42
N ALA E 42 5.30 -20.52 50.96
CA ALA E 42 6.45 -20.15 51.78
C ALA E 42 7.48 -19.47 50.87
N PRO E 43 8.18 -18.43 51.39
CA PRO E 43 9.29 -17.79 50.67
C PRO E 43 10.24 -18.82 50.06
N TYR E 44 10.53 -18.67 48.77
CA TYR E 44 11.44 -19.54 48.03
C TYR E 44 11.00 -21.00 47.83
N GLU E 45 9.76 -21.29 48.24
CA GLU E 45 9.13 -22.57 47.96
C GLU E 45 8.78 -22.65 46.48
N ARG E 46 9.16 -23.74 45.84
CA ARG E 46 9.00 -23.91 44.42
C ARG E 46 7.83 -24.83 44.11
N VAL E 47 6.68 -24.22 43.84
CA VAL E 47 5.46 -24.96 43.59
C VAL E 47 5.27 -25.20 42.09
N ALA E 48 5.11 -26.46 41.70
CA ALA E 48 4.81 -26.81 40.31
C ALA E 48 3.50 -26.16 39.89
N VAL E 49 3.54 -25.44 38.78
CA VAL E 49 2.35 -24.85 38.15
C VAL E 49 2.15 -25.43 36.75
N GLY E 50 3.18 -26.12 36.25
CA GLY E 50 3.10 -26.83 34.99
C GLY E 50 3.99 -28.04 35.07
N LYS E 51 3.56 -29.14 34.44
CA LYS E 51 4.32 -30.39 34.45
C LYS E 51 4.12 -31.18 33.17
N ASN E 52 5.21 -31.63 32.57
CA ASN E 52 5.11 -32.42 31.35
C ASN E 52 6.13 -33.54 31.33
N PHE E 53 5.69 -34.70 31.78
CA PHE E 53 6.59 -35.81 32.16
C PHE E 53 7.48 -35.33 33.31
N GLU E 54 8.79 -35.53 33.21
CA GLU E 54 9.71 -35.11 34.26
C GLU E 54 9.92 -33.58 34.33
N TYR E 55 9.66 -32.90 33.21
CA TYR E 55 9.87 -31.45 33.12
C TYR E 55 8.76 -30.68 33.81
N VAL E 56 9.11 -29.56 34.44
CA VAL E 56 8.17 -28.74 35.21
C VAL E 56 8.43 -27.24 35.05
N ILE E 57 7.41 -26.44 35.37
CA ILE E 57 7.55 -25.02 35.60
C ILE E 57 7.16 -24.83 37.06
N GLU E 58 7.98 -24.10 37.82
CA GLU E 58 7.73 -23.86 39.23
C GLU E 58 7.52 -22.38 39.47
N SER E 59 6.62 -22.04 40.38
CA SER E 59 6.37 -20.65 40.78
C SER E 59 6.79 -20.42 42.24
N ALA E 60 7.46 -19.29 42.48
CA ALA E 60 7.99 -19.01 43.79
C ALA E 60 7.93 -17.54 44.10
N ARG E 61 7.74 -17.23 45.38
CA ARG E 61 7.90 -15.88 45.87
C ARG E 61 9.34 -15.75 46.36
N ALA E 62 10.01 -14.72 45.87
CA ALA E 62 11.32 -14.36 46.35
C ALA E 62 11.12 -13.26 47.38
N GLU E 63 11.51 -13.56 48.63
CA GLU E 63 11.34 -12.63 49.74
C GLU E 63 12.50 -12.79 50.69
N GLY E 64 13.27 -11.72 50.88
CA GLY E 64 14.51 -11.82 51.64
C GLY E 64 15.58 -12.56 50.85
N THR E 65 16.42 -13.31 51.56
CA THR E 65 17.58 -14.00 51.01
C THR E 65 17.37 -15.52 51.03
N SER E 66 17.65 -16.20 49.92
CA SER E 66 17.48 -17.65 49.89
C SER E 66 18.75 -18.34 50.37
N GLY E 67 18.66 -19.65 50.58
CA GLY E 67 19.84 -20.51 50.71
C GLY E 67 20.43 -20.75 49.34
N TRP E 68 21.42 -21.64 49.25
CA TRP E 68 22.05 -21.95 47.97
C TRP E 68 21.37 -23.14 47.31
N PHE E 69 21.21 -23.03 45.98
CA PHE E 69 20.74 -24.11 45.13
C PHE E 69 21.84 -24.49 44.14
N SER E 70 21.81 -25.73 43.67
CA SER E 70 22.62 -26.18 42.51
C SER E 70 21.93 -27.36 41.86
N CYS E 71 22.30 -27.63 40.62
CA CYS E 71 21.55 -28.56 39.80
C CYS E 71 22.45 -29.41 38.89
N ALA E 72 22.05 -30.64 38.63
CA ALA E 72 22.77 -31.51 37.71
C ALA E 72 22.59 -31.13 36.22
N HIS E 73 21.79 -30.11 35.95
CA HIS E 73 21.52 -29.66 34.55
C HIS E 73 21.19 -28.16 34.53
N ASP E 74 21.15 -27.56 33.35
CA ASP E 74 20.75 -26.16 33.22
C ASP E 74 19.33 -25.93 33.73
N GLU E 75 19.09 -24.73 34.25
CA GLU E 75 17.75 -24.25 34.51
C GLU E 75 17.71 -22.80 34.08
N PHE E 76 16.50 -22.24 34.00
CA PHE E 76 16.30 -20.82 33.74
C PHE E 76 15.30 -20.26 34.72
N VAL E 77 15.46 -18.98 35.04
CA VAL E 77 14.59 -18.30 35.98
C VAL E 77 14.07 -17.03 35.30
N LEU E 78 12.77 -16.79 35.42
CA LEU E 78 12.14 -15.63 34.81
C LEU E 78 11.47 -14.81 35.91
N ALA E 79 11.98 -13.59 36.12
CA ALA E 79 11.34 -12.65 37.01
C ALA E 79 10.01 -12.20 36.41
N MET E 80 8.92 -12.34 37.18
CA MET E 80 7.58 -12.00 36.71
C MET E 80 7.13 -10.69 37.31
N ASP E 81 7.73 -10.34 38.44
CA ASP E 81 7.34 -9.19 39.23
C ASP E 81 8.54 -8.73 40.01
N GLY E 82 8.61 -7.44 40.31
CA GLY E 82 9.61 -6.91 41.24
C GLY E 82 11.05 -7.05 40.80
N GLN E 83 11.97 -6.92 41.75
CA GLN E 83 13.39 -7.01 41.44
C GLN E 83 14.09 -8.09 42.25
N ILE E 84 14.81 -8.97 41.56
CA ILE E 84 15.50 -10.09 42.21
C ILE E 84 16.97 -10.10 41.78
N GLU E 85 17.84 -10.23 42.79
CA GLU E 85 19.29 -10.25 42.57
C GLU E 85 19.79 -11.66 42.68
N VAL E 86 20.48 -12.12 41.63
CA VAL E 86 20.96 -13.49 41.54
C VAL E 86 22.46 -13.54 41.72
N HIS E 87 22.91 -14.48 42.56
CA HIS E 87 24.32 -14.70 42.79
C HIS E 87 24.76 -16.07 42.31
N LEU E 88 25.78 -16.07 41.47
CA LEU E 88 26.31 -17.30 40.91
C LEU E 88 27.69 -17.58 41.47
N LEU E 89 27.93 -18.86 41.72
CA LEU E 89 29.18 -19.33 42.30
C LEU E 89 29.58 -20.60 41.57
N LYS E 90 30.82 -20.62 41.06
CA LYS E 90 31.35 -21.79 40.38
C LYS E 90 31.89 -22.80 41.39
N LEU E 91 31.17 -23.91 41.56
CA LEU E 91 31.56 -24.94 42.53
C LEU E 91 32.87 -25.62 42.16
N ASP E 92 33.75 -25.75 43.16
CA ASP E 92 35.01 -26.51 43.02
C ASP E 92 34.73 -27.98 42.75
N ASN E 93 33.80 -28.54 43.51
CA ASN E 93 33.43 -29.95 43.39
C ASN E 93 31.92 -30.06 43.49
N SER E 94 31.24 -29.82 42.36
CA SER E 94 29.78 -29.78 42.35
C SER E 94 29.19 -31.13 42.74
N ASP E 95 29.87 -32.21 42.35
CA ASP E 95 29.49 -33.57 42.75
C ASP E 95 29.46 -33.75 44.27
N ALA E 96 30.22 -32.93 44.98
CA ALA E 96 30.21 -32.96 46.45
C ALA E 96 28.93 -32.34 47.01
N TYR E 97 28.17 -31.63 46.18
CA TYR E 97 26.92 -31.00 46.64
C TYR E 97 25.67 -31.55 45.94
N VAL E 98 25.85 -32.00 44.70
CA VAL E 98 24.74 -32.47 43.87
C VAL E 98 25.11 -33.84 43.30
N ASP E 99 24.31 -34.84 43.63
CA ASP E 99 24.43 -36.17 43.04
C ASP E 99 24.35 -36.01 41.53
N PRO E 100 25.36 -36.50 40.81
CA PRO E 100 25.41 -36.33 39.35
C PRO E 100 24.26 -37.02 38.61
N ASP E 101 23.57 -37.94 39.28
CA ASP E 101 22.46 -38.69 38.67
C ASP E 101 21.09 -38.10 38.96
N SER E 102 21.05 -37.05 39.77
CA SER E 102 19.79 -36.41 40.14
C SER E 102 19.28 -35.45 39.06
N GLU E 103 18.03 -35.02 39.26
CA GLU E 103 17.38 -34.02 38.42
C GLU E 103 16.62 -33.04 39.29
N GLY E 104 16.40 -31.84 38.75
CA GLY E 104 15.77 -30.77 39.49
C GLY E 104 16.75 -30.14 40.45
N ALA E 105 16.44 -28.94 40.90
CA ALA E 105 17.29 -28.25 41.86
C ALA E 105 17.47 -29.04 43.16
N VAL E 106 18.57 -28.73 43.84
CA VAL E 106 18.90 -29.28 45.14
C VAL E 106 19.20 -28.10 46.04
N ALA E 107 18.59 -28.07 47.22
CA ALA E 107 18.92 -27.10 48.25
C ALA E 107 20.21 -27.55 48.94
N ILE E 108 21.26 -26.73 48.86
CA ILE E 108 22.55 -27.14 49.38
C ILE E 108 23.06 -26.28 50.56
N GLY E 109 22.14 -25.60 51.23
CA GLY E 109 22.44 -24.97 52.51
C GLY E 109 22.54 -23.45 52.53
N GLU E 110 22.54 -22.90 53.74
CA GLU E 110 22.64 -21.46 53.99
C GLU E 110 24.09 -20.99 53.92
N ALA E 111 25.00 -21.94 54.12
CA ALA E 111 26.42 -21.65 54.17
C ALA E 111 27.00 -21.56 52.77
N LEU E 112 27.85 -20.55 52.55
CA LEU E 112 28.56 -20.33 51.29
C LEU E 112 29.33 -21.59 50.88
N PRO E 113 28.97 -22.20 49.73
CA PRO E 113 29.66 -23.41 49.27
C PRO E 113 31.06 -23.10 48.74
N GLU E 114 31.87 -24.15 48.54
CA GLU E 114 33.27 -23.97 48.09
C GLU E 114 33.37 -23.76 46.58
N GLY E 115 33.93 -22.64 46.17
CA GLY E 115 34.21 -22.38 44.77
C GLY E 115 34.65 -20.95 44.51
N ARG E 116 34.43 -20.44 43.30
CA ARG E 116 34.74 -19.02 43.02
C ARG E 116 33.57 -18.22 42.46
N LYS E 117 33.47 -16.96 42.88
CA LYS E 117 32.39 -16.07 42.44
C LYS E 117 32.35 -16.01 40.90
N MET E 118 31.17 -16.16 40.33
CA MET E 118 30.98 -16.01 38.88
C MET E 118 30.46 -14.63 38.51
N GLY E 119 29.46 -14.16 39.27
CA GLY E 119 28.92 -12.83 39.07
C GLY E 119 27.58 -12.59 39.73
N ARG E 120 26.99 -11.44 39.42
CA ARG E 120 25.70 -11.05 39.94
C ARG E 120 24.80 -10.60 38.80
N ILE E 121 23.55 -11.07 38.81
CA ILE E 121 22.55 -10.59 37.86
C ILE E 121 21.41 -9.89 38.61
N VAL E 122 21.00 -8.73 38.11
CA VAL E 122 19.83 -8.04 38.65
C VAL E 122 18.66 -8.09 37.66
N LEU E 123 17.65 -8.89 38.02
CA LEU E 123 16.49 -9.14 37.18
C LEU E 123 15.32 -8.27 37.61
N ARG E 124 14.69 -7.63 36.63
CA ARG E 124 13.39 -6.98 36.80
C ARG E 124 12.32 -7.78 36.07
N ARG E 125 11.08 -7.31 36.11
CA ARG E 125 9.94 -7.97 35.48
C ARG E 125 10.29 -8.30 34.04
N GLY E 126 10.00 -9.54 33.63
CA GLY E 126 10.22 -9.99 32.26
C GLY E 126 11.64 -10.32 31.85
N HIS E 127 12.58 -10.35 32.80
CA HIS E 127 13.98 -10.70 32.50
C HIS E 127 14.26 -12.19 32.80
N MET E 128 15.02 -12.84 31.93
CA MET E 128 15.38 -14.25 32.13
C MET E 128 16.87 -14.37 32.32
N ALA E 129 17.27 -15.23 33.26
CA ALA E 129 18.67 -15.58 33.49
C ALA E 129 18.94 -17.09 33.33
N LEU E 130 20.12 -17.42 32.82
CA LEU E 130 20.56 -18.81 32.77
C LEU E 130 21.07 -19.20 34.16
N LEU E 131 20.71 -20.40 34.62
CA LEU E 131 21.34 -21.01 35.79
C LEU E 131 22.08 -22.25 35.34
N PRO E 132 23.37 -22.10 35.06
CA PRO E 132 24.12 -23.10 34.31
C PRO E 132 24.56 -24.23 35.20
N VAL E 133 24.50 -25.45 34.67
CA VAL E 133 24.97 -26.63 35.37
C VAL E 133 26.39 -26.38 35.93
N GLY E 134 26.67 -26.89 37.12
CA GLY E 134 27.99 -26.74 37.74
C GLY E 134 28.12 -25.49 38.61
N ALA E 135 27.11 -24.62 38.55
CA ALA E 135 27.11 -23.43 39.37
C ALA E 135 26.15 -23.61 40.54
N ALA E 136 26.40 -22.87 41.61
CA ALA E 136 25.43 -22.73 42.66
C ALA E 136 24.88 -21.32 42.56
N TYR E 137 23.63 -21.15 42.99
CA TYR E 137 22.97 -19.86 42.94
C TYR E 137 22.11 -19.60 44.17
N ARG E 138 21.92 -18.33 44.47
CA ARG E 138 20.99 -17.93 45.50
C ARG E 138 20.40 -16.58 45.14
N PHE E 139 19.38 -16.17 45.89
CA PHE E 139 18.64 -14.96 45.58
C PHE E 139 18.59 -13.96 46.72
N TYR E 140 18.41 -12.69 46.36
CA TYR E 140 18.02 -11.69 47.33
C TYR E 140 16.93 -10.81 46.74
N ALA E 141 15.87 -10.60 47.51
CA ALA E 141 14.81 -9.67 47.11
C ALA E 141 14.53 -8.69 48.25
N GLU E 142 14.69 -7.40 47.97
CA GLU E 142 14.38 -6.37 48.94
C GLU E 142 12.89 -6.40 49.27
N GLN E 143 12.05 -6.53 48.25
CA GLN E 143 10.60 -6.64 48.40
C GLN E 143 10.19 -8.00 47.86
N PRO E 144 9.01 -8.51 48.27
CA PRO E 144 8.52 -9.76 47.68
C PRO E 144 8.41 -9.67 46.15
N ALA E 145 8.88 -10.68 45.44
CA ALA E 145 8.77 -10.72 43.99
C ALA E 145 8.41 -12.13 43.53
N ALA E 146 7.71 -12.23 42.41
CA ALA E 146 7.41 -13.55 41.86
C ALA E 146 8.42 -13.89 40.78
N MET E 147 8.69 -15.18 40.66
CA MET E 147 9.58 -15.71 39.63
C MET E 147 9.16 -17.10 39.22
N LEU E 148 9.58 -17.52 38.03
CA LEU E 148 9.29 -18.85 37.54
C LEU E 148 10.58 -19.57 37.25
N PHE E 149 10.55 -20.89 37.39
CA PHE E 149 11.69 -21.74 37.07
C PHE E 149 11.35 -22.70 35.93
N GLN E 150 12.23 -22.78 34.94
CA GLN E 150 12.20 -23.81 33.92
C GLN E 150 13.15 -24.90 34.38
N SER E 151 12.61 -26.07 34.76
CA SER E 151 13.45 -27.08 35.39
C SER E 151 12.91 -28.49 35.22
N ILE E 152 13.39 -29.39 36.09
CA ILE E 152 12.94 -30.77 36.11
C ILE E 152 12.47 -31.10 37.52
N GLU E 153 11.56 -32.07 37.63
CA GLU E 153 10.96 -32.47 38.90
C GLU E 153 12.03 -33.09 39.81
N GLY E 154 12.21 -32.51 41.00
CA GLY E 154 13.19 -33.05 41.93
C GLY E 154 12.93 -32.67 43.38
N ALA E 155 14.01 -32.60 44.15
CA ALA E 155 13.95 -32.51 45.61
C ALA E 155 13.30 -31.26 46.18
N VAL E 156 13.28 -30.17 45.42
CA VAL E 156 12.66 -28.93 45.92
C VAL E 156 11.27 -28.66 45.34
N THR E 157 10.80 -29.57 44.46
CA THR E 157 9.54 -29.39 43.71
C THR E 157 8.30 -29.77 44.52
N VAL E 158 7.55 -28.76 44.98
CA VAL E 158 6.31 -29.00 45.69
C VAL E 158 5.13 -29.17 44.71
N GLN E 159 4.46 -30.32 44.78
CA GLN E 159 3.22 -30.54 44.05
C GLN E 159 1.96 -30.49 44.94
N LYS E 160 1.13 -29.47 44.71
CA LYS E 160 -0.14 -29.30 45.42
C LYS E 160 -1.29 -28.96 44.43
N TRP E 161 -1.49 -29.83 43.44
CA TRP E 161 -2.42 -29.58 42.33
C TRP E 161 -3.86 -29.27 42.72
N GLY E 162 -4.43 -30.08 43.60
CA GLY E 162 -5.81 -29.90 44.06
C GLY E 162 -6.05 -28.61 44.82
N GLU E 163 -4.97 -27.98 45.28
CA GLU E 163 -5.09 -26.78 46.10
C GLU E 163 -4.90 -25.49 45.31
N ILE E 164 -4.33 -25.60 44.10
CA ILE E 164 -4.00 -24.41 43.29
C ILE E 164 -4.82 -24.29 41.99
N CYS E 165 -5.38 -25.41 41.54
CA CYS E 165 -6.10 -25.46 40.26
C CYS E 165 -7.61 -25.34 40.37
N GLN E 166 -8.24 -25.11 39.22
CA GLN E 166 -9.69 -24.98 39.12
C GLN E 166 -10.29 -26.39 38.99
N THR E 167 -11.31 -26.68 39.81
CA THR E 167 -11.91 -28.02 39.87
C THR E 167 -13.37 -28.09 39.39
N GLU E 168 -14.03 -26.94 39.32
CA GLU E 168 -15.40 -26.87 38.82
C GLU E 168 -15.64 -25.62 37.97
N ALA E 169 -16.56 -25.72 37.02
CA ALA E 169 -16.87 -24.59 36.14
C ALA E 169 -17.93 -23.68 36.73
N LYS F 16 4.28 -46.66 0.92
CA LYS F 16 5.27 -45.55 0.87
C LYS F 16 4.60 -44.19 0.65
N ALA F 17 5.25 -43.13 1.13
CA ALA F 17 4.77 -41.76 0.94
C ALA F 17 5.12 -41.23 -0.44
N ARG F 18 4.24 -40.41 -1.00
CA ARG F 18 4.37 -39.92 -2.38
C ARG F 18 5.26 -38.69 -2.48
N THR F 19 5.70 -38.38 -3.69
CA THR F 19 6.46 -37.16 -3.94
C THR F 19 5.96 -36.36 -5.14
N ASP F 20 4.85 -36.78 -5.73
CA ASP F 20 4.36 -36.19 -6.99
C ASP F 20 3.60 -34.87 -6.79
N THR F 21 4.22 -33.79 -7.23
CA THR F 21 3.58 -32.47 -7.22
C THR F 21 3.82 -31.83 -8.58
N GLU F 22 3.20 -30.69 -8.82
CA GLU F 22 3.13 -30.15 -10.16
C GLU F 22 2.71 -28.69 -10.22
N HIS F 23 3.44 -27.93 -11.04
CA HIS F 23 3.01 -26.60 -11.45
C HIS F 23 1.99 -26.81 -12.56
N LEU F 24 0.90 -26.07 -12.52
CA LEU F 24 -0.06 -26.08 -13.61
C LEU F 24 -0.02 -24.71 -14.30
N ALA F 25 -1.10 -24.36 -14.99
CA ALA F 25 -1.11 -23.14 -15.80
C ALA F 25 -1.34 -21.91 -14.95
N ILE F 26 -0.82 -20.78 -15.40
CA ILE F 26 -1.25 -19.47 -14.92
C ILE F 26 -2.60 -19.16 -15.57
N ASN F 27 -3.60 -18.85 -14.76
CA ASN F 27 -4.89 -18.40 -15.27
C ASN F 27 -4.76 -17.00 -15.87
N ASN F 28 -5.24 -16.84 -17.10
CA ASN F 28 -5.15 -15.58 -17.84
C ASN F 28 -5.87 -14.41 -17.18
N GLU F 29 -6.98 -14.71 -16.53
CA GLU F 29 -7.82 -13.68 -15.90
C GLU F 29 -7.26 -13.24 -14.55
N THR F 30 -6.97 -14.21 -13.68
CA THR F 30 -6.53 -13.95 -12.31
C THR F 30 -5.05 -13.62 -12.16
N GLY F 31 -4.23 -14.19 -13.03
CA GLY F 31 -2.78 -14.02 -12.98
C GLY F 31 -2.11 -15.01 -12.03
N TYR F 32 -2.90 -15.92 -11.46
CA TYR F 32 -2.43 -16.89 -10.48
C TYR F 32 -2.24 -18.25 -11.13
N ARG F 33 -1.24 -18.97 -10.64
CA ARG F 33 -0.94 -20.33 -11.09
C ARG F 33 -1.65 -21.28 -10.17
N SER F 34 -2.15 -22.38 -10.72
CA SER F 34 -2.66 -23.46 -9.88
C SER F 34 -1.58 -24.52 -9.70
N PHE F 35 -1.79 -25.42 -8.74
CA PHE F 35 -0.80 -26.43 -8.35
C PHE F 35 -1.51 -27.74 -8.00
N ARG F 36 -0.80 -28.86 -8.13
CA ARG F 36 -1.32 -30.16 -7.68
C ARG F 36 -0.35 -30.81 -6.70
N ALA F 37 -0.90 -31.51 -5.71
CA ALA F 37 -0.09 -32.41 -4.88
C ALA F 37 -0.84 -33.73 -4.70
N GLY F 38 -0.29 -34.80 -5.24
CA GLY F 38 -0.98 -36.09 -5.27
C GLY F 38 -2.32 -35.91 -5.97
N GLY F 39 -3.40 -36.18 -5.23
CA GLY F 39 -4.75 -36.01 -5.75
C GLY F 39 -5.36 -34.64 -5.48
N PHE F 40 -4.71 -33.86 -4.61
CA PHE F 40 -5.21 -32.53 -4.28
C PHE F 40 -4.81 -31.51 -5.34
N THR F 41 -5.72 -30.57 -5.62
CA THR F 41 -5.39 -29.45 -6.50
C THR F 41 -5.68 -28.09 -5.82
N PHE F 42 -4.87 -27.09 -6.13
CA PHE F 42 -4.95 -25.80 -5.43
C PHE F 42 -5.10 -24.67 -6.42
N THR F 43 -6.19 -23.92 -6.29
CA THR F 43 -6.49 -22.80 -7.17
C THR F 43 -7.04 -21.63 -6.34
N ARG F 44 -6.61 -20.41 -6.67
CA ARG F 44 -7.18 -19.24 -6.01
C ARG F 44 -7.70 -18.24 -7.03
N ASP F 45 -8.73 -17.50 -6.63
CA ASP F 45 -9.25 -16.37 -7.41
C ASP F 45 -9.16 -15.07 -6.60
N GLU F 46 -9.98 -14.08 -6.92
CA GLU F 46 -9.92 -12.80 -6.21
C GLU F 46 -10.35 -12.88 -4.76
N TYR F 47 -11.08 -13.94 -4.41
CA TYR F 47 -11.63 -14.08 -3.06
C TYR F 47 -11.26 -15.38 -2.34
N PHE F 48 -11.16 -16.48 -3.06
CA PHE F 48 -11.17 -17.80 -2.44
C PHE F 48 -9.97 -18.67 -2.79
N ALA F 49 -9.62 -19.56 -1.85
CA ALA F 49 -8.77 -20.71 -2.15
C ALA F 49 -9.72 -21.85 -2.46
N ARG F 50 -9.55 -22.44 -3.65
CA ARG F 50 -10.40 -23.55 -4.11
C ARG F 50 -9.59 -24.83 -4.17
N LEU F 51 -10.03 -25.80 -3.37
CA LEU F 51 -9.32 -27.07 -3.23
C LEU F 51 -10.20 -28.18 -3.71
N THR F 52 -9.61 -29.14 -4.42
CA THR F 52 -10.33 -30.34 -4.85
C THR F 52 -9.46 -31.53 -4.49
N TRP F 53 -10.10 -32.68 -4.32
CA TRP F 53 -9.42 -33.97 -4.15
C TRP F 53 -10.33 -35.01 -4.80
N PRO F 54 -9.85 -36.26 -4.96
CA PRO F 54 -10.76 -37.30 -5.44
C PRO F 54 -12.03 -37.41 -4.57
N GLY F 55 -13.16 -36.99 -5.14
CA GLY F 55 -14.46 -37.15 -4.51
C GLY F 55 -15.06 -35.91 -3.91
N GLY F 56 -14.29 -34.84 -3.78
CA GLY F 56 -14.79 -33.66 -3.11
C GLY F 56 -14.07 -32.39 -3.47
N SER F 57 -14.63 -31.27 -3.02
CA SER F 57 -13.97 -29.98 -3.10
C SER F 57 -14.44 -29.12 -1.93
N HIS F 58 -13.79 -27.96 -1.73
CA HIS F 58 -14.01 -27.14 -0.55
C HIS F 58 -13.43 -25.73 -0.78
N ILE F 59 -14.04 -24.72 -0.18
CA ILE F 59 -13.59 -23.35 -0.39
C ILE F 59 -13.15 -22.73 0.93
N ILE F 60 -12.07 -21.95 0.89
CA ILE F 60 -11.63 -21.17 2.06
C ILE F 60 -11.30 -19.74 1.65
N PRO F 61 -11.88 -18.74 2.36
CA PRO F 61 -11.56 -17.34 2.05
C PRO F 61 -10.06 -17.16 1.96
N ILE F 62 -9.59 -16.52 0.90
CA ILE F 62 -8.15 -16.54 0.61
C ILE F 62 -7.29 -15.95 1.73
N ASP F 63 -7.81 -14.99 2.49
CA ASP F 63 -7.04 -14.39 3.58
C ASP F 63 -6.77 -15.37 4.73
N ALA F 64 -7.82 -16.08 5.16
CA ALA F 64 -7.69 -17.12 6.19
C ALA F 64 -6.79 -18.27 5.71
N PHE F 65 -6.90 -18.63 4.43
CA PHE F 65 -6.04 -19.68 3.86
C PHE F 65 -4.56 -19.29 3.87
N LEU F 66 -4.23 -18.10 3.39
CA LEU F 66 -2.84 -17.66 3.32
C LEU F 66 -2.20 -17.51 4.70
N ARG F 67 -3.01 -17.09 5.68
CA ARG F 67 -2.56 -16.96 7.05
C ARG F 67 -2.22 -18.34 7.61
N ALA F 68 -3.07 -19.31 7.28
CA ALA F 68 -2.88 -20.67 7.79
C ALA F 68 -1.67 -21.32 7.10
N MET F 69 -1.61 -21.20 5.77
CA MET F 69 -0.50 -21.72 5.00
C MET F 69 0.84 -21.15 5.49
N MET F 70 0.87 -19.83 5.72
N MET F 70 0.89 -19.84 5.72
CA MET F 70 2.05 -19.15 6.24
CA MET F 70 2.11 -19.18 6.21
C MET F 70 2.61 -19.87 7.46
C MET F 70 2.64 -19.86 7.48
N ARG F 71 1.73 -20.23 8.39
CA ARG F 71 2.11 -20.92 9.63
C ARG F 71 2.59 -22.34 9.36
N ASP F 72 1.82 -23.12 8.60
CA ASP F 72 2.25 -24.50 8.29
C ASP F 72 3.65 -24.54 7.66
N VAL F 73 3.93 -23.57 6.80
CA VAL F 73 5.24 -23.44 6.18
C VAL F 73 6.29 -22.99 7.20
N ALA F 74 6.04 -21.89 7.90
CA ALA F 74 7.02 -21.39 8.86
C ALA F 74 7.33 -22.40 9.96
N TRP F 75 6.34 -23.24 10.28
CA TRP F 75 6.52 -24.20 11.37
C TRP F 75 7.07 -25.56 10.92
N GLY F 76 7.28 -25.72 9.62
CA GLY F 76 7.69 -27.00 9.07
C GLY F 76 6.73 -28.11 9.47
N PHE F 77 5.44 -27.80 9.39
CA PHE F 77 4.34 -28.74 9.69
C PHE F 77 4.10 -28.93 11.20
N PHE F 78 4.86 -28.18 12.02
CA PHE F 78 4.58 -28.06 13.46
C PHE F 78 4.50 -29.42 14.16
N TYR F 79 3.66 -29.54 15.17
CA TYR F 79 3.49 -30.78 15.90
C TYR F 79 2.07 -31.28 15.72
N GLY F 80 1.92 -32.58 15.47
CA GLY F 80 0.60 -33.19 15.34
C GLY F 80 -0.20 -32.64 14.17
N VAL F 81 -1.42 -32.20 14.47
CA VAL F 81 -2.42 -31.79 13.47
C VAL F 81 -2.54 -30.26 13.34
N VAL F 82 -2.35 -29.75 12.13
CA VAL F 82 -2.57 -28.34 11.82
C VAL F 82 -3.84 -28.21 10.97
N ASN F 83 -4.99 -27.96 11.60
CA ASN F 83 -6.24 -27.82 10.84
C ASN F 83 -6.35 -26.40 10.32
N PHE F 84 -6.39 -26.24 8.98
CA PHE F 84 -6.67 -24.92 8.36
C PHE F 84 -8.08 -24.47 8.73
N ASP F 85 -9.03 -25.40 8.70
CA ASP F 85 -10.39 -25.20 9.22
C ASP F 85 -10.98 -26.53 9.65
N HIS F 86 -12.30 -26.59 9.72
CA HIS F 86 -13.02 -27.80 10.10
C HIS F 86 -12.91 -28.95 9.08
N VAL F 87 -12.32 -28.68 7.91
CA VAL F 87 -12.22 -29.70 6.87
C VAL F 87 -10.77 -30.07 6.53
N PHE F 88 -9.98 -29.06 6.22
CA PHE F 88 -8.66 -29.24 5.60
C PHE F 88 -7.50 -29.00 6.57
N GLY F 89 -6.42 -29.78 6.41
CA GLY F 89 -5.24 -29.67 7.26
C GLY F 89 -4.14 -30.69 6.99
N THR F 90 -3.11 -30.67 7.82
CA THR F 90 -2.01 -31.62 7.72
C THR F 90 -1.72 -32.31 9.04
N ILE F 91 -1.10 -33.50 8.95
CA ILE F 91 -0.60 -34.22 10.13
C ILE F 91 0.88 -34.49 9.94
N ASN F 92 1.68 -34.05 10.90
CA ASN F 92 3.12 -34.21 10.83
C ASN F 92 3.56 -35.56 11.40
N HIS F 93 4.30 -36.34 10.61
CA HIS F 93 4.92 -37.56 11.12
C HIS F 93 6.45 -37.43 11.10
N TYR F 94 6.95 -36.21 10.98
CA TYR F 94 8.38 -35.87 11.20
C TYR F 94 9.33 -36.56 10.22
N GLY F 95 9.41 -36.00 9.01
CA GLY F 95 10.09 -36.61 7.87
C GLY F 95 9.03 -36.93 6.82
N GLU F 96 7.83 -37.21 7.30
CA GLU F 96 6.67 -37.40 6.42
C GLU F 96 5.46 -36.62 6.92
N VAL F 97 4.46 -36.49 6.06
CA VAL F 97 3.31 -35.64 6.37
C VAL F 97 2.09 -36.11 5.61
N THR F 98 0.95 -36.17 6.31
CA THR F 98 -0.33 -36.43 5.69
C THR F 98 -1.07 -35.12 5.38
N MET F 99 -1.72 -35.06 4.22
CA MET F 99 -2.64 -33.96 3.87
C MET F 99 -4.06 -34.50 3.73
N PHE F 100 -5.00 -33.88 4.44
CA PHE F 100 -6.35 -34.44 4.55
C PHE F 100 -7.49 -33.46 4.27
N ALA F 101 -8.66 -34.04 3.98
CA ALA F 101 -9.93 -33.32 3.91
C ALA F 101 -10.97 -34.13 4.65
N GLY F 102 -11.47 -33.59 5.77
CA GLY F 102 -12.54 -34.23 6.52
C GLY F 102 -12.14 -35.30 7.53
N ARG F 103 -10.85 -35.58 7.62
CA ARG F 103 -10.29 -36.59 8.54
C ARG F 103 -10.68 -36.39 10.02
N PHE F 104 -10.73 -35.14 10.48
CA PHE F 104 -11.14 -34.85 11.86
C PHE F 104 -12.49 -34.12 11.88
N ASN F 105 -13.33 -34.47 10.92
CA ASN F 105 -14.70 -33.97 10.84
C ASN F 105 -15.66 -35.16 10.92
N ASP F 106 -16.50 -35.17 11.96
CA ASP F 106 -17.42 -36.27 12.23
C ASP F 106 -18.32 -36.62 11.04
N ALA F 107 -18.86 -35.60 10.37
CA ALA F 107 -19.78 -35.82 9.25
C ALA F 107 -19.09 -36.48 8.06
N TYR F 108 -17.86 -36.09 7.78
CA TYR F 108 -17.07 -36.68 6.69
C TYR F 108 -16.65 -38.12 7.04
N ARG F 109 -16.26 -38.32 8.30
CA ARG F 109 -15.81 -39.61 8.82
C ARG F 109 -16.92 -40.66 8.85
N ASN F 110 -17.99 -40.38 9.59
CA ASN F 110 -19.17 -41.24 9.66
C ASN F 110 -19.69 -41.67 8.27
N ALA F 111 -19.31 -40.94 7.23
CA ALA F 111 -19.84 -41.16 5.89
C ALA F 111 -18.80 -41.70 4.91
N GLY F 112 -17.60 -41.99 5.40
CA GLY F 112 -16.51 -42.54 4.58
C GLY F 112 -16.15 -41.65 3.41
N ARG F 113 -16.38 -40.35 3.58
CA ARG F 113 -16.15 -39.37 2.52
C ARG F 113 -14.88 -38.55 2.78
N ASP F 114 -14.18 -38.85 3.86
CA ASP F 114 -12.89 -38.25 4.15
C ASP F 114 -11.82 -38.82 3.23
N HIS F 115 -10.79 -38.02 2.96
CA HIS F 115 -9.69 -38.41 2.09
C HIS F 115 -8.39 -37.89 2.67
N GLU F 116 -7.33 -38.71 2.58
CA GLU F 116 -6.00 -38.32 3.06
C GLU F 116 -4.93 -38.95 2.21
N GLU F 117 -3.85 -38.22 1.97
CA GLU F 117 -2.69 -38.74 1.26
C GLU F 117 -1.40 -38.44 2.06
N ARG F 118 -0.46 -39.38 2.06
CA ARG F 118 0.82 -39.21 2.77
C ARG F 118 1.93 -38.83 1.81
N PHE F 119 2.68 -37.78 2.15
CA PHE F 119 3.80 -37.24 1.34
C PHE F 119 5.13 -37.25 2.11
N LYS F 120 6.24 -37.19 1.37
CA LYS F 120 7.53 -36.82 1.94
C LYS F 120 7.50 -35.33 2.23
N SER F 121 7.86 -34.96 3.45
CA SER F 121 7.72 -33.59 3.90
C SER F 121 8.33 -32.56 2.96
N SER F 122 9.51 -32.86 2.42
CA SER F 122 10.17 -31.96 1.47
C SER F 122 9.42 -31.80 0.15
N ALA F 123 8.70 -32.83 -0.28
CA ALA F 123 7.89 -32.75 -1.50
C ALA F 123 6.72 -31.77 -1.29
N LEU F 124 5.96 -31.98 -0.24
CA LEU F 124 4.82 -31.12 0.06
C LEU F 124 5.24 -29.72 0.53
N MET F 125 6.35 -29.62 1.24
CA MET F 125 6.85 -28.32 1.68
C MET F 125 7.28 -27.46 0.49
N ALA F 126 7.86 -28.10 -0.51
CA ALA F 126 8.26 -27.38 -1.73
C ALA F 126 7.07 -26.75 -2.45
N VAL F 127 5.99 -27.50 -2.65
CA VAL F 127 4.81 -26.96 -3.34
C VAL F 127 4.04 -25.94 -2.48
N PHE F 128 3.92 -26.22 -1.18
CA PHE F 128 3.32 -25.26 -0.24
C PHE F 128 4.01 -23.90 -0.38
N LYS F 129 5.34 -23.90 -0.51
CA LYS F 129 6.10 -22.66 -0.66
C LYS F 129 5.78 -21.95 -1.95
N ASP F 130 5.56 -22.73 -3.02
CA ASP F 130 5.23 -22.19 -4.33
C ASP F 130 3.82 -21.57 -4.33
N ILE F 131 2.88 -22.29 -3.72
CA ILE F 131 1.54 -21.75 -3.49
C ILE F 131 1.60 -20.44 -2.71
N LEU F 132 2.27 -20.46 -1.55
CA LEU F 132 2.35 -19.30 -0.67
C LEU F 132 2.96 -18.11 -1.42
N SER F 133 4.02 -18.38 -2.17
CA SER F 133 4.69 -17.34 -2.93
C SER F 133 3.85 -16.83 -4.09
N ASP F 134 3.19 -17.73 -4.82
CA ASP F 134 2.43 -17.33 -5.98
C ASP F 134 1.21 -16.49 -5.59
N TRP F 135 0.57 -16.87 -4.49
CA TRP F 135 -0.72 -16.31 -4.11
C TRP F 135 -0.68 -15.06 -3.21
N THR F 136 0.51 -14.75 -2.70
CA THR F 136 0.68 -13.60 -1.83
C THR F 136 1.04 -12.41 -2.69
N VAL F 137 0.22 -11.37 -2.64
CA VAL F 137 0.40 -10.21 -3.48
C VAL F 137 1.15 -9.13 -2.73
N GLU F 138 1.71 -8.19 -3.48
CA GLU F 138 2.40 -7.05 -2.93
C GLU F 138 1.58 -6.36 -1.82
N GLY F 139 2.26 -5.94 -0.76
CA GLY F 139 1.61 -5.19 0.31
C GLY F 139 0.84 -6.05 1.30
N TYR F 140 0.75 -7.36 1.02
CA TYR F 140 0.06 -8.29 1.90
C TYR F 140 1.05 -9.17 2.69
N ASP F 141 0.90 -9.19 4.01
CA ASP F 141 1.77 -9.97 4.89
C ASP F 141 0.92 -10.96 5.69
N PRO F 142 0.88 -12.24 5.25
CA PRO F 142 0.05 -13.24 5.93
C PRO F 142 0.55 -13.66 7.33
N PHE F 143 1.61 -13.02 7.81
CA PHE F 143 2.17 -13.29 9.14
C PHE F 143 1.75 -12.19 10.11
N ALA F 144 1.16 -11.12 9.57
CA ALA F 144 0.80 -9.95 10.37
C ALA F 144 -0.68 -9.96 10.81
N ALA F 145 -1.01 -9.13 11.78
CA ALA F 145 -2.39 -8.90 12.20
C ALA F 145 -3.11 -8.05 11.15
N PRO F 146 -4.43 -8.25 10.98
CA PRO F 146 -5.12 -7.51 9.92
C PRO F 146 -4.89 -5.99 9.91
N MET F 147 -4.81 -5.36 11.08
CA MET F 147 -4.63 -3.91 11.09
C MET F 147 -3.22 -3.45 10.67
N GLU F 148 -2.30 -4.40 10.56
CA GLU F 148 -0.89 -4.09 10.28
C GLU F 148 -0.53 -4.12 8.80
N THR F 149 -1.43 -4.62 7.95
CA THR F 149 -1.05 -4.98 6.59
C THR F 149 -2.18 -4.69 5.61
N GLY F 150 -1.90 -4.90 4.33
CA GLY F 150 -2.90 -4.72 3.29
C GLY F 150 -3.78 -5.94 3.08
N LEU F 151 -4.40 -6.00 1.90
CA LEU F 151 -5.45 -6.98 1.59
C LEU F 151 -4.97 -7.95 0.52
N PRO F 152 -5.49 -9.20 0.55
CA PRO F 152 -5.11 -10.22 -0.42
C PRO F 152 -6.07 -10.33 -1.61
N TRP F 153 -7.13 -9.52 -1.64
CA TRP F 153 -8.17 -9.69 -2.66
C TRP F 153 -7.67 -9.31 -4.05
N GLY F 154 -8.38 -9.81 -5.06
CA GLY F 154 -8.20 -9.34 -6.42
C GLY F 154 -7.23 -10.15 -7.26
N ILE F 155 -6.90 -9.64 -8.44
CA ILE F 155 -6.01 -10.33 -9.36
C ILE F 155 -4.56 -10.21 -8.89
N LYS F 156 -3.72 -11.16 -9.32
CA LYS F 156 -2.30 -11.17 -9.00
C LYS F 156 -1.67 -9.79 -9.24
N ASN F 157 -1.00 -9.28 -8.23
CA ASN F 157 -0.41 -7.95 -8.27
C ASN F 157 0.90 -8.00 -7.51
N GLY F 158 1.96 -8.42 -8.20
CA GLY F 158 3.28 -8.59 -7.61
C GLY F 158 3.33 -9.74 -6.62
N ASN F 159 4.32 -9.68 -5.73
CA ASN F 159 4.55 -10.68 -4.69
C ASN F 159 4.97 -10.00 -3.40
N ASN F 160 4.95 -10.75 -2.30
CA ASN F 160 5.57 -10.29 -1.08
C ASN F 160 6.52 -11.35 -0.52
N ASP F 161 7.48 -11.73 -1.36
CA ASP F 161 8.42 -12.81 -1.02
C ASP F 161 9.26 -12.60 0.24
N GLU F 162 9.61 -11.36 0.54
CA GLU F 162 10.34 -11.07 1.76
C GLU F 162 9.56 -11.41 3.03
N ALA F 163 8.26 -11.12 3.03
CA ALA F 163 7.41 -11.42 4.20
C ALA F 163 7.21 -12.91 4.44
N ILE F 164 7.20 -13.72 3.38
CA ILE F 164 6.88 -15.16 3.49
C ILE F 164 8.09 -16.08 3.68
N SER F 165 9.28 -15.49 3.63
CA SER F 165 10.51 -16.27 3.73
C SER F 165 11.40 -15.77 4.87
N ARG F 166 10.79 -15.37 5.98
CA ARG F 166 11.56 -14.96 7.15
C ARG F 166 12.25 -16.18 7.72
N GLN F 167 13.50 -16.01 8.17
CA GLN F 167 14.26 -17.10 8.77
C GLN F 167 13.73 -17.45 10.17
N ARG F 168 13.53 -18.75 10.40
CA ARG F 168 13.11 -19.27 11.70
C ARG F 168 14.22 -19.05 12.73
N VAL F 169 13.87 -18.52 13.91
CA VAL F 169 14.85 -18.34 15.00
C VAL F 169 14.59 -19.34 16.14
N THR F 170 15.63 -20.10 16.48
CA THR F 170 15.55 -21.12 17.51
C THR F 170 16.80 -21.06 18.37
N ALA F 171 16.65 -20.76 19.65
CA ALA F 171 17.77 -20.79 20.57
C ALA F 171 18.30 -22.21 20.72
N ARG F 172 19.62 -22.35 20.79
CA ARG F 172 20.25 -23.62 21.15
C ARG F 172 20.17 -23.85 22.67
N ARG F 173 20.36 -22.78 23.44
CA ARG F 173 20.37 -22.88 24.88
C ARG F 173 19.60 -21.72 25.46
N MET F 174 20.06 -20.51 25.15
CA MET F 174 19.34 -19.30 25.52
C MET F 174 19.67 -18.14 24.59
N VAL F 175 18.66 -17.30 24.34
CA VAL F 175 18.82 -16.03 23.66
C VAL F 175 19.96 -15.23 24.31
N GLY F 176 20.87 -14.73 23.49
CA GLY F 176 21.88 -13.78 23.95
C GLY F 176 23.21 -14.37 24.35
N LEU F 177 23.31 -15.70 24.46
CA LEU F 177 24.59 -16.35 24.78
C LEU F 177 25.54 -16.27 23.57
N PRO F 178 26.88 -16.32 23.81
CA PRO F 178 27.84 -16.41 22.71
C PRO F 178 27.47 -17.49 21.72
N GLY F 179 27.45 -17.14 20.44
CA GLY F 179 27.06 -18.07 19.39
C GLY F 179 25.60 -18.50 19.35
N ASP F 180 24.75 -17.94 20.20
CA ASP F 180 23.35 -18.35 20.18
C ASP F 180 22.47 -17.30 19.49
N THR F 181 21.17 -17.53 19.39
CA THR F 181 20.31 -16.54 18.76
C THR F 181 20.32 -15.22 19.57
N PRO F 182 20.39 -14.08 18.87
CA PRO F 182 20.70 -12.86 19.59
C PRO F 182 19.49 -12.03 20.03
N VAL F 183 19.75 -11.11 20.96
CA VAL F 183 18.80 -10.14 21.45
C VAL F 183 18.36 -9.27 20.27
N ARG F 184 17.07 -8.93 20.23
CA ARG F 184 16.53 -8.09 19.15
C ARG F 184 16.74 -6.61 19.45
N THR F 185 17.20 -5.85 18.46
CA THR F 185 17.52 -4.43 18.65
C THR F 185 17.01 -3.63 17.47
N ASP F 186 16.96 -2.31 17.57
CA ASP F 186 16.75 -1.50 16.37
C ASP F 186 17.85 -1.81 15.37
N ALA F 187 19.10 -1.84 15.85
CA ALA F 187 20.27 -2.08 15.02
C ALA F 187 20.16 -3.31 14.13
N ASN F 188 19.65 -4.43 14.67
CA ASN F 188 19.51 -5.62 13.84
C ASN F 188 18.14 -5.80 13.18
N GLY F 189 17.34 -4.75 13.17
CA GLY F 189 16.13 -4.72 12.32
C GLY F 189 14.83 -5.06 13.00
N PHE F 190 14.80 -4.98 14.33
CA PHE F 190 13.62 -5.37 15.11
C PHE F 190 13.15 -4.29 16.08
N PRO F 191 12.43 -3.27 15.56
CA PRO F 191 11.92 -2.20 16.44
C PRO F 191 10.69 -2.65 17.23
N VAL F 192 10.39 -1.93 18.30
CA VAL F 192 9.27 -2.28 19.17
C VAL F 192 7.95 -2.13 18.42
N ASN F 193 7.09 -3.16 18.45
CA ASN F 193 5.77 -3.08 17.83
C ASN F 193 4.91 -1.95 18.43
N ARG F 194 4.07 -1.33 17.59
CA ARG F 194 3.20 -0.21 18.02
C ARG F 194 2.27 -0.57 19.21
N GLN F 195 1.76 -1.81 19.24
CA GLN F 195 0.91 -2.20 20.35
C GLN F 195 1.68 -2.71 21.58
N PHE F 196 3.00 -2.54 21.57
CA PHE F 196 3.83 -2.79 22.77
C PHE F 196 4.68 -1.56 23.08
N ALA F 197 4.25 -0.39 22.64
CA ALA F 197 5.07 0.82 22.75
C ALA F 197 5.40 1.24 24.18
N ASP F 198 4.63 0.76 25.15
CA ASP F 198 4.82 1.12 26.57
C ASP F 198 5.75 0.17 27.34
N VAL F 199 6.20 -0.91 26.71
CA VAL F 199 6.96 -1.95 27.42
C VAL F 199 8.41 -1.51 27.70
N PRO F 200 8.85 -1.57 28.97
CA PRO F 200 10.24 -1.23 29.33
C PRO F 200 11.28 -2.07 28.55
N GLN F 201 12.30 -1.39 28.03
CA GLN F 201 13.25 -2.01 27.12
C GLN F 201 14.64 -2.28 27.72
N GLU F 202 14.90 -1.76 28.91
CA GLU F 202 16.23 -1.91 29.52
C GLU F 202 16.60 -3.40 29.74
N GLN F 203 17.87 -3.73 29.50
CA GLN F 203 18.40 -5.07 29.79
C GLN F 203 18.70 -5.22 31.29
N PRO F 204 18.64 -6.44 31.83
CA PRO F 204 19.04 -6.68 33.21
C PRO F 204 20.51 -6.33 33.46
N VAL F 205 20.84 -5.93 34.69
CA VAL F 205 22.23 -5.65 35.02
C VAL F 205 22.95 -7.00 35.13
N VAL F 206 24.06 -7.15 34.39
CA VAL F 206 24.88 -8.35 34.43
C VAL F 206 26.33 -7.99 34.75
N GLU F 207 26.79 -8.41 35.93
CA GLU F 207 28.17 -8.18 36.35
C GLU F 207 28.88 -9.53 36.47
N ALA F 208 29.66 -9.87 35.46
CA ALA F 208 30.44 -11.10 35.48
C ALA F 208 31.84 -10.87 36.05
N GLU F 209 32.31 -11.83 36.83
CA GLU F 209 33.70 -11.84 37.28
C GLU F 209 34.60 -12.26 36.11
N PRO F 210 35.88 -11.85 36.13
CA PRO F 210 36.79 -12.15 35.02
C PRO F 210 36.86 -13.65 34.73
N GLY F 211 36.80 -14.02 33.45
CA GLY F 211 36.87 -15.43 33.04
C GLY F 211 35.51 -16.10 32.93
N PHE F 212 34.48 -15.43 33.44
CA PHE F 212 33.14 -16.00 33.50
C PHE F 212 32.11 -15.31 32.60
N GLU F 213 32.54 -14.33 31.82
CA GLU F 213 31.64 -13.54 30.95
C GLU F 213 30.72 -14.39 30.07
N ALA F 214 31.24 -15.51 29.60
CA ALA F 214 30.47 -16.41 28.72
C ALA F 214 29.30 -17.12 29.39
N GLU F 215 29.39 -17.39 30.69
CA GLU F 215 28.34 -18.16 31.36
C GLU F 215 27.50 -17.41 32.41
N VAL F 216 27.62 -16.09 32.45
CA VAL F 216 26.80 -15.24 33.30
C VAL F 216 25.96 -14.39 32.36
N SER F 217 24.73 -14.85 32.10
CA SER F 217 23.94 -14.29 31.03
C SER F 217 22.48 -14.06 31.40
N ALA F 218 21.97 -12.87 31.05
CA ALA F 218 20.56 -12.51 31.20
C ALA F 218 20.08 -11.50 30.15
N TYR F 219 18.80 -11.57 29.81
CA TYR F 219 18.21 -10.71 28.79
C TYR F 219 16.75 -10.39 29.11
N ASN F 220 16.26 -9.29 28.56
CA ASN F 220 14.87 -8.85 28.73
C ASN F 220 13.89 -9.57 27.78
N LEU F 221 13.29 -10.67 28.26
CA LEU F 221 12.38 -11.45 27.42
C LEU F 221 11.13 -10.71 26.96
N PHE F 222 10.50 -9.96 27.86
CA PHE F 222 9.32 -9.17 27.48
C PHE F 222 9.66 -8.15 26.37
N GLY F 223 10.82 -7.50 26.49
CA GLY F 223 11.28 -6.57 25.46
C GLY F 223 11.56 -7.27 24.13
N TYR F 224 12.05 -8.50 24.24
CA TYR F 224 12.35 -9.36 23.09
C TYR F 224 11.06 -9.66 22.31
N LEU F 225 10.05 -10.10 23.04
CA LEU F 225 8.72 -10.33 22.48
C LEU F 225 8.08 -9.04 21.93
N SER F 226 8.31 -7.91 22.59
CA SER F 226 7.75 -6.64 22.10
C SER F 226 8.26 -6.26 20.70
N ARG F 227 9.36 -6.90 20.29
CA ARG F 227 10.05 -6.56 19.05
C ARG F 227 9.86 -7.61 17.96
N SER F 228 9.07 -8.65 18.24
CA SER F 228 8.74 -9.62 17.20
C SER F 228 7.99 -8.96 16.02
N ASP F 229 8.41 -9.32 14.81
CA ASP F 229 7.80 -8.79 13.56
C ASP F 229 6.68 -9.68 13.01
N VAL F 230 6.27 -10.69 13.77
CA VAL F 230 5.24 -11.64 13.34
C VAL F 230 4.27 -11.92 14.46
N THR F 231 3.12 -12.50 14.12
CA THR F 231 2.13 -12.89 15.12
C THR F 231 1.95 -14.40 15.10
N TRP F 232 1.63 -15.00 16.26
CA TRP F 232 1.35 -16.43 16.35
C TRP F 232 2.51 -17.27 15.76
N ASN F 233 3.67 -17.21 16.41
CA ASN F 233 4.87 -17.90 15.94
C ASN F 233 5.77 -18.35 17.08
N PRO F 234 5.42 -19.47 17.75
CA PRO F 234 6.21 -19.97 18.87
C PRO F 234 7.66 -20.13 18.48
N SER F 235 8.54 -19.47 19.22
CA SER F 235 9.95 -19.41 18.87
C SER F 235 10.77 -19.69 20.14
N VAL F 236 11.67 -20.68 20.06
CA VAL F 236 12.36 -21.21 21.23
C VAL F 236 13.32 -20.18 21.82
N CYS F 237 13.18 -19.90 23.11
CA CYS F 237 14.05 -18.93 23.78
C CYS F 237 15.01 -19.55 24.83
N SER F 238 14.69 -20.73 25.33
CA SER F 238 15.52 -21.40 26.32
C SER F 238 15.27 -22.92 26.33
N VAL F 239 16.32 -23.69 26.54
CA VAL F 239 16.24 -25.15 26.46
C VAL F 239 16.80 -25.84 27.69
N VAL F 240 16.03 -26.79 28.23
CA VAL F 240 16.55 -27.74 29.20
C VAL F 240 16.12 -29.14 28.74
N GLY F 241 17.07 -29.89 28.18
CA GLY F 241 16.79 -31.18 27.57
C GLY F 241 15.72 -31.03 26.50
N ASP F 242 14.58 -31.69 26.72
CA ASP F 242 13.44 -31.62 25.80
C ASP F 242 12.45 -30.49 26.14
N SER F 243 12.67 -29.79 27.26
CA SER F 243 11.80 -28.69 27.66
C SER F 243 12.11 -27.39 26.90
N LEU F 244 11.15 -26.94 26.10
CA LEU F 244 11.33 -25.78 25.23
C LEU F 244 10.34 -24.69 25.58
N PHE F 245 10.86 -23.55 26.06
CA PHE F 245 10.08 -22.34 26.17
C PHE F 245 10.00 -21.71 24.77
N CYS F 246 8.78 -21.52 24.27
CA CYS F 246 8.56 -20.95 22.93
C CYS F 246 7.59 -19.77 22.99
N PRO F 247 8.04 -18.62 23.52
CA PRO F 247 7.15 -17.48 23.54
C PRO F 247 6.93 -16.85 22.16
N THR F 248 5.90 -15.99 22.05
CA THR F 248 5.49 -15.35 20.80
C THR F 248 4.58 -14.17 21.12
N SER F 249 4.41 -13.27 20.17
CA SER F 249 3.45 -12.18 20.31
C SER F 249 2.23 -12.51 19.46
N GLU F 250 1.02 -12.32 20.00
CA GLU F 250 -0.23 -12.77 19.38
CA GLU F 250 -0.18 -12.74 19.31
C GLU F 250 -1.22 -11.63 19.25
N GLU F 251 -1.94 -11.57 18.13
CA GLU F 251 -2.92 -10.52 17.87
C GLU F 251 -3.97 -11.08 16.92
N PHE F 252 -5.24 -10.73 17.11
CA PHE F 252 -6.34 -11.26 16.27
C PHE F 252 -6.59 -12.77 16.55
N ILE F 253 -6.59 -13.63 15.52
CA ILE F 253 -7.01 -15.04 15.68
C ILE F 253 -5.89 -16.00 15.24
N LEU F 254 -5.50 -16.93 16.10
CA LEU F 254 -4.58 -17.98 15.67
C LEU F 254 -5.14 -18.57 14.36
N PRO F 255 -4.39 -18.49 13.26
CA PRO F 255 -4.96 -18.83 11.95
C PRO F 255 -5.22 -20.33 11.72
N VAL F 256 -4.95 -21.16 12.75
CA VAL F 256 -5.20 -22.61 12.65
C VAL F 256 -5.84 -23.17 13.92
N GLU F 257 -6.41 -24.36 13.82
CA GLU F 257 -6.82 -25.13 15.00
C GLU F 257 -5.83 -26.27 15.19
N HIS F 258 -5.09 -26.21 16.29
CA HIS F 258 -4.00 -27.13 16.56
C HIS F 258 -4.47 -28.30 17.42
N GLY F 259 -4.41 -29.49 16.82
CA GLY F 259 -4.63 -30.75 17.55
C GLY F 259 -3.28 -31.42 17.75
N ASN F 260 -2.67 -31.17 18.91
CA ASN F 260 -1.31 -31.63 19.19
C ASN F 260 -1.27 -33.14 19.42
N ASP F 261 -0.13 -33.76 19.09
CA ASP F 261 0.10 -35.19 19.38
C ASP F 261 0.73 -35.43 20.78
N ARG F 262 0.62 -34.44 21.65
CA ARG F 262 1.13 -34.48 23.03
C ARG F 262 0.47 -33.36 23.84
N CYS F 263 0.67 -33.37 25.16
CA CYS F 263 0.21 -32.26 25.99
C CYS F 263 1.12 -31.07 25.80
N GLU F 264 0.58 -29.89 26.07
CA GLU F 264 1.35 -28.65 26.00
C GLU F 264 0.73 -27.63 26.95
N TRP F 265 1.48 -26.57 27.25
CA TRP F 265 1.08 -25.63 28.27
C TRP F 265 1.13 -24.19 27.79
N PHE F 266 0.21 -23.39 28.29
CA PHE F 266 0.13 -21.97 27.96
C PHE F 266 0.30 -21.16 29.23
N LEU F 267 1.17 -20.16 29.17
CA LEU F 267 1.27 -19.15 30.22
C LEU F 267 1.10 -17.78 29.59
N GLN F 268 0.04 -17.09 29.98
CA GLN F 268 -0.21 -15.74 29.54
C GLN F 268 0.77 -14.75 30.22
N LEU F 269 1.52 -13.99 29.44
CA LEU F 269 2.48 -13.07 30.03
C LEU F 269 1.94 -11.65 30.08
N SER F 270 1.18 -11.26 29.08
CA SER F 270 0.53 -9.97 29.12
C SER F 270 -0.88 -10.06 28.59
N ASP F 271 -1.72 -9.14 29.05
CA ASP F 271 -3.05 -8.92 28.48
C ASP F 271 -3.94 -10.18 28.55
N GLU F 272 -4.63 -10.53 27.46
CA GLU F 272 -5.68 -11.54 27.55
C GLU F 272 -5.90 -12.30 26.26
N ILE F 273 -6.15 -13.60 26.39
CA ILE F 273 -6.49 -14.49 25.28
C ILE F 273 -7.66 -15.38 25.69
N VAL F 274 -8.51 -15.76 24.74
CA VAL F 274 -9.50 -16.82 24.95
C VAL F 274 -9.19 -17.98 24.03
N TRP F 275 -9.15 -19.19 24.59
CA TRP F 275 -8.97 -20.38 23.77
C TRP F 275 -10.27 -21.10 23.53
N ASP F 276 -10.66 -21.15 22.27
CA ASP F 276 -11.78 -21.95 21.80
C ASP F 276 -11.29 -23.40 21.73
N VAL F 277 -11.80 -24.21 22.67
CA VAL F 277 -11.36 -25.63 22.73
C VAL F 277 -12.43 -26.59 22.17
N LYS F 278 -12.01 -27.38 21.19
CA LYS F 278 -12.88 -28.36 20.54
C LYS F 278 -12.25 -29.75 20.57
N ASP F 279 -13.07 -30.78 20.47
CA ASP F 279 -12.58 -32.15 20.39
C ASP F 279 -11.68 -32.35 19.17
N LYS F 280 -10.54 -33.01 19.36
CA LYS F 280 -9.58 -33.19 18.28
C LYS F 280 -10.15 -34.04 17.13
N GLU F 281 -11.01 -35.00 17.48
CA GLU F 281 -11.54 -35.98 16.53
C GLU F 281 -12.82 -35.52 15.80
N SER F 282 -13.80 -35.02 16.55
CA SER F 282 -15.10 -34.68 15.99
C SER F 282 -15.18 -33.23 15.50
N GLY F 283 -14.55 -32.33 16.25
CA GLY F 283 -14.59 -30.89 16.01
C GLY F 283 -15.64 -30.24 16.89
N LYS F 284 -16.23 -31.02 17.79
CA LYS F 284 -17.31 -30.53 18.64
C LYS F 284 -16.77 -29.62 19.72
N PRO F 285 -17.37 -28.43 19.87
CA PRO F 285 -16.95 -27.54 20.96
C PRO F 285 -17.03 -28.22 22.33
N ARG F 286 -15.99 -28.01 23.15
CA ARG F 286 -15.93 -28.65 24.47
C ARG F 286 -15.78 -27.66 25.60
N ALA F 287 -14.97 -26.62 25.40
CA ALA F 287 -14.75 -25.61 26.43
C ALA F 287 -14.22 -24.32 25.82
N ARG F 288 -14.22 -23.26 26.64
CA ARG F 288 -13.59 -21.98 26.30
C ARG F 288 -12.77 -21.52 27.50
N VAL F 289 -11.48 -21.26 27.26
CA VAL F 289 -10.56 -20.90 28.34
C VAL F 289 -10.08 -19.46 28.19
N THR F 290 -10.39 -18.64 29.18
CA THR F 290 -9.96 -17.24 29.21
C THR F 290 -8.73 -17.12 30.12
N ALA F 291 -7.62 -16.64 29.54
CA ALA F 291 -6.35 -16.55 30.24
C ALA F 291 -5.86 -15.11 30.31
N ARG F 292 -5.56 -14.65 31.51
CA ARG F 292 -4.99 -13.33 31.73
C ARG F 292 -3.60 -13.44 32.30
N ALA F 293 -2.91 -12.31 32.42
CA ALA F 293 -1.53 -12.26 32.86
C ALA F 293 -1.29 -13.15 34.09
N GLY F 294 -0.39 -14.11 33.98
CA GLY F 294 -0.11 -15.02 35.08
C GLY F 294 -0.86 -16.34 34.99
N ASP F 295 -1.96 -16.38 34.23
CA ASP F 295 -2.72 -17.62 34.09
C ASP F 295 -1.95 -18.65 33.28
N ILE F 296 -1.77 -19.83 33.88
CA ILE F 296 -1.17 -20.96 33.19
C ILE F 296 -2.17 -22.11 33.12
N CYS F 297 -2.18 -22.82 32.00
CA CYS F 297 -3.12 -23.93 31.84
C CYS F 297 -2.53 -24.89 30.83
N CYS F 298 -3.12 -26.08 30.76
CA CYS F 298 -2.66 -27.14 29.89
CA CYS F 298 -2.64 -27.09 29.83
C CYS F 298 -3.70 -27.45 28.80
N MET F 299 -3.24 -27.97 27.66
CA MET F 299 -4.12 -28.40 26.59
C MET F 299 -3.95 -29.92 26.42
N PRO F 300 -4.98 -30.72 26.75
CA PRO F 300 -4.85 -32.17 26.61
C PRO F 300 -4.59 -32.61 25.17
N ALA F 301 -3.98 -33.79 25.00
CA ALA F 301 -3.67 -34.31 23.67
C ALA F 301 -4.88 -34.81 22.85
N ASP F 302 -6.08 -34.80 23.45
CA ASP F 302 -7.29 -35.22 22.74
C ASP F 302 -8.17 -34.04 22.28
N ILE F 303 -7.69 -32.80 22.45
CA ILE F 303 -8.43 -31.61 22.00
C ILE F 303 -7.69 -30.82 20.93
N ARG F 304 -8.42 -29.96 20.22
CA ARG F 304 -7.83 -28.95 19.34
C ARG F 304 -8.16 -27.54 19.89
N HIS F 305 -7.32 -26.56 19.60
CA HIS F 305 -7.45 -25.23 20.20
C HIS F 305 -7.16 -24.08 19.23
N GLN F 306 -7.79 -22.94 19.47
CA GLN F 306 -7.62 -21.76 18.63
C GLN F 306 -7.87 -20.50 19.44
N GLY F 307 -6.92 -19.58 19.37
CA GLY F 307 -6.83 -18.45 20.29
C GLY F 307 -7.28 -17.13 19.70
N TYR F 308 -7.79 -16.27 20.57
CA TYR F 308 -8.36 -14.98 20.17
C TYR F 308 -7.75 -13.89 21.03
N SER F 309 -7.25 -12.85 20.39
CA SER F 309 -6.54 -11.80 21.09
C SER F 309 -6.82 -10.42 20.51
N THR F 310 -7.44 -9.55 21.30
CA THR F 310 -7.79 -8.22 20.85
C THR F 310 -6.56 -7.35 20.68
N LYS F 311 -5.78 -7.24 21.74
CA LYS F 311 -4.53 -6.49 21.72
C LYS F 311 -3.40 -7.48 21.47
N ARG F 312 -2.38 -7.04 20.74
CA ARG F 312 -1.14 -7.80 20.63
C ARG F 312 -0.75 -8.16 22.06
N SER F 313 -0.66 -9.46 22.34
CA SER F 313 -0.35 -9.93 23.68
CA SER F 313 -0.35 -9.93 23.68
C SER F 313 0.86 -10.87 23.68
N MET F 314 1.46 -11.04 24.86
CA MET F 314 2.60 -11.95 25.05
C MET F 314 2.16 -13.25 25.68
N LEU F 315 2.53 -14.34 25.02
CA LEU F 315 2.17 -15.67 25.48
C LEU F 315 3.42 -16.54 25.45
N LEU F 316 3.57 -17.37 26.48
CA LEU F 316 4.57 -18.46 26.47
C LEU F 316 3.90 -19.79 26.12
N VAL F 317 4.37 -20.44 25.06
CA VAL F 317 4.00 -21.82 24.79
C VAL F 317 5.16 -22.72 25.26
N TRP F 318 4.85 -23.68 26.14
CA TRP F 318 5.86 -24.56 26.72
C TRP F 318 5.64 -25.97 26.20
N GLU F 319 6.63 -26.50 25.49
CA GLU F 319 6.51 -27.78 24.81
C GLU F 319 7.46 -28.82 25.39
N ASN F 320 7.09 -30.08 25.27
CA ASN F 320 8.05 -31.18 25.42
C ASN F 320 8.31 -31.79 24.04
N GLY F 321 9.51 -31.54 23.54
CA GLY F 321 9.89 -31.90 22.17
C GLY F 321 10.34 -33.34 22.00
N SER F 322 10.15 -34.16 23.01
CA SER F 322 10.50 -35.58 22.94
C SER F 322 9.68 -36.30 21.87
N PRO F 323 10.37 -36.92 20.91
CA PRO F 323 9.66 -37.58 19.83
C PRO F 323 9.02 -38.92 20.25
N LYS F 324 9.23 -39.33 21.50
CA LYS F 324 8.68 -40.60 22.00
C LYS F 324 7.21 -40.51 22.44
N ILE F 325 6.74 -39.31 22.75
CA ILE F 325 5.41 -39.10 23.34
C ILE F 325 4.22 -39.58 22.49
N PRO F 326 4.20 -39.30 21.16
CA PRO F 326 3.00 -39.68 20.43
C PRO F 326 2.68 -41.17 20.50
N GLN F 327 3.69 -42.01 20.29
CA GLN F 327 3.51 -43.45 20.38
C GLN F 327 3.23 -43.86 21.83
N MET F 328 3.83 -43.15 22.79
CA MET F 328 3.57 -43.42 24.21
C MET F 328 2.11 -43.20 24.61
N ILE F 329 1.47 -42.21 24.00
CA ILE F 329 0.03 -41.96 24.19
C ILE F 329 -0.80 -43.04 23.47
N ALA F 330 -0.31 -43.50 22.31
CA ALA F 330 -0.92 -44.64 21.61
C ALA F 330 -0.84 -45.92 22.46
N ASP F 331 0.36 -46.25 22.92
CA ASP F 331 0.62 -47.41 23.79
C ASP F 331 -0.27 -47.46 25.03
N GLY F 332 -0.86 -46.32 25.39
CA GLY F 332 -1.56 -46.17 26.67
C GLY F 332 -0.56 -46.06 27.81
N THR F 333 0.72 -45.92 27.45
CA THR F 333 1.81 -45.83 28.41
C THR F 333 2.06 -44.39 28.86
N ALA F 334 1.35 -43.44 28.26
CA ALA F 334 1.46 -42.01 28.62
C ALA F 334 0.08 -41.34 28.61
N PRO F 335 -0.16 -40.40 29.55
CA PRO F 335 -1.52 -39.88 29.70
C PRO F 335 -1.88 -38.79 28.68
N VAL F 336 -3.19 -38.56 28.50
CA VAL F 336 -3.70 -37.51 27.64
C VAL F 336 -3.77 -36.19 28.43
N VAL F 337 -3.99 -36.29 29.73
CA VAL F 337 -3.87 -35.14 30.64
C VAL F 337 -2.65 -35.40 31.53
N PRO F 338 -1.70 -34.43 31.61
CA PRO F 338 -0.38 -34.69 32.22
C PRO F 338 -0.34 -34.63 33.75
N VAL F 339 -1.45 -34.25 34.39
CA VAL F 339 -1.60 -34.24 35.84
C VAL F 339 -3.07 -34.59 36.15
N THR F 340 -3.30 -35.45 37.15
CA THR F 340 -4.66 -35.91 37.46
C THR F 340 -5.07 -35.75 38.94
N PHE F 341 -4.90 -34.55 39.47
CA PHE F 341 -5.34 -34.21 40.82
C PHE F 341 -5.26 -32.70 41.06
N ASP G 3 -11.48 -6.28 -18.52
CA ASP G 3 -12.81 -6.56 -19.14
C ASP G 3 -13.59 -7.59 -18.35
N VAL G 4 -14.65 -7.16 -17.66
CA VAL G 4 -15.53 -8.12 -16.95
C VAL G 4 -16.39 -8.87 -17.98
N VAL G 5 -16.69 -10.13 -17.68
CA VAL G 5 -17.54 -10.95 -18.55
C VAL G 5 -18.63 -11.58 -17.70
N THR G 6 -19.88 -11.23 -17.98
CA THR G 6 -21.02 -11.78 -17.25
C THR G 6 -21.57 -12.96 -18.03
N GLU G 7 -21.43 -14.14 -17.46
CA GLU G 7 -21.79 -15.38 -18.11
C GLU G 7 -23.28 -15.65 -18.01
N PHE G 8 -23.98 -15.62 -19.14
CA PHE G 8 -25.38 -16.05 -19.20
C PHE G 8 -25.50 -17.34 -19.97
N GLY G 9 -26.49 -18.15 -19.62
CA GLY G 9 -26.78 -19.37 -20.37
C GLY G 9 -27.55 -19.13 -21.65
N ALA G 10 -27.81 -20.21 -22.38
CA ALA G 10 -28.57 -20.18 -23.63
C ALA G 10 -29.00 -21.61 -23.98
N LEU G 11 -29.90 -21.74 -24.95
CA LEU G 11 -30.38 -23.05 -25.39
C LEU G 11 -29.25 -23.96 -25.83
N THR G 12 -28.25 -23.37 -26.50
CA THR G 12 -27.16 -24.12 -27.11
C THR G 12 -25.81 -23.97 -26.38
N ASP G 13 -25.79 -23.13 -25.34
CA ASP G 13 -24.57 -22.87 -24.55
C ASP G 13 -24.90 -22.72 -23.07
N TYR G 14 -24.93 -23.85 -22.38
CA TYR G 14 -25.08 -23.89 -20.94
C TYR G 14 -24.15 -24.99 -20.40
N ARG G 15 -23.67 -24.84 -19.17
CA ARG G 15 -22.76 -25.83 -18.59
C ARG G 15 -23.28 -26.20 -17.21
N LYS G 16 -24.14 -27.21 -17.19
CA LYS G 16 -24.86 -27.66 -16.00
C LYS G 16 -23.92 -27.92 -14.80
N GLY G 17 -24.37 -27.54 -13.61
CA GLY G 17 -23.66 -27.85 -12.37
C GLY G 17 -24.15 -29.15 -11.74
N GLY G 18 -24.12 -29.24 -10.41
CA GLY G 18 -24.61 -30.42 -9.73
C GLY G 18 -24.45 -30.47 -8.22
N VAL G 19 -24.89 -31.59 -7.64
CA VAL G 19 -24.82 -31.83 -6.20
C VAL G 19 -23.64 -32.75 -5.87
N GLU G 20 -22.78 -32.30 -4.97
CA GLU G 20 -21.70 -33.13 -4.44
C GLU G 20 -22.18 -33.62 -3.08
N ILE G 21 -22.02 -34.91 -2.82
CA ILE G 21 -22.56 -35.52 -1.61
C ILE G 21 -21.49 -35.74 -0.53
N ILE G 22 -21.86 -35.43 0.70
CA ILE G 22 -21.09 -35.77 1.87
C ILE G 22 -21.92 -36.83 2.58
N ASP G 23 -23.12 -36.46 3.00
CA ASP G 23 -24.04 -37.38 3.65
C ASP G 23 -25.51 -37.02 3.39
N ASP G 24 -25.98 -37.29 2.18
CA ASP G 24 -27.33 -36.90 1.76
C ASP G 24 -27.80 -37.69 0.53
N ASP G 25 -29.03 -37.40 0.10
CA ASP G 25 -29.58 -37.93 -1.14
C ASP G 25 -29.69 -36.77 -2.16
N PRO G 26 -29.02 -36.93 -3.33
CA PRO G 26 -29.05 -35.91 -4.38
C PRO G 26 -30.44 -35.57 -4.89
N ARG G 27 -31.40 -36.50 -4.70
CA ARG G 27 -32.80 -36.31 -5.06
C ARG G 27 -33.48 -35.15 -4.33
N ASN G 28 -33.13 -34.96 -3.06
CA ASN G 28 -33.75 -33.92 -2.23
C ASN G 28 -33.64 -32.50 -2.81
N TYR G 29 -32.71 -32.31 -3.74
CA TYR G 29 -32.39 -30.97 -4.22
C TYR G 29 -32.97 -30.69 -5.59
N VAL G 30 -33.55 -31.72 -6.21
CA VAL G 30 -34.35 -31.58 -7.43
C VAL G 30 -33.64 -30.64 -8.41
N PHE G 31 -32.45 -31.07 -8.82
CA PHE G 31 -31.54 -30.24 -9.61
C PHE G 31 -31.77 -30.43 -11.11
N SER G 32 -31.98 -29.32 -11.82
CA SER G 32 -32.03 -29.33 -13.28
C SER G 32 -31.52 -28.01 -13.83
N ASN G 33 -31.30 -27.97 -15.14
CA ASN G 33 -30.96 -26.73 -15.83
C ASN G 33 -32.12 -26.37 -16.79
N VAL G 34 -32.60 -25.13 -16.68
CA VAL G 34 -33.79 -24.71 -17.44
C VAL G 34 -33.57 -24.67 -18.96
N PHE G 35 -32.33 -24.41 -19.38
CA PHE G 35 -32.00 -24.38 -20.79
C PHE G 35 -32.01 -25.78 -21.38
N GLU G 36 -31.55 -26.76 -20.61
CA GLU G 36 -31.57 -28.15 -21.05
C GLU G 36 -32.99 -28.65 -21.20
N VAL G 37 -33.78 -28.49 -20.14
CA VAL G 37 -35.19 -28.84 -20.15
C VAL G 37 -35.93 -28.20 -21.35
N ALA G 38 -35.62 -26.95 -21.66
CA ALA G 38 -36.31 -26.22 -22.73
C ALA G 38 -35.89 -26.70 -24.12
N ALA G 39 -34.60 -26.95 -24.29
CA ALA G 39 -34.07 -27.49 -25.55
C ALA G 39 -34.56 -28.92 -25.84
N ASN G 40 -34.95 -29.64 -24.79
CA ASN G 40 -35.37 -31.05 -24.92
C ASN G 40 -36.85 -31.26 -25.25
N ALA G 41 -37.70 -30.30 -24.92
CA ALA G 41 -39.15 -30.46 -25.05
C ALA G 41 -39.71 -29.90 -26.38
N ALA G 42 -41.01 -30.11 -26.59
CA ALA G 42 -41.73 -29.58 -27.76
C ALA G 42 -41.86 -28.04 -27.70
N PRO G 43 -42.06 -27.36 -28.85
CA PRO G 43 -42.30 -25.91 -28.79
C PRO G 43 -43.49 -25.54 -27.90
N TYR G 44 -43.25 -24.56 -27.02
CA TYR G 44 -44.25 -24.00 -26.09
C TYR G 44 -44.83 -24.98 -25.05
N GLU G 45 -44.16 -26.13 -24.87
CA GLU G 45 -44.51 -27.06 -23.80
C GLU G 45 -44.03 -26.48 -22.47
N ARG G 46 -44.90 -26.45 -21.48
CA ARG G 46 -44.57 -25.80 -20.22
C ARG G 46 -44.27 -26.82 -19.11
N VAL G 47 -42.98 -27.08 -18.93
CA VAL G 47 -42.48 -28.13 -18.01
C VAL G 47 -42.02 -27.52 -16.69
N ALA G 48 -42.56 -28.05 -15.59
CA ALA G 48 -42.24 -27.57 -14.26
C ALA G 48 -40.75 -27.80 -13.93
N VAL G 49 -40.03 -26.72 -13.65
CA VAL G 49 -38.65 -26.84 -13.17
C VAL G 49 -38.57 -26.52 -11.69
N GLY G 50 -39.70 -26.09 -11.12
CA GLY G 50 -39.79 -25.79 -9.69
C GLY G 50 -41.21 -25.90 -9.23
N LYS G 51 -41.38 -26.34 -7.98
CA LYS G 51 -42.72 -26.52 -7.41
C LYS G 51 -42.68 -26.33 -5.91
N ASN G 52 -43.60 -25.52 -5.40
CA ASN G 52 -43.73 -25.30 -3.98
C ASN G 52 -45.20 -25.23 -3.62
N PHE G 53 -45.78 -26.39 -3.31
CA PHE G 53 -47.23 -26.58 -3.19
C PHE G 53 -47.85 -26.38 -4.57
N GLU G 54 -48.87 -25.53 -4.69
CA GLU G 54 -49.52 -25.26 -5.98
C GLU G 54 -48.68 -24.39 -6.95
N TYR G 55 -47.86 -23.48 -6.41
CA TYR G 55 -47.05 -22.58 -7.24
C TYR G 55 -45.94 -23.32 -8.03
N VAL G 56 -45.64 -22.82 -9.21
CA VAL G 56 -44.66 -23.46 -10.09
C VAL G 56 -43.73 -22.46 -10.81
N ILE G 57 -42.59 -22.95 -11.28
CA ILE G 57 -41.82 -22.25 -12.30
C ILE G 57 -41.77 -23.20 -13.49
N GLU G 58 -42.25 -22.72 -14.64
CA GLU G 58 -42.28 -23.53 -15.86
C GLU G 58 -41.25 -23.05 -16.86
N SER G 59 -40.54 -24.01 -17.46
CA SER G 59 -39.61 -23.70 -18.54
C SER G 59 -40.20 -24.13 -19.87
N ALA G 60 -39.89 -23.36 -20.91
CA ALA G 60 -40.47 -23.56 -22.24
C ALA G 60 -39.55 -23.02 -23.33
N ARG G 61 -39.64 -23.63 -24.51
CA ARG G 61 -38.96 -23.09 -25.69
C ARG G 61 -39.97 -22.41 -26.63
N ALA G 62 -39.68 -21.16 -26.96
CA ALA G 62 -40.47 -20.43 -27.93
C ALA G 62 -39.90 -20.73 -29.31
N GLU G 63 -40.79 -21.09 -30.23
CA GLU G 63 -40.44 -21.30 -31.63
C GLU G 63 -41.68 -21.07 -32.51
N GLY G 64 -41.65 -20.00 -33.30
CA GLY G 64 -42.79 -19.60 -34.10
C GLY G 64 -43.89 -18.95 -33.26
N THR G 65 -45.14 -19.23 -33.63
CA THR G 65 -46.32 -18.68 -32.95
C THR G 65 -47.05 -19.75 -32.15
N SER G 66 -47.38 -19.43 -30.90
CA SER G 66 -48.10 -20.33 -30.00
C SER G 66 -49.61 -20.19 -30.16
N GLY G 67 -50.35 -21.08 -29.50
CA GLY G 67 -51.78 -20.89 -29.27
C GLY G 67 -52.00 -19.74 -28.31
N TRP G 68 -53.27 -19.37 -28.11
CA TRP G 68 -53.60 -18.35 -27.13
C TRP G 68 -53.76 -19.01 -25.77
N PHE G 69 -53.30 -18.30 -24.74
CA PHE G 69 -53.52 -18.70 -23.34
C PHE G 69 -54.35 -17.64 -22.63
N SER G 70 -54.97 -18.04 -21.53
CA SER G 70 -55.50 -17.12 -20.54
C SER G 70 -55.51 -17.80 -19.18
N CYS G 71 -55.71 -17.01 -18.12
CA CYS G 71 -55.55 -17.51 -16.76
C CYS G 71 -56.47 -16.76 -15.79
N ALA G 72 -56.84 -17.44 -14.70
CA ALA G 72 -57.69 -16.87 -13.66
C ALA G 72 -56.92 -15.96 -12.69
N HIS G 73 -55.60 -15.89 -12.84
CA HIS G 73 -54.74 -15.05 -11.98
C HIS G 73 -53.59 -14.49 -12.81
N ASP G 74 -52.90 -13.48 -12.28
CA ASP G 74 -51.71 -12.93 -12.91
C ASP G 74 -50.61 -14.00 -13.10
N GLU G 75 -49.84 -13.85 -14.16
CA GLU G 75 -48.69 -14.69 -14.40
C GLU G 75 -47.54 -13.82 -14.86
N PHE G 76 -46.32 -14.35 -14.81
CA PHE G 76 -45.18 -13.60 -15.28
C PHE G 76 -44.34 -14.45 -16.21
N VAL G 77 -43.78 -13.82 -17.23
CA VAL G 77 -42.87 -14.50 -18.13
C VAL G 77 -41.55 -13.74 -18.21
N LEU G 78 -40.45 -14.48 -18.05
CA LEU G 78 -39.09 -13.96 -18.22
C LEU G 78 -38.37 -14.62 -19.40
N ALA G 79 -37.93 -13.80 -20.36
CA ALA G 79 -37.11 -14.29 -21.47
C ALA G 79 -35.68 -14.59 -21.00
N MET G 80 -35.23 -15.80 -21.30
CA MET G 80 -33.93 -16.29 -20.84
C MET G 80 -32.86 -16.31 -21.92
N ASP G 81 -33.28 -16.29 -23.19
CA ASP G 81 -32.39 -16.46 -24.34
C ASP G 81 -33.12 -16.14 -25.64
N GLY G 82 -32.78 -15.02 -26.27
CA GLY G 82 -33.34 -14.68 -27.58
C GLY G 82 -34.63 -13.88 -27.55
N GLN G 83 -35.07 -13.44 -28.72
CA GLN G 83 -36.17 -12.50 -28.84
C GLN G 83 -37.55 -13.17 -28.88
N ILE G 84 -38.45 -12.73 -28.00
CA ILE G 84 -39.83 -13.24 -27.95
C ILE G 84 -40.87 -12.11 -27.89
N GLU G 85 -41.82 -12.14 -28.82
CA GLU G 85 -42.92 -11.19 -28.82
C GLU G 85 -44.05 -11.66 -27.91
N VAL G 86 -44.63 -10.74 -27.16
CA VAL G 86 -45.88 -11.04 -26.45
C VAL G 86 -47.06 -10.27 -27.08
N HIS G 87 -48.06 -11.03 -27.52
CA HIS G 87 -49.31 -10.46 -28.03
C HIS G 87 -50.41 -10.56 -26.97
N LEU G 88 -50.95 -9.40 -26.61
CA LEU G 88 -51.95 -9.32 -25.55
C LEU G 88 -53.32 -8.88 -26.08
N LEU G 89 -54.35 -9.52 -25.56
CA LEU G 89 -55.70 -9.30 -26.03
C LEU G 89 -56.69 -9.25 -24.85
N LYS G 90 -57.39 -8.13 -24.73
CA LYS G 90 -58.41 -7.96 -23.70
C LYS G 90 -59.67 -8.75 -24.06
N LEU G 91 -60.02 -9.72 -23.24
CA LEU G 91 -61.17 -10.58 -23.50
C LEU G 91 -62.47 -9.89 -23.16
N ASP G 92 -63.42 -9.95 -24.09
CA ASP G 92 -64.79 -9.48 -23.84
C ASP G 92 -65.42 -10.26 -22.69
N ASN G 93 -65.31 -11.60 -22.72
CA ASN G 93 -65.86 -12.47 -21.69
C ASN G 93 -64.91 -13.61 -21.33
N SER G 94 -63.87 -13.30 -20.56
CA SER G 94 -62.87 -14.30 -20.15
C SER G 94 -63.46 -15.47 -19.34
N ASP G 95 -64.55 -15.22 -18.62
CA ASP G 95 -65.27 -16.27 -17.91
C ASP G 95 -65.77 -17.37 -18.87
N ALA G 96 -65.81 -17.04 -20.16
CA ALA G 96 -66.20 -17.98 -21.19
C ALA G 96 -65.03 -18.82 -21.65
N TYR G 97 -63.81 -18.28 -21.51
CA TYR G 97 -62.59 -19.02 -21.91
C TYR G 97 -61.91 -19.75 -20.76
N VAL G 98 -62.06 -19.22 -19.54
CA VAL G 98 -61.41 -19.80 -18.35
C VAL G 98 -62.40 -19.87 -17.18
N ASP G 99 -62.39 -21.00 -16.47
CA ASP G 99 -63.12 -21.12 -15.20
C ASP G 99 -62.43 -20.24 -14.15
N PRO G 100 -63.19 -19.27 -13.58
CA PRO G 100 -62.63 -18.32 -12.60
C PRO G 100 -62.30 -18.91 -11.22
N ASP G 101 -62.55 -20.20 -11.03
CA ASP G 101 -62.15 -20.91 -9.82
C ASP G 101 -60.83 -21.66 -10.03
N SER G 102 -60.47 -21.89 -11.28
CA SER G 102 -59.27 -22.65 -11.64
C SER G 102 -57.97 -21.87 -11.37
N GLU G 103 -56.84 -22.55 -11.56
CA GLU G 103 -55.51 -21.96 -11.39
C GLU G 103 -54.58 -22.41 -12.50
N GLY G 104 -53.67 -21.52 -12.90
CA GLY G 104 -52.71 -21.83 -13.95
C GLY G 104 -53.26 -21.57 -15.33
N ALA G 105 -52.38 -21.56 -16.31
CA ALA G 105 -52.77 -21.24 -17.68
C ALA G 105 -53.72 -22.30 -18.28
N VAL G 106 -54.59 -21.82 -19.17
CA VAL G 106 -55.47 -22.67 -19.96
C VAL G 106 -55.16 -22.38 -21.42
N ALA G 107 -54.96 -23.44 -22.21
CA ALA G 107 -54.72 -23.29 -23.65
C ALA G 107 -56.06 -23.12 -24.34
N ILE G 108 -56.24 -22.02 -25.06
CA ILE G 108 -57.59 -21.67 -25.57
C ILE G 108 -57.69 -21.56 -27.09
N GLY G 109 -56.91 -22.38 -27.80
CA GLY G 109 -56.94 -22.44 -29.27
C GLY G 109 -56.03 -21.42 -29.93
N GLU G 110 -55.77 -21.63 -31.23
CA GLU G 110 -54.92 -20.71 -31.98
C GLU G 110 -55.72 -19.72 -32.84
N ALA G 111 -57.02 -19.97 -32.95
CA ALA G 111 -57.94 -19.01 -33.56
C ALA G 111 -58.08 -17.84 -32.59
N LEU G 112 -58.06 -16.63 -33.15
CA LEU G 112 -58.10 -15.39 -32.37
C LEU G 112 -59.39 -15.35 -31.53
N PRO G 113 -59.26 -15.35 -30.18
CA PRO G 113 -60.46 -15.25 -29.33
C PRO G 113 -61.10 -13.87 -29.40
N GLU G 114 -62.26 -13.71 -28.76
CA GLU G 114 -63.05 -12.48 -28.86
C GLU G 114 -62.59 -11.38 -27.90
N GLY G 115 -62.13 -10.27 -28.45
CA GLY G 115 -61.87 -9.08 -27.64
C GLY G 115 -61.10 -7.97 -28.32
N ARG G 116 -60.75 -6.95 -27.55
CA ARG G 116 -60.02 -5.78 -28.06
C ARG G 116 -58.51 -5.99 -28.02
N LYS G 117 -57.83 -5.48 -29.04
CA LYS G 117 -56.38 -5.51 -29.09
C LYS G 117 -55.84 -4.76 -27.87
N MET G 118 -55.07 -5.46 -27.04
CA MET G 118 -54.52 -4.88 -25.82
C MET G 118 -53.13 -4.28 -26.05
N GLY G 119 -52.22 -5.09 -26.59
CA GLY G 119 -50.87 -4.60 -26.84
C GLY G 119 -49.83 -5.60 -27.32
N ARG G 120 -48.60 -5.09 -27.47
CA ARG G 120 -47.48 -5.86 -28.00
C ARG G 120 -46.19 -5.57 -27.25
N ILE G 121 -45.47 -6.63 -26.89
CA ILE G 121 -44.21 -6.51 -26.16
C ILE G 121 -43.12 -7.30 -26.88
N VAL G 122 -41.97 -6.67 -27.12
CA VAL G 122 -40.80 -7.36 -27.69
C VAL G 122 -39.73 -7.62 -26.61
N LEU G 123 -39.70 -8.84 -26.08
CA LEU G 123 -38.74 -9.22 -25.04
C LEU G 123 -37.42 -9.75 -25.60
N ARG G 124 -36.30 -9.39 -24.96
CA ARG G 124 -35.01 -10.06 -25.20
C ARG G 124 -34.56 -10.75 -23.92
N ARG G 125 -33.36 -11.32 -23.94
CA ARG G 125 -32.80 -11.99 -22.76
C ARG G 125 -32.84 -11.09 -21.51
N GLY G 126 -33.37 -11.67 -20.42
CA GLY G 126 -33.47 -10.97 -19.13
C GLY G 126 -34.58 -9.96 -18.96
N HIS G 127 -35.49 -9.91 -19.93
CA HIS G 127 -36.66 -9.01 -19.86
C HIS G 127 -37.85 -9.78 -19.32
N MET G 128 -38.54 -9.20 -18.35
CA MET G 128 -39.76 -9.79 -17.80
C MET G 128 -40.99 -8.96 -18.17
N ALA G 129 -42.11 -9.66 -18.41
CA ALA G 129 -43.39 -9.00 -18.72
C ALA G 129 -44.54 -9.56 -17.87
N LEU G 130 -45.53 -8.70 -17.62
CA LEU G 130 -46.73 -9.10 -16.90
C LEU G 130 -47.73 -9.72 -17.89
N LEU G 131 -48.30 -10.85 -17.48
CA LEU G 131 -49.42 -11.42 -18.23
C LEU G 131 -50.63 -11.29 -17.31
N PRO G 132 -51.42 -10.19 -17.46
CA PRO G 132 -52.46 -9.86 -16.50
C PRO G 132 -53.73 -10.70 -16.67
N VAL G 133 -54.30 -11.14 -15.55
CA VAL G 133 -55.60 -11.77 -15.51
C VAL G 133 -56.59 -10.93 -16.33
N GLY G 134 -57.50 -11.59 -17.03
CA GLY G 134 -58.44 -10.90 -17.90
C GLY G 134 -57.96 -10.70 -19.33
N ALA G 135 -56.67 -10.96 -19.57
CA ALA G 135 -56.13 -10.87 -20.91
C ALA G 135 -55.91 -12.28 -21.48
N ALA G 136 -55.92 -12.37 -22.81
CA ALA G 136 -55.44 -13.57 -23.48
C ALA G 136 -54.05 -13.26 -24.04
N TYR G 137 -53.17 -14.24 -24.04
CA TYR G 137 -51.83 -14.00 -24.59
C TYR G 137 -51.33 -15.13 -25.47
N ARG G 138 -50.43 -14.77 -26.39
CA ARG G 138 -49.68 -15.74 -27.20
C ARG G 138 -48.29 -15.17 -27.50
N PHE G 139 -47.38 -16.02 -27.98
CA PHE G 139 -46.00 -15.61 -28.26
C PHE G 139 -45.57 -15.87 -29.72
N TYR G 140 -44.64 -15.04 -30.21
CA TYR G 140 -43.97 -15.31 -31.47
C TYR G 140 -42.45 -15.18 -31.33
N ALA G 141 -41.73 -16.22 -31.73
CA ALA G 141 -40.27 -16.16 -31.81
C ALA G 141 -39.81 -16.63 -33.19
N GLU G 142 -39.16 -15.72 -33.92
CA GLU G 142 -38.59 -16.04 -35.23
C GLU G 142 -37.67 -17.26 -35.08
N GLN G 143 -36.65 -17.14 -34.25
CA GLN G 143 -35.72 -18.23 -34.01
C GLN G 143 -35.90 -18.79 -32.59
N PRO G 144 -35.56 -20.09 -32.37
CA PRO G 144 -35.74 -20.68 -31.04
C PRO G 144 -35.21 -19.80 -29.90
N ALA G 145 -36.02 -19.69 -28.84
CA ALA G 145 -35.72 -18.84 -27.69
C ALA G 145 -36.21 -19.55 -26.44
N ALA G 146 -35.60 -19.24 -25.30
CA ALA G 146 -35.97 -19.88 -24.03
C ALA G 146 -36.68 -18.89 -23.12
N MET G 147 -37.62 -19.38 -22.32
CA MET G 147 -38.41 -18.53 -21.43
C MET G 147 -38.90 -19.26 -20.19
N LEU G 148 -39.24 -18.49 -19.15
CA LEU G 148 -39.79 -19.05 -17.90
C LEU G 148 -41.08 -18.39 -17.45
N PHE G 149 -41.94 -19.19 -16.81
CA PHE G 149 -43.22 -18.72 -16.26
C PHE G 149 -43.29 -18.80 -14.73
N GLN G 150 -43.67 -17.70 -14.11
CA GLN G 150 -44.08 -17.69 -12.70
C GLN G 150 -45.59 -17.93 -12.71
N SER G 151 -46.02 -19.11 -12.29
CA SER G 151 -47.45 -19.45 -12.36
C SER G 151 -47.96 -20.36 -11.24
N ILE G 152 -49.10 -21.00 -11.51
CA ILE G 152 -49.64 -22.02 -10.62
C ILE G 152 -49.87 -23.28 -11.46
N GLU G 153 -49.73 -24.44 -10.83
CA GLU G 153 -49.93 -25.75 -11.45
C GLU G 153 -51.36 -25.89 -11.96
N GLY G 154 -51.49 -26.14 -13.26
CA GLY G 154 -52.79 -26.33 -13.90
C GLY G 154 -52.73 -27.19 -15.14
N ALA G 155 -53.67 -26.97 -16.07
CA ALA G 155 -53.93 -27.88 -17.19
C ALA G 155 -52.94 -27.81 -18.37
N VAL G 156 -51.87 -27.03 -18.25
CA VAL G 156 -50.82 -27.05 -19.26
C VAL G 156 -49.46 -27.42 -18.67
N THR G 157 -49.42 -27.58 -17.34
CA THR G 157 -48.18 -27.82 -16.62
C THR G 157 -47.71 -29.28 -16.70
N VAL G 158 -46.65 -29.50 -17.46
CA VAL G 158 -46.08 -30.85 -17.64
C VAL G 158 -45.04 -31.18 -16.56
N GLN G 159 -45.31 -32.24 -15.81
CA GLN G 159 -44.40 -32.70 -14.75
C GLN G 159 -43.65 -33.98 -15.12
N LYS G 160 -42.38 -33.82 -15.48
CA LYS G 160 -41.48 -34.95 -15.78
C LYS G 160 -40.21 -34.84 -14.91
N TRP G 161 -40.40 -35.03 -13.60
CA TRP G 161 -39.34 -34.81 -12.60
C TRP G 161 -38.15 -35.75 -12.78
N GLY G 162 -38.41 -37.05 -12.81
CA GLY G 162 -37.38 -38.07 -12.99
C GLY G 162 -36.59 -37.88 -14.27
N GLU G 163 -37.24 -37.36 -15.31
CA GLU G 163 -36.60 -37.10 -16.60
C GLU G 163 -35.68 -35.89 -16.58
N ILE G 164 -35.94 -34.93 -15.68
CA ILE G 164 -35.16 -33.68 -15.61
C ILE G 164 -34.22 -33.52 -14.40
N CYS G 165 -34.46 -34.28 -13.32
CA CYS G 165 -33.69 -34.14 -12.06
C CYS G 165 -32.66 -35.25 -11.80
N GLN G 166 -32.41 -35.55 -10.51
CA GLN G 166 -31.34 -36.49 -10.05
C GLN G 166 -29.95 -36.08 -10.51
N ILE H 9 -38.64 -19.16 38.52
CA ILE H 9 -38.60 -20.47 37.83
C ILE H 9 -39.97 -21.13 37.67
N ILE H 10 -41.04 -20.32 37.75
CA ILE H 10 -42.42 -20.82 37.63
C ILE H 10 -43.30 -20.00 36.67
N ASP H 11 -43.91 -20.71 35.72
CA ASP H 11 -44.78 -20.10 34.72
C ASP H 11 -46.21 -20.61 34.85
N PHE H 12 -47.17 -19.73 34.58
CA PHE H 12 -48.58 -20.10 34.49
C PHE H 12 -48.98 -20.00 33.03
N GLY H 13 -49.14 -21.15 32.38
CA GLY H 13 -49.43 -21.19 30.95
C GLY H 13 -48.27 -20.71 30.10
N ASP H 14 -48.58 -20.20 28.90
CA ASP H 14 -47.57 -19.64 27.99
C ASP H 14 -46.77 -18.51 28.66
N SER H 15 -45.44 -18.55 28.50
CA SER H 15 -44.53 -17.52 29.00
C SER H 15 -44.55 -16.28 28.10
N LYS H 16 -44.60 -15.09 28.70
CA LYS H 16 -44.68 -13.86 27.92
C LYS H 16 -43.32 -13.44 27.37
N ALA H 17 -43.25 -13.26 26.04
CA ALA H 17 -42.02 -12.82 25.35
C ALA H 17 -41.46 -11.51 25.89
N ARG H 18 -40.14 -11.41 25.87
CA ARG H 18 -39.41 -10.33 26.55
C ARG H 18 -39.34 -9.01 25.78
N THR H 19 -39.19 -7.94 26.53
CA THR H 19 -39.04 -6.60 25.98
C THR H 19 -37.89 -5.84 26.64
N ASP H 20 -37.26 -6.46 27.64
CA ASP H 20 -36.19 -5.80 28.40
C ASP H 20 -34.86 -5.68 27.61
N THR H 21 -34.59 -4.48 27.14
CA THR H 21 -33.30 -4.17 26.49
C THR H 21 -32.80 -2.84 27.04
N GLU H 22 -31.48 -2.60 26.97
CA GLU H 22 -30.93 -1.31 27.36
C GLU H 22 -29.59 -0.99 26.72
N HIS H 23 -29.29 0.31 26.69
CA HIS H 23 -27.99 0.83 26.32
C HIS H 23 -27.07 0.80 27.54
N LEU H 24 -25.97 0.08 27.46
CA LEU H 24 -24.96 0.12 28.50
C LEU H 24 -24.04 1.28 28.20
N ALA H 25 -22.89 1.31 28.85
CA ALA H 25 -22.00 2.46 28.76
C ALA H 25 -21.11 2.46 27.51
N ILE H 26 -20.54 3.63 27.24
CA ILE H 26 -19.71 3.83 26.10
C ILE H 26 -18.24 3.80 26.55
N ASN H 27 -17.56 2.69 26.23
CA ASN H 27 -16.13 2.49 26.52
C ASN H 27 -15.26 3.64 26.00
N ASN H 28 -14.54 4.31 26.89
CA ASN H 28 -13.75 5.49 26.49
C ASN H 28 -12.47 5.19 25.72
N GLU H 29 -11.97 3.96 25.81
CA GLU H 29 -10.80 3.54 25.02
C GLU H 29 -11.17 3.17 23.57
N THR H 30 -12.18 2.30 23.41
CA THR H 30 -12.57 1.83 22.08
C THR H 30 -13.59 2.74 21.40
N GLY H 31 -14.33 3.49 22.20
CA GLY H 31 -15.32 4.42 21.70
C GLY H 31 -16.66 3.82 21.31
N TYR H 32 -16.84 2.53 21.56
CA TYR H 32 -18.10 1.84 21.26
C TYR H 32 -18.95 1.62 22.51
N ARG H 33 -20.25 1.70 22.33
CA ARG H 33 -21.22 1.45 23.40
C ARG H 33 -21.53 -0.05 23.42
N SER H 34 -21.77 -0.61 24.61
CA SER H 34 -22.27 -1.98 24.69
C SER H 34 -23.79 -2.03 24.93
N PHE H 35 -24.40 -3.19 24.70
CA PHE H 35 -25.85 -3.35 24.72
C PHE H 35 -26.30 -4.65 25.40
N ARG H 36 -27.47 -4.58 26.02
CA ARG H 36 -28.12 -5.74 26.63
C ARG H 36 -29.48 -5.99 26.00
N ALA H 37 -29.76 -7.26 25.72
CA ALA H 37 -31.07 -7.69 25.28
C ALA H 37 -31.40 -8.93 26.09
N GLY H 38 -32.37 -8.80 27.00
CA GLY H 38 -32.69 -9.88 27.94
C GLY H 38 -31.49 -10.24 28.77
N GLY H 39 -31.08 -11.51 28.70
CA GLY H 39 -29.84 -11.97 29.35
C GLY H 39 -28.57 -11.85 28.51
N PHE H 40 -28.70 -11.57 27.21
CA PHE H 40 -27.54 -11.42 26.32
C PHE H 40 -26.93 -10.02 26.44
N THR H 41 -25.59 -9.95 26.41
CA THR H 41 -24.87 -8.68 26.25
C THR H 41 -24.02 -8.66 24.98
N PHE H 42 -23.86 -7.47 24.40
CA PHE H 42 -23.16 -7.29 23.14
C PHE H 42 -22.06 -6.23 23.32
N THR H 43 -20.81 -6.62 23.07
CA THR H 43 -19.67 -5.70 23.15
C THR H 43 -18.79 -5.90 21.92
N ARG H 44 -18.29 -4.80 21.34
CA ARG H 44 -17.28 -4.90 20.28
C ARG H 44 -16.00 -4.20 20.69
N ASP H 45 -14.88 -4.66 20.14
CA ASP H 45 -13.60 -3.99 20.32
C ASP H 45 -12.98 -3.69 18.96
N GLU H 46 -11.65 -3.65 18.89
CA GLU H 46 -10.93 -3.36 17.64
C GLU H 46 -11.17 -4.43 16.57
N TYR H 47 -11.40 -5.67 17.01
CA TYR H 47 -11.47 -6.80 16.11
C TYR H 47 -12.72 -7.66 16.22
N PHE H 48 -13.37 -7.65 17.39
CA PHE H 48 -14.38 -8.67 17.70
C PHE H 48 -15.75 -8.17 18.13
N ALA H 49 -16.75 -9.01 17.85
CA ALA H 49 -18.01 -9.01 18.57
C ALA H 49 -17.94 -10.02 19.74
N ARG H 50 -18.16 -9.52 20.95
CA ARG H 50 -18.16 -10.34 22.16
C ARG H 50 -19.57 -10.52 22.72
N LEU H 51 -20.00 -11.79 22.76
CA LEU H 51 -21.34 -12.15 23.18
C LEU H 51 -21.30 -12.91 24.51
N THR H 52 -22.13 -12.49 25.46
CA THR H 52 -22.34 -13.23 26.73
C THR H 52 -23.82 -13.50 26.92
N TRP H 53 -24.11 -14.61 27.61
CA TRP H 53 -25.46 -14.96 28.07
C TRP H 53 -25.31 -15.72 29.41
N PRO H 54 -26.44 -15.94 30.13
CA PRO H 54 -26.36 -16.72 31.37
C PRO H 54 -25.67 -18.07 31.17
N GLY H 55 -24.43 -18.17 31.66
CA GLY H 55 -23.64 -19.40 31.63
C GLY H 55 -22.66 -19.61 30.48
N GLY H 56 -22.48 -18.61 29.63
CA GLY H 56 -21.64 -18.81 28.45
C GLY H 56 -21.23 -17.55 27.73
N SER H 57 -20.24 -17.68 26.85
CA SER H 57 -19.65 -16.59 26.09
C SER H 57 -19.30 -17.02 24.69
N HIS H 58 -19.09 -16.06 23.79
CA HIS H 58 -18.74 -16.38 22.40
C HIS H 58 -18.14 -15.16 21.72
N ILE H 59 -17.27 -15.41 20.75
CA ILE H 59 -16.63 -14.34 19.99
C ILE H 59 -16.87 -14.56 18.50
N ILE H 60 -17.13 -13.47 17.78
CA ILE H 60 -17.27 -13.46 16.32
C ILE H 60 -16.42 -12.31 15.77
N PRO H 61 -15.64 -12.56 14.70
CA PRO H 61 -14.92 -11.43 14.07
C PRO H 61 -15.91 -10.34 13.68
N ILE H 62 -15.54 -9.08 13.95
CA ILE H 62 -16.51 -7.97 13.86
C ILE H 62 -17.05 -7.78 12.45
N ASP H 63 -16.22 -8.03 11.43
CA ASP H 63 -16.63 -7.86 10.04
C ASP H 63 -17.74 -8.88 9.66
N ALA H 64 -17.48 -10.15 9.97
CA ALA H 64 -18.49 -11.20 9.80
C ALA H 64 -19.77 -10.89 10.58
N PHE H 65 -19.61 -10.41 11.80
CA PHE H 65 -20.75 -10.12 12.66
C PHE H 65 -21.65 -9.03 12.09
N LEU H 66 -21.03 -7.92 11.68
CA LEU H 66 -21.77 -6.77 11.15
C LEU H 66 -22.46 -7.05 9.82
N ARG H 67 -21.85 -7.87 8.98
CA ARG H 67 -22.50 -8.29 7.74
C ARG H 67 -23.72 -9.17 8.01
N ALA H 68 -23.63 -10.01 9.04
CA ALA H 68 -24.71 -10.90 9.43
C ALA H 68 -25.83 -10.07 10.07
N MET H 69 -25.44 -9.11 10.89
CA MET H 69 -26.38 -8.24 11.57
C MET H 69 -27.11 -7.40 10.53
N MET H 70 -26.36 -6.85 9.57
CA MET H 70 -26.96 -6.07 8.49
C MET H 70 -28.12 -6.83 7.84
N ARG H 71 -27.90 -8.11 7.54
CA ARG H 71 -28.91 -8.93 6.92
C ARG H 71 -30.15 -9.17 7.81
N ASP H 72 -29.96 -9.61 9.05
CA ASP H 72 -31.08 -9.87 9.98
C ASP H 72 -31.94 -8.61 10.22
N VAL H 73 -31.28 -7.45 10.30
CA VAL H 73 -31.98 -6.19 10.43
C VAL H 73 -32.74 -5.89 9.13
N ALA H 74 -32.03 -5.94 8.00
CA ALA H 74 -32.60 -5.59 6.71
C ALA H 74 -33.75 -6.53 6.29
N TRP H 75 -33.67 -7.80 6.66
CA TRP H 75 -34.70 -8.77 6.30
C TRP H 75 -35.82 -8.88 7.33
N GLY H 76 -35.80 -8.04 8.37
CA GLY H 76 -36.79 -8.13 9.46
C GLY H 76 -36.88 -9.51 10.10
N PHE H 77 -35.72 -10.08 10.44
CA PHE H 77 -35.60 -11.46 10.93
C PHE H 77 -35.97 -12.54 9.90
N PHE H 78 -36.34 -12.13 8.69
CA PHE H 78 -36.40 -13.04 7.52
C PHE H 78 -37.37 -14.21 7.76
N TYR H 79 -37.12 -15.36 7.13
CA TYR H 79 -37.88 -16.60 7.36
C TYR H 79 -37.08 -17.63 8.16
N GLY H 80 -37.71 -18.22 9.19
CA GLY H 80 -37.07 -19.25 10.00
C GLY H 80 -35.80 -18.82 10.72
N VAL H 81 -34.73 -19.61 10.53
CA VAL H 81 -33.51 -19.50 11.31
C VAL H 81 -32.40 -18.72 10.57
N VAL H 82 -31.96 -17.61 11.17
CA VAL H 82 -30.79 -16.88 10.69
C VAL H 82 -29.62 -17.20 11.63
N ASN H 83 -28.76 -18.13 11.20
CA ASN H 83 -27.55 -18.46 11.96
C ASN H 83 -26.45 -17.47 11.63
N PHE H 84 -26.02 -16.68 12.60
CA PHE H 84 -24.85 -15.81 12.40
C PHE H 84 -23.63 -16.70 12.15
N ASP H 85 -23.53 -17.78 12.93
CA ASP H 85 -22.52 -18.83 12.73
C ASP H 85 -23.01 -20.16 13.37
N HIS H 86 -22.07 -21.04 13.73
CA HIS H 86 -22.40 -22.36 14.31
C HIS H 86 -22.97 -22.28 15.73
N VAL H 87 -22.98 -21.09 16.34
CA VAL H 87 -23.44 -20.91 17.73
C VAL H 87 -24.65 -19.97 17.84
N PHE H 88 -24.48 -18.73 17.38
CA PHE H 88 -25.41 -17.64 17.68
C PHE H 88 -26.35 -17.32 16.51
N GLY H 89 -27.62 -17.04 16.81
CA GLY H 89 -28.59 -16.65 15.76
C GLY H 89 -29.99 -16.27 16.23
N THR H 90 -30.91 -16.11 15.28
CA THR H 90 -32.32 -15.79 15.59
C THR H 90 -33.32 -16.69 14.87
N ILE H 91 -34.50 -16.87 15.49
CA ILE H 91 -35.60 -17.57 14.85
C ILE H 91 -36.77 -16.61 14.75
N ASN H 92 -37.27 -16.42 13.53
CA ASN H 92 -38.49 -15.63 13.33
C ASN H 92 -39.73 -16.45 13.62
N HIS H 93 -40.56 -15.94 14.52
CA HIS H 93 -41.86 -16.52 14.80
C HIS H 93 -42.93 -15.55 14.30
N TYR H 94 -42.52 -14.58 13.49
CA TYR H 94 -43.42 -13.64 12.80
C TYR H 94 -44.33 -12.81 13.73
N GLY H 95 -43.69 -11.87 14.43
CA GLY H 95 -44.31 -11.14 15.53
C GLY H 95 -43.47 -11.29 16.79
N GLU H 96 -42.86 -12.46 16.95
CA GLU H 96 -41.91 -12.71 18.03
C GLU H 96 -40.67 -13.40 17.47
N VAL H 97 -39.56 -13.34 18.22
CA VAL H 97 -38.27 -13.83 17.73
C VAL H 97 -37.42 -14.44 18.85
N THR H 98 -36.92 -15.64 18.61
CA THR H 98 -36.01 -16.29 19.54
C THR H 98 -34.57 -15.97 19.17
N MET H 99 -33.81 -15.48 20.13
CA MET H 99 -32.37 -15.26 19.98
C MET H 99 -31.66 -16.31 20.81
N PHE H 100 -30.72 -17.04 20.20
CA PHE H 100 -30.14 -18.23 20.81
C PHE H 100 -28.60 -18.31 20.79
N ALA H 101 -28.06 -19.15 21.68
CA ALA H 101 -26.67 -19.58 21.62
C ALA H 101 -26.64 -21.10 21.80
N GLY H 102 -26.19 -21.80 20.77
CA GLY H 102 -26.03 -23.24 20.83
C GLY H 102 -27.24 -24.04 20.42
N ARG H 103 -28.37 -23.36 20.20
CA ARG H 103 -29.65 -24.04 19.95
C ARG H 103 -29.62 -25.04 18.79
N PHE H 104 -28.85 -24.74 17.76
CA PHE H 104 -28.72 -25.65 16.62
C PHE H 104 -27.29 -26.15 16.47
N ASN H 105 -26.68 -26.45 17.62
CA ASN H 105 -25.33 -27.01 17.68
C ASN H 105 -25.36 -28.30 18.52
N ASP H 106 -25.06 -29.44 17.90
CA ASP H 106 -25.21 -30.74 18.56
C ASP H 106 -24.43 -30.83 19.88
N ALA H 107 -23.26 -30.19 19.89
CA ALA H 107 -22.38 -30.14 21.05
C ALA H 107 -23.00 -29.44 22.26
N TYR H 108 -23.58 -28.26 22.04
CA TYR H 108 -24.25 -27.52 23.11
C TYR H 108 -25.51 -28.23 23.55
N ARG H 109 -26.26 -28.72 22.56
CA ARG H 109 -27.57 -29.33 22.81
C ARG H 109 -27.42 -30.61 23.61
N ASN H 110 -26.59 -31.52 23.13
CA ASN H 110 -26.35 -32.78 23.84
C ASN H 110 -25.96 -32.59 25.28
N ALA H 111 -25.19 -31.53 25.54
CA ALA H 111 -24.68 -31.26 26.88
C ALA H 111 -25.60 -30.36 27.67
N GLY H 112 -26.71 -29.93 27.06
CA GLY H 112 -27.68 -29.07 27.73
C GLY H 112 -27.15 -27.69 28.06
N ARG H 113 -26.23 -27.17 27.24
CA ARG H 113 -25.74 -25.81 27.48
C ARG H 113 -26.13 -24.80 26.40
N ASP H 114 -27.10 -25.17 25.56
CA ASP H 114 -27.77 -24.21 24.70
C ASP H 114 -28.60 -23.25 25.56
N HIS H 115 -28.74 -22.00 25.12
CA HIS H 115 -29.53 -21.01 25.85
C HIS H 115 -30.34 -20.24 24.82
N GLU H 116 -31.61 -19.94 25.15
CA GLU H 116 -32.43 -19.13 24.26
C GLU H 116 -33.38 -18.23 25.03
N GLU H 117 -33.75 -17.11 24.40
CA GLU H 117 -34.70 -16.15 24.97
C GLU H 117 -35.61 -15.62 23.84
N ARG H 118 -36.91 -15.53 24.13
CA ARG H 118 -37.92 -15.10 23.16
C ARG H 118 -38.30 -13.66 23.39
N PHE H 119 -38.32 -12.86 22.33
CA PHE H 119 -38.62 -11.44 22.44
C PHE H 119 -39.79 -11.04 21.54
N LYS H 120 -40.39 -9.89 21.83
CA LYS H 120 -41.29 -9.23 20.90
C LYS H 120 -40.43 -8.63 19.80
N SER H 121 -40.72 -8.99 18.55
CA SER H 121 -39.90 -8.61 17.40
C SER H 121 -39.43 -7.15 17.36
N SER H 122 -40.31 -6.21 17.67
CA SER H 122 -39.91 -4.82 17.53
C SER H 122 -38.96 -4.38 18.65
N ALA H 123 -38.96 -5.11 19.77
CA ALA H 123 -38.05 -4.81 20.87
C ALA H 123 -36.64 -5.28 20.54
N LEU H 124 -36.51 -6.49 20.00
CA LEU H 124 -35.21 -7.00 19.60
C LEU H 124 -34.65 -6.19 18.42
N MET H 125 -35.53 -5.81 17.50
CA MET H 125 -35.12 -5.03 16.33
C MET H 125 -34.56 -3.64 16.69
N ALA H 126 -35.14 -2.99 17.69
CA ALA H 126 -34.68 -1.66 18.09
C ALA H 126 -33.24 -1.68 18.61
N VAL H 127 -32.87 -2.75 19.32
CA VAL H 127 -31.53 -2.80 19.88
C VAL H 127 -30.52 -3.23 18.81
N PHE H 128 -30.90 -4.20 17.99
CA PHE H 128 -30.14 -4.60 16.82
C PHE H 128 -29.77 -3.40 15.94
N LYS H 129 -30.74 -2.53 15.68
CA LYS H 129 -30.51 -1.31 14.91
C LYS H 129 -29.51 -0.37 15.58
N ASP H 130 -29.58 -0.27 16.90
CA ASP H 130 -28.64 0.57 17.66
C ASP H 130 -27.21 -0.02 17.67
N ILE H 131 -27.13 -1.36 17.72
CA ILE H 131 -25.87 -2.10 17.64
C ILE H 131 -25.21 -1.84 16.29
N LEU H 132 -25.96 -2.11 15.21
CA LEU H 132 -25.47 -1.88 13.86
C LEU H 132 -25.00 -0.43 13.69
N SER H 133 -25.81 0.53 14.15
CA SER H 133 -25.45 1.94 13.99
C SER H 133 -24.18 2.31 14.73
N ASP H 134 -24.07 1.88 15.99
CA ASP H 134 -22.95 2.27 16.83
C ASP H 134 -21.63 1.65 16.34
N TRP H 135 -21.70 0.37 15.96
CA TRP H 135 -20.53 -0.43 15.67
C TRP H 135 -20.01 -0.27 14.25
N THR H 136 -20.84 0.34 13.38
CA THR H 136 -20.44 0.62 12.00
C THR H 136 -19.75 2.00 11.92
N VAL H 137 -18.55 2.00 11.34
CA VAL H 137 -17.73 3.21 11.24
C VAL H 137 -17.79 3.81 9.85
N GLU H 138 -17.21 5.01 9.73
CA GLU H 138 -17.17 5.72 8.46
C GLU H 138 -16.41 4.92 7.42
N GLY H 139 -16.96 4.82 6.21
CA GLY H 139 -16.30 4.13 5.09
C GLY H 139 -16.49 2.63 5.08
N TYR H 140 -17.20 2.10 6.07
CA TYR H 140 -17.49 0.65 6.11
C TYR H 140 -18.96 0.32 5.83
N ASP H 141 -19.20 -0.43 4.77
CA ASP H 141 -20.55 -0.75 4.34
C ASP H 141 -20.74 -2.26 4.41
N PRO H 142 -21.44 -2.74 5.47
CA PRO H 142 -21.62 -4.17 5.72
C PRO H 142 -22.65 -4.83 4.80
N PHE H 143 -23.23 -4.05 3.90
CA PHE H 143 -24.06 -4.58 2.82
C PHE H 143 -23.23 -4.93 1.57
N ALA H 144 -22.01 -4.40 1.46
CA ALA H 144 -21.23 -4.58 0.24
C ALA H 144 -20.23 -5.71 0.37
N ALA H 145 -19.65 -6.12 -0.76
CA ALA H 145 -18.60 -7.10 -0.83
C ALA H 145 -17.27 -6.49 -0.40
N PRO H 146 -16.36 -7.31 0.17
CA PRO H 146 -15.10 -6.75 0.69
C PRO H 146 -14.27 -5.92 -0.31
N MET H 147 -14.33 -6.24 -1.59
CA MET H 147 -13.60 -5.44 -2.59
C MET H 147 -14.21 -4.06 -2.84
N GLU H 148 -15.46 -3.85 -2.40
CA GLU H 148 -16.19 -2.62 -2.69
C GLU H 148 -16.13 -1.56 -1.60
N THR H 149 -15.65 -1.91 -0.42
CA THR H 149 -15.82 -1.06 0.75
C THR H 149 -14.57 -1.03 1.66
N GLY H 150 -14.64 -0.23 2.72
CA GLY H 150 -13.54 -0.08 3.66
C GLY H 150 -13.44 -1.17 4.70
N LEU H 151 -12.77 -0.87 5.81
CA LEU H 151 -12.55 -1.82 6.90
C LEU H 151 -13.26 -1.42 8.17
N PRO H 152 -13.76 -2.41 8.94
CA PRO H 152 -14.44 -2.12 10.22
C PRO H 152 -13.53 -2.15 11.47
N TRP H 153 -12.23 -2.39 11.29
CA TRP H 153 -11.34 -2.61 12.43
C TRP H 153 -11.00 -1.32 13.18
N GLY H 154 -10.63 -1.47 14.44
CA GLY H 154 -10.12 -0.36 15.21
C GLY H 154 -11.17 0.39 16.00
N ILE H 155 -10.76 1.54 16.47
CA ILE H 155 -11.52 2.40 17.37
C ILE H 155 -12.69 3.03 16.61
N LYS H 156 -13.75 3.37 17.32
CA LYS H 156 -14.89 4.05 16.70
C LYS H 156 -14.40 5.27 15.91
N ASN H 157 -14.78 5.36 14.65
CA ASN H 157 -14.44 6.50 13.84
C ASN H 157 -15.60 6.87 12.94
N GLY H 158 -16.40 7.82 13.41
CA GLY H 158 -17.59 8.25 12.68
C GLY H 158 -18.60 7.13 12.53
N ASN H 159 -19.49 7.27 11.56
CA ASN H 159 -20.50 6.25 11.30
C ASN H 159 -20.79 6.12 9.82
N ASN H 160 -21.49 5.06 9.45
CA ASN H 160 -21.99 4.92 8.09
C ASN H 160 -23.51 4.64 8.12
N ASP H 161 -24.22 5.53 8.80
CA ASP H 161 -25.68 5.38 9.00
C ASP H 161 -26.44 5.28 7.69
N GLU H 162 -25.98 5.99 6.67
CA GLU H 162 -26.61 5.96 5.35
C GLU H 162 -26.65 4.55 4.78
N ALA H 163 -25.54 3.83 4.85
CA ALA H 163 -25.43 2.49 4.28
C ALA H 163 -26.30 1.44 5.00
N ILE H 164 -26.45 1.61 6.31
CA ILE H 164 -27.25 0.70 7.11
C ILE H 164 -28.73 1.07 7.14
N SER H 165 -29.07 2.23 6.55
CA SER H 165 -30.46 2.75 6.62
C SER H 165 -31.23 2.72 5.29
N ARG H 166 -30.78 1.90 4.35
CA ARG H 166 -31.38 1.87 3.02
C ARG H 166 -32.84 1.41 3.09
N GLN H 167 -33.69 2.06 2.30
CA GLN H 167 -35.11 1.68 2.19
C GLN H 167 -35.29 0.28 1.58
N ARG H 168 -36.13 -0.53 2.21
CA ARG H 168 -36.50 -1.84 1.68
C ARG H 168 -37.22 -1.70 0.33
N VAL H 169 -36.88 -2.55 -0.63
CA VAL H 169 -37.46 -2.52 -1.97
C VAL H 169 -38.32 -3.77 -2.16
N THR H 170 -39.62 -3.56 -2.42
CA THR H 170 -40.60 -4.66 -2.52
C THR H 170 -41.72 -4.30 -3.49
N ALA H 171 -41.77 -5.01 -4.63
CA ALA H 171 -42.87 -4.90 -5.57
C ALA H 171 -44.12 -5.52 -4.99
N ARG H 172 -45.24 -4.82 -5.15
CA ARG H 172 -46.53 -5.33 -4.73
C ARG H 172 -47.16 -6.16 -5.84
N ARG H 173 -46.85 -5.83 -7.09
CA ARG H 173 -47.31 -6.64 -8.22
C ARG H 173 -46.15 -6.97 -9.18
N MET H 174 -45.57 -5.93 -9.77
CA MET H 174 -44.34 -6.06 -10.58
C MET H 174 -43.59 -4.73 -10.66
N VAL H 175 -42.26 -4.80 -10.72
CA VAL H 175 -41.45 -3.60 -10.95
C VAL H 175 -41.96 -2.84 -12.18
N GLY H 176 -42.00 -1.52 -12.08
CA GLY H 176 -42.33 -0.69 -13.23
C GLY H 176 -43.79 -0.39 -13.44
N LEU H 177 -44.69 -1.19 -12.86
CA LEU H 177 -46.13 -0.90 -12.94
C LEU H 177 -46.45 0.43 -12.27
N PRO H 178 -47.53 1.12 -12.70
CA PRO H 178 -47.83 2.42 -12.09
C PRO H 178 -48.08 2.31 -10.60
N GLY H 179 -47.48 3.23 -9.83
CA GLY H 179 -47.57 3.21 -8.37
C GLY H 179 -46.73 2.13 -7.68
N ASP H 180 -46.11 1.25 -8.45
CA ASP H 180 -45.34 0.15 -7.89
C ASP H 180 -43.85 0.52 -7.80
N THR H 181 -43.03 -0.40 -7.31
CA THR H 181 -41.59 -0.13 -7.15
C THR H 181 -40.94 0.12 -8.53
N PRO H 182 -40.17 1.21 -8.67
CA PRO H 182 -39.74 1.66 -10.00
C PRO H 182 -38.51 0.92 -10.59
N VAL H 183 -38.28 1.13 -11.89
CA VAL H 183 -37.10 0.66 -12.60
C VAL H 183 -35.88 1.45 -12.11
N ARG H 184 -34.74 0.78 -11.94
CA ARG H 184 -33.54 1.45 -11.42
C ARG H 184 -32.78 2.17 -12.54
N THR H 185 -32.34 3.39 -12.29
CA THR H 185 -31.61 4.19 -13.28
C THR H 185 -30.47 4.97 -12.61
N ASP H 186 -29.55 5.51 -13.40
CA ASP H 186 -28.55 6.42 -12.84
C ASP H 186 -29.20 7.59 -12.10
N ALA H 187 -30.17 8.22 -12.75
CA ALA H 187 -30.86 9.38 -12.22
C ALA H 187 -31.51 9.15 -10.83
N ASN H 188 -31.98 7.94 -10.55
CA ASN H 188 -32.54 7.68 -9.21
C ASN H 188 -31.57 6.94 -8.27
N GLY H 189 -30.28 6.98 -8.58
CA GLY H 189 -29.23 6.57 -7.65
C GLY H 189 -28.70 5.15 -7.76
N PHE H 190 -28.95 4.48 -8.89
CA PHE H 190 -28.57 3.08 -9.07
C PHE H 190 -27.79 2.81 -10.37
N PRO H 191 -26.51 3.24 -10.43
CA PRO H 191 -25.65 2.93 -11.59
C PRO H 191 -25.32 1.44 -11.69
N VAL H 192 -24.85 0.99 -12.84
CA VAL H 192 -24.51 -0.42 -13.05
C VAL H 192 -23.27 -0.76 -12.23
N ASN H 193 -23.28 -1.90 -11.58
CA ASN H 193 -22.13 -2.32 -10.77
C ASN H 193 -20.95 -2.72 -11.65
N ARG H 194 -19.73 -2.41 -11.20
CA ARG H 194 -18.51 -2.62 -12.03
C ARG H 194 -18.40 -4.05 -12.56
N GLN H 195 -18.85 -5.02 -11.77
CA GLN H 195 -18.75 -6.43 -12.17
C GLN H 195 -19.93 -6.91 -13.00
N PHE H 196 -20.74 -5.95 -13.46
CA PHE H 196 -21.78 -6.20 -14.45
C PHE H 196 -21.71 -5.15 -15.56
N ALA H 197 -20.56 -4.52 -15.73
CA ALA H 197 -20.39 -3.44 -16.70
C ALA H 197 -20.69 -3.88 -18.14
N ASP H 198 -20.66 -5.17 -18.42
CA ASP H 198 -20.96 -5.66 -19.77
C ASP H 198 -22.45 -6.02 -19.98
N VAL H 199 -23.26 -5.94 -18.93
CA VAL H 199 -24.68 -6.33 -19.03
C VAL H 199 -25.51 -5.33 -19.86
N PRO H 200 -26.27 -5.83 -20.87
CA PRO H 200 -27.17 -5.00 -21.72
C PRO H 200 -28.29 -4.31 -20.93
N GLN H 201 -28.47 -3.01 -21.20
CA GLN H 201 -29.29 -2.12 -20.36
C GLN H 201 -30.63 -1.68 -20.95
N GLU H 202 -30.82 -1.91 -22.25
CA GLU H 202 -32.03 -1.46 -22.95
C GLU H 202 -33.28 -2.15 -22.42
N GLN H 203 -34.36 -1.37 -22.32
CA GLN H 203 -35.66 -1.89 -21.91
C GLN H 203 -36.31 -2.61 -23.09
N PRO H 204 -37.21 -3.59 -22.81
CA PRO H 204 -37.96 -4.19 -23.90
C PRO H 204 -38.86 -3.15 -24.60
N VAL H 205 -39.31 -3.47 -25.80
CA VAL H 205 -40.24 -2.61 -26.52
C VAL H 205 -41.63 -2.90 -25.98
N VAL H 206 -42.32 -1.86 -25.51
CA VAL H 206 -43.68 -2.02 -24.99
C VAL H 206 -44.61 -1.13 -25.84
N GLU H 207 -45.62 -1.73 -26.47
CA GLU H 207 -46.59 -0.97 -27.28
C GLU H 207 -48.01 -1.25 -26.83
N ALA H 208 -48.56 -0.32 -26.06
CA ALA H 208 -49.90 -0.47 -25.51
C ALA H 208 -50.93 0.23 -26.38
N GLU H 209 -52.03 -0.46 -26.67
CA GLU H 209 -53.14 0.18 -27.34
C GLU H 209 -53.75 1.21 -26.39
N PRO H 210 -54.28 2.33 -26.93
CA PRO H 210 -54.73 3.40 -26.04
C PRO H 210 -55.71 2.89 -24.99
N GLY H 211 -55.52 3.36 -23.75
CA GLY H 211 -56.36 2.94 -22.63
C GLY H 211 -55.87 1.73 -21.86
N PHE H 212 -54.88 1.02 -22.39
CA PHE H 212 -54.36 -0.17 -21.70
C PHE H 212 -52.94 0.01 -21.17
N GLU H 213 -52.42 1.24 -21.19
CA GLU H 213 -51.03 1.45 -20.81
C GLU H 213 -50.68 1.00 -19.38
N ALA H 214 -51.68 0.90 -18.52
CA ALA H 214 -51.45 0.46 -17.13
C ALA H 214 -51.13 -1.03 -17.02
N GLU H 215 -51.73 -1.85 -17.87
CA GLU H 215 -51.55 -3.29 -17.78
C GLU H 215 -50.74 -3.93 -18.91
N VAL H 216 -50.13 -3.10 -19.76
CA VAL H 216 -49.15 -3.56 -20.74
C VAL H 216 -47.77 -3.06 -20.29
N SER H 217 -47.00 -3.96 -19.68
CA SER H 217 -45.80 -3.55 -18.93
C SER H 217 -44.70 -4.61 -18.92
N ALA H 218 -43.47 -4.16 -19.14
CA ALA H 218 -42.28 -5.01 -19.17
C ALA H 218 -41.01 -4.23 -18.83
N TYR H 219 -39.98 -4.95 -18.39
CA TYR H 219 -38.75 -4.30 -17.96
C TYR H 219 -37.58 -5.26 -18.04
N ASN H 220 -36.39 -4.67 -18.16
CA ASN H 220 -35.14 -5.42 -18.16
C ASN H 220 -34.76 -5.88 -16.74
N LEU H 221 -35.11 -7.12 -16.37
CA LEU H 221 -34.80 -7.64 -15.03
C LEU H 221 -33.29 -7.79 -14.78
N PHE H 222 -32.55 -8.26 -15.79
CA PHE H 222 -31.11 -8.44 -15.60
C PHE H 222 -30.44 -7.08 -15.39
N GLY H 223 -30.94 -6.08 -16.12
CA GLY H 223 -30.40 -4.72 -16.01
C GLY H 223 -30.63 -4.18 -14.61
N TYR H 224 -31.85 -4.39 -14.13
CA TYR H 224 -32.29 -4.01 -12.79
C TYR H 224 -31.40 -4.64 -11.70
N LEU H 225 -31.15 -5.95 -11.83
CA LEU H 225 -30.23 -6.66 -10.94
C LEU H 225 -28.79 -6.14 -11.05
N SER H 226 -28.38 -5.76 -12.26
CA SER H 226 -27.03 -5.26 -12.47
C SER H 226 -26.78 -3.92 -11.75
N ARG H 227 -27.88 -3.27 -11.35
CA ARG H 227 -27.85 -1.97 -10.67
C ARG H 227 -28.13 -2.07 -9.17
N SER H 228 -28.34 -3.28 -8.67
CA SER H 228 -28.44 -3.48 -7.22
C SER H 228 -27.20 -2.94 -6.51
N ASP H 229 -27.42 -2.09 -5.53
CA ASP H 229 -26.32 -1.49 -4.78
C ASP H 229 -25.94 -2.24 -3.51
N VAL H 230 -26.41 -3.47 -3.38
CA VAL H 230 -26.13 -4.30 -2.20
C VAL H 230 -25.97 -5.75 -2.62
N THR H 231 -25.41 -6.56 -1.72
CA THR H 231 -25.20 -7.97 -1.96
C THR H 231 -26.04 -8.79 -1.00
N TRP H 232 -26.47 -9.96 -1.45
CA TRP H 232 -27.28 -10.89 -0.64
C TRP H 232 -28.52 -10.22 -0.03
N ASN H 233 -29.45 -9.81 -0.87
CA ASN H 233 -30.62 -9.12 -0.38
C ASN H 233 -31.83 -9.43 -1.23
N PRO H 234 -32.43 -10.61 -1.03
CA PRO H 234 -33.55 -11.07 -1.88
C PRO H 234 -34.64 -10.04 -1.89
N SER H 235 -34.99 -9.53 -3.06
CA SER H 235 -35.92 -8.41 -3.16
C SER H 235 -37.04 -8.70 -4.15
N VAL H 236 -38.29 -8.62 -3.68
CA VAL H 236 -39.46 -9.00 -4.49
C VAL H 236 -39.62 -8.16 -5.76
N CYS H 237 -39.69 -8.83 -6.91
CA CYS H 237 -39.82 -8.13 -8.19
C CYS H 237 -41.14 -8.45 -8.90
N SER H 238 -41.76 -9.57 -8.53
CA SER H 238 -43.05 -9.98 -9.08
C SER H 238 -43.79 -10.96 -8.15
N VAL H 239 -45.11 -10.87 -8.13
CA VAL H 239 -45.97 -11.54 -7.14
C VAL H 239 -47.12 -12.32 -7.80
N VAL H 240 -47.22 -13.61 -7.56
CA VAL H 240 -48.43 -14.36 -7.90
C VAL H 240 -48.96 -14.99 -6.62
N GLY H 241 -49.97 -14.38 -5.99
CA GLY H 241 -50.46 -14.86 -4.70
C GLY H 241 -49.34 -14.89 -3.67
N ASP H 242 -49.10 -16.06 -3.07
CA ASP H 242 -47.96 -16.22 -2.17
C ASP H 242 -46.59 -16.49 -2.86
N SER H 243 -46.62 -16.87 -4.14
CA SER H 243 -45.41 -17.04 -4.94
C SER H 243 -44.67 -15.72 -5.19
N LEU H 244 -43.44 -15.63 -4.68
CA LEU H 244 -42.66 -14.39 -4.74
C LEU H 244 -41.30 -14.62 -5.42
N PHE H 245 -41.05 -13.85 -6.48
CA PHE H 245 -39.74 -13.84 -7.13
C PHE H 245 -38.89 -12.79 -6.43
N CYS H 246 -37.82 -13.24 -5.77
CA CYS H 246 -36.95 -12.36 -5.00
C CYS H 246 -35.49 -12.45 -5.47
N PRO H 247 -35.17 -11.88 -6.65
CA PRO H 247 -33.79 -11.94 -7.11
C PRO H 247 -32.88 -10.94 -6.38
N THR H 248 -31.57 -11.16 -6.52
CA THR H 248 -30.58 -10.36 -5.83
C THR H 248 -29.24 -10.55 -6.54
N SER H 249 -28.30 -9.65 -6.29
CA SER H 249 -26.93 -9.81 -6.78
C SER H 249 -26.04 -10.25 -5.62
N GLU H 250 -25.21 -11.26 -5.88
CA GLU H 250 -24.41 -11.96 -4.85
CA GLU H 250 -24.40 -11.82 -4.82
C GLU H 250 -22.91 -11.89 -5.16
N GLU H 251 -22.10 -11.60 -4.14
CA GLU H 251 -20.64 -11.53 -4.25
C GLU H 251 -20.02 -11.89 -2.91
N PHE H 252 -18.93 -12.66 -2.96
CA PHE H 252 -18.23 -13.17 -1.77
C PHE H 252 -19.07 -14.25 -1.06
N ILE H 253 -19.41 -14.07 0.21
CA ILE H 253 -20.05 -15.12 1.00
C ILE H 253 -21.35 -14.65 1.62
N LEU H 254 -22.40 -15.47 1.55
CA LEU H 254 -23.65 -15.17 2.26
C LEU H 254 -23.33 -15.06 3.75
N PRO H 255 -23.54 -13.88 4.36
CA PRO H 255 -23.03 -13.62 5.72
C PRO H 255 -23.73 -14.40 6.83
N VAL H 256 -24.76 -15.17 6.48
CA VAL H 256 -25.46 -16.06 7.42
C VAL H 256 -25.60 -17.47 6.82
N GLU H 257 -25.92 -18.44 7.67
CA GLU H 257 -26.26 -19.79 7.23
C GLU H 257 -27.76 -19.88 7.44
N HIS H 258 -28.51 -20.01 6.36
CA HIS H 258 -29.95 -19.89 6.49
C HIS H 258 -30.63 -21.23 6.63
N GLY H 259 -31.26 -21.44 7.79
CA GLY H 259 -32.09 -22.63 8.02
C GLY H 259 -33.55 -22.26 7.91
N ASN H 260 -34.17 -22.60 6.79
CA ASN H 260 -35.55 -22.17 6.56
C ASN H 260 -36.59 -23.11 7.16
N ASP H 261 -37.77 -22.54 7.43
CA ASP H 261 -38.92 -23.30 7.90
C ASP H 261 -39.84 -23.72 6.74
N ARG H 262 -39.33 -23.64 5.52
CA ARG H 262 -40.03 -24.08 4.31
C ARG H 262 -39.00 -24.32 3.21
N CYS H 263 -39.41 -25.05 2.17
CA CYS H 263 -38.55 -25.24 1.02
C CYS H 263 -38.35 -23.93 0.31
N GLU H 264 -37.18 -23.75 -0.29
CA GLU H 264 -36.93 -22.58 -1.14
C GLU H 264 -36.05 -22.92 -2.34
N TRP H 265 -36.30 -22.24 -3.44
CA TRP H 265 -35.71 -22.58 -4.71
C TRP H 265 -34.73 -21.50 -5.16
N PHE H 266 -33.61 -21.94 -5.73
CA PHE H 266 -32.62 -21.05 -6.27
C PHE H 266 -32.50 -21.30 -7.77
N LEU H 267 -32.61 -20.24 -8.55
CA LEU H 267 -32.35 -20.31 -9.98
C LEU H 267 -31.23 -19.33 -10.30
N GLN H 268 -30.13 -19.86 -10.80
CA GLN H 268 -28.93 -19.09 -11.08
C GLN H 268 -29.10 -18.38 -12.43
N LEU H 269 -28.99 -17.05 -12.41
CA LEU H 269 -29.24 -16.29 -13.61
C LEU H 269 -27.98 -15.97 -14.40
N SER H 270 -26.89 -15.71 -13.69
CA SER H 270 -25.62 -15.47 -14.34
C SER H 270 -24.52 -16.11 -13.52
N ASP H 271 -23.38 -16.32 -14.16
CA ASP H 271 -22.14 -16.73 -13.50
C ASP H 271 -22.31 -17.99 -12.63
N GLU H 272 -21.77 -18.00 -11.40
CA GLU H 272 -21.71 -19.23 -10.60
C GLU H 272 -21.78 -19.04 -9.08
N ILE H 273 -22.47 -19.96 -8.40
CA ILE H 273 -22.54 -20.02 -6.94
C ILE H 273 -22.38 -21.45 -6.43
N VAL H 274 -21.57 -21.62 -5.39
CA VAL H 274 -21.52 -22.88 -4.66
C VAL H 274 -22.21 -22.72 -3.30
N TRP H 275 -23.09 -23.67 -3.00
CA TRP H 275 -23.90 -23.66 -1.79
C TRP H 275 -23.44 -24.71 -0.79
N ASP H 276 -22.91 -24.26 0.34
CA ASP H 276 -22.54 -25.12 1.45
C ASP H 276 -23.79 -25.54 2.24
N VAL H 277 -24.17 -26.81 2.14
CA VAL H 277 -25.38 -27.34 2.80
C VAL H 277 -25.09 -28.22 4.02
N LYS H 278 -25.57 -27.78 5.19
CA LYS H 278 -25.41 -28.51 6.45
C LYS H 278 -26.78 -28.84 7.03
N ASP H 279 -26.82 -29.78 7.99
CA ASP H 279 -28.07 -30.17 8.66
C ASP H 279 -28.57 -29.02 9.55
N LYS H 280 -29.88 -28.73 9.47
CA LYS H 280 -30.46 -27.58 10.17
C LYS H 280 -30.27 -27.65 11.68
N GLU H 281 -30.46 -28.84 12.24
CA GLU H 281 -30.48 -29.03 13.68
C GLU H 281 -29.08 -29.21 14.28
N SER H 282 -28.23 -29.96 13.59
CA SER H 282 -26.94 -30.34 14.16
C SER H 282 -25.78 -29.47 13.66
N GLY H 283 -25.90 -28.97 12.43
CA GLY H 283 -24.83 -28.20 11.81
C GLY H 283 -23.87 -29.03 11.00
N LYS H 284 -24.10 -30.34 10.93
CA LYS H 284 -23.22 -31.26 10.22
C LYS H 284 -23.27 -31.08 8.71
N PRO H 285 -22.09 -30.92 8.06
CA PRO H 285 -22.01 -30.91 6.61
C PRO H 285 -22.80 -32.06 5.97
N ARG H 286 -23.58 -31.75 4.94
CA ARG H 286 -24.45 -32.72 4.26
C ARG H 286 -24.27 -32.76 2.75
N ALA H 287 -24.02 -31.60 2.12
CA ALA H 287 -23.79 -31.54 0.67
C ALA H 287 -23.17 -30.23 0.20
N ARG H 288 -22.76 -30.18 -1.06
CA ARG H 288 -22.27 -28.96 -1.69
C ARG H 288 -22.85 -28.85 -3.10
N VAL H 289 -23.65 -27.81 -3.34
CA VAL H 289 -24.37 -27.66 -4.61
C VAL H 289 -23.73 -26.56 -5.44
N THR H 290 -23.25 -26.91 -6.63
CA THR H 290 -22.69 -25.93 -7.57
C THR H 290 -23.69 -25.59 -8.67
N ALA H 291 -23.95 -24.30 -8.86
CA ALA H 291 -24.95 -23.82 -9.79
C ALA H 291 -24.38 -22.78 -10.76
N ARG H 292 -24.45 -23.10 -12.05
CA ARG H 292 -24.09 -22.15 -13.11
C ARG H 292 -25.34 -21.62 -13.80
N ALA H 293 -25.18 -20.72 -14.75
CA ALA H 293 -26.31 -20.08 -15.42
C ALA H 293 -27.36 -21.08 -15.95
N GLY H 294 -28.56 -21.02 -15.37
CA GLY H 294 -29.70 -21.82 -15.83
C GLY H 294 -30.07 -22.91 -14.86
N ASP H 295 -29.14 -23.23 -13.95
CA ASP H 295 -29.34 -24.26 -12.94
C ASP H 295 -30.39 -23.86 -11.91
N ILE H 296 -31.34 -24.75 -11.68
CA ILE H 296 -32.36 -24.58 -10.65
C ILE H 296 -32.27 -25.71 -9.63
N CYS H 297 -32.46 -25.38 -8.36
CA CYS H 297 -32.51 -26.41 -7.33
C CYS H 297 -33.38 -25.98 -6.18
N CYS H 298 -33.66 -26.92 -5.30
CA CYS H 298 -34.52 -26.72 -4.15
C CYS H 298 -33.67 -26.87 -2.89
N MET H 299 -33.95 -26.05 -1.89
CA MET H 299 -33.30 -26.18 -0.60
C MET H 299 -34.32 -26.64 0.43
N PRO H 300 -34.26 -27.94 0.81
CA PRO H 300 -35.24 -28.54 1.73
C PRO H 300 -35.33 -27.82 3.08
N ALA H 301 -36.42 -28.08 3.81
CA ALA H 301 -36.68 -27.39 5.07
C ALA H 301 -35.84 -27.90 6.22
N ASP H 302 -35.14 -29.01 6.02
CA ASP H 302 -34.34 -29.61 7.10
C ASP H 302 -32.84 -29.33 6.97
N ILE H 303 -32.48 -28.39 6.11
CA ILE H 303 -31.09 -27.97 6.00
C ILE H 303 -30.89 -26.46 6.24
N ARG H 304 -29.64 -26.09 6.50
CA ARG H 304 -29.19 -24.70 6.44
C ARG H 304 -28.23 -24.58 5.26
N HIS H 305 -28.12 -23.39 4.68
CA HIS H 305 -27.29 -23.23 3.49
C HIS H 305 -26.54 -21.90 3.50
N GLN H 306 -25.38 -21.89 2.86
CA GLN H 306 -24.54 -20.72 2.79
C GLN H 306 -23.83 -20.68 1.42
N GLY H 307 -23.97 -19.56 0.71
CA GLY H 307 -23.48 -19.44 -0.66
C GLY H 307 -22.15 -18.72 -0.86
N TYR H 308 -21.44 -19.12 -1.92
CA TYR H 308 -20.11 -18.60 -2.26
C TYR H 308 -20.08 -18.14 -3.72
N SER H 309 -19.73 -16.88 -3.94
CA SER H 309 -19.68 -16.35 -5.29
C SER H 309 -18.42 -15.53 -5.53
N THR H 310 -17.58 -15.98 -6.45
CA THR H 310 -16.37 -15.24 -6.75
C THR H 310 -16.68 -13.95 -7.48
N LYS H 311 -17.39 -14.06 -8.61
CA LYS H 311 -17.80 -12.86 -9.34
C LYS H 311 -19.21 -12.51 -8.91
N ARG H 312 -19.52 -11.21 -8.84
CA ARG H 312 -20.88 -10.74 -8.60
C ARG H 312 -21.80 -11.42 -9.60
N SER H 313 -22.84 -12.10 -9.08
CA SER H 313 -23.70 -12.96 -9.89
CA SER H 313 -23.70 -12.95 -9.89
C SER H 313 -25.18 -12.67 -9.67
N MET H 314 -25.99 -13.01 -10.65
CA MET H 314 -27.44 -12.82 -10.58
C MET H 314 -28.14 -14.11 -10.15
N LEU H 315 -28.93 -14.00 -9.09
CA LEU H 315 -29.60 -15.16 -8.52
C LEU H 315 -31.06 -14.81 -8.28
N LEU H 316 -31.94 -15.73 -8.65
CA LEU H 316 -33.33 -15.61 -8.30
C LEU H 316 -33.61 -16.56 -7.14
N VAL H 317 -34.02 -15.98 -6.02
CA VAL H 317 -34.50 -16.75 -4.89
C VAL H 317 -36.02 -16.73 -5.02
N TRP H 318 -36.63 -17.91 -5.12
CA TRP H 318 -38.09 -18.02 -5.26
C TRP H 318 -38.68 -18.54 -3.96
N GLU H 319 -39.51 -17.70 -3.32
CA GLU H 319 -40.11 -18.00 -2.00
C GLU H 319 -41.60 -18.28 -2.12
N ASN H 320 -42.11 -19.12 -1.23
CA ASN H 320 -43.53 -19.28 -1.02
C ASN H 320 -43.84 -18.62 0.31
N GLY H 321 -44.50 -17.45 0.28
CA GLY H 321 -44.71 -16.61 1.47
C GLY H 321 -45.86 -16.99 2.39
N SER H 322 -46.56 -18.08 2.04
CA SER H 322 -47.68 -18.60 2.82
C SER H 322 -47.29 -18.85 4.27
N PRO H 323 -48.09 -18.36 5.22
CA PRO H 323 -47.80 -18.49 6.65
C PRO H 323 -48.27 -19.81 7.27
N LYS H 324 -48.93 -20.66 6.48
CA LYS H 324 -49.40 -21.96 6.97
C LYS H 324 -48.33 -23.05 6.94
N ILE H 325 -47.27 -22.85 6.14
CA ILE H 325 -46.25 -23.89 5.88
C ILE H 325 -45.49 -24.40 7.13
N PRO H 326 -45.01 -23.49 8.01
CA PRO H 326 -44.32 -23.95 9.22
C PRO H 326 -45.09 -25.05 9.98
N GLN H 327 -46.35 -24.79 10.31
CA GLN H 327 -47.17 -25.77 11.02
C GLN H 327 -47.38 -27.06 10.19
N MET H 328 -47.56 -26.91 8.89
CA MET H 328 -47.73 -28.06 7.99
C MET H 328 -46.47 -28.90 7.84
N ILE H 329 -45.30 -28.27 7.98
CA ILE H 329 -44.03 -29.01 7.99
C ILE H 329 -43.85 -29.63 9.36
N ALA H 330 -44.30 -28.91 10.40
CA ALA H 330 -44.19 -29.36 11.79
C ALA H 330 -45.14 -30.52 12.16
N ASP H 331 -46.15 -30.76 11.33
CA ASP H 331 -47.15 -31.80 11.60
C ASP H 331 -47.10 -32.94 10.58
N GLY H 332 -46.08 -32.93 9.73
CA GLY H 332 -45.89 -33.96 8.71
C GLY H 332 -46.87 -33.85 7.55
N THR H 333 -47.56 -32.72 7.45
CA THR H 333 -48.58 -32.48 6.43
C THR H 333 -47.98 -32.30 5.03
N ALA H 334 -46.76 -31.76 4.98
CA ALA H 334 -46.00 -31.67 3.74
C ALA H 334 -44.57 -32.13 3.99
N PRO H 335 -43.98 -32.85 3.02
CA PRO H 335 -42.58 -33.31 3.15
C PRO H 335 -41.57 -32.15 3.17
N VAL H 336 -40.41 -32.40 3.81
CA VAL H 336 -39.34 -31.40 3.91
C VAL H 336 -38.81 -30.97 2.54
N VAL H 337 -38.84 -31.89 1.57
CA VAL H 337 -38.61 -31.58 0.15
C VAL H 337 -39.97 -31.55 -0.56
N PRO H 338 -40.29 -30.44 -1.26
CA PRO H 338 -41.66 -30.19 -1.73
C PRO H 338 -42.10 -31.08 -2.90
N VAL H 339 -41.21 -31.96 -3.35
CA VAL H 339 -41.51 -32.93 -4.42
C VAL H 339 -40.99 -34.31 -4.00
N THR H 340 -41.76 -35.02 -3.17
CA THR H 340 -41.36 -36.34 -2.66
C THR H 340 -41.51 -37.43 -3.71
FE FE I . -6.08 28.42 -23.29
C1 NPO J . -7.61 24.82 -22.84
C2 NPO J . -8.23 24.39 -21.67
C3 NPO J . -8.61 23.05 -21.54
C4 NPO J . -8.36 22.14 -22.58
C5 NPO J . -7.75 22.60 -23.76
C6 NPO J . -7.38 23.93 -23.88
OH NPO J . -8.71 20.83 -22.46
N1 NPO J . -7.22 26.17 -22.97
O2 NPO J . -7.54 27.08 -21.97
O3 NPO J . -6.45 26.62 -24.04
FE FE K . 40.11 17.80 0.89
C1 NPO L . 39.10 14.42 2.09
C2 NPO L . 39.07 13.25 1.36
C3 NPO L . 38.42 12.14 1.91
C4 NPO L . 37.82 12.22 3.16
C5 NPO L . 37.86 13.41 3.90
C6 NPO L . 38.51 14.52 3.35
OH NPO L . 37.20 11.12 3.64
N1 NPO L . 39.77 15.49 1.54
O2 NPO L . 41.05 15.71 1.97
O3 NPO L . 39.16 16.29 0.60
FE FE M . -1.11 -25.94 20.27
C1 NPO N . -0.24 -22.44 19.30
C2 NPO N . 0.28 -22.20 18.04
C3 NPO N . 0.78 -20.93 17.72
C4 NPO N . 0.74 -19.93 18.68
C5 NPO N . 0.22 -20.17 19.95
C6 NPO N . -0.27 -21.43 20.27
OH NPO N . 1.23 -18.70 18.37
N1 NPO N . -0.72 -23.71 19.61
O2 NPO N . -0.48 -24.75 18.75
O3 NPO N . -1.39 -23.98 20.78
FE FE O . -32.44 -19.57 2.42
C1 NPO P . -30.74 -16.44 1.00
C2 NPO P . -30.37 -16.65 -0.33
C3 NPO P . -29.80 -15.61 -1.08
C4 NPO P . -29.58 -14.38 -0.47
C5 NPO P . -29.94 -14.17 0.86
C6 NPO P . -30.52 -15.20 1.59
OH NPO P . -29.02 -13.36 -1.17
N1 NPO P . -31.31 -17.46 1.76
O2 NPO P . -31.93 -18.57 1.20
O3 NPO P . -31.28 -17.32 3.14
#